data_7Q98
#
_entry.id   7Q98
#
_cell.length_a   118.247
_cell.length_b   169.693
_cell.length_c   248.827
_cell.angle_alpha   90.000
_cell.angle_beta   90.000
_cell.angle_gamma   90.000
#
_symmetry.space_group_name_H-M   'I 2 2 2'
#
loop_
_entity.id
_entity.type
_entity.pdbx_description
1 polymer 'MHC class I antigen'
2 polymer Beta-2-microglobulin
3 polymer ASN-LEU-SER-ALA-LEU-GLY-ILE-PHE-SER-THR
4 non-polymer DI(HYDROXYETHYL)ETHER
5 non-polymer 'SULFATE ION'
6 non-polymer 1,2-ETHANEDIOL
7 water water
#
loop_
_entity_poly.entity_id
_entity_poly.type
_entity_poly.pdbx_seq_one_letter_code
_entity_poly.pdbx_strand_id
1 'polypeptide(L)'
;GSHSMRYFFTSVSRPGRGEPRFIAVGYVDDTQFVRFDSDAASQRMEPRAPWIEQEGPEYWDGETRKVKAHSQTHRVDLGT
LRGYYNQSEAGSHTVQRMYGCDVGSDWRFLRGYHQYAYDGKDYIALKEDLRSWTAADMAAQTTKHKWEAAHVAEQLRAYL
EGTCVEWLRRYLENGKETLQRTDAPKTHMTHHAVSDHEATLRCWALSFYPAEITLTWQRDGEDQTQDTELVETRPAGDGT
FQKWAAVVVPSGQEQRYTCHVQHEGLPKPLTLRWEP
;
A,D,G,J,M
2 'polypeptide(L)'
;MIQRTPKIQVYSRHPAENGKSNFLNCYVSGFHPSDIEVDLLKNGERIEKVEHSDLSFSKDWSFYLLYYTEFTPTEKDEYA
CRVNHVTLSQPKIVKWDRDM
;
B,E,H,K,N
3 'polypeptide(L)' NLSALGIFST C,F,I,L,O
#
# COMPACT_ATOMS: atom_id res chain seq x y z
N GLY A 1 -55.14 -26.27 -21.88
CA GLY A 1 -54.16 -26.31 -22.99
C GLY A 1 -52.80 -26.79 -22.51
N SER A 2 -51.86 -26.94 -23.44
CA SER A 2 -50.47 -27.43 -23.21
C SER A 2 -49.68 -26.42 -22.36
N HIS A 3 -48.65 -26.88 -21.67
CA HIS A 3 -47.71 -26.04 -20.89
C HIS A 3 -46.28 -26.55 -21.08
N SER A 4 -45.30 -25.74 -20.71
CA SER A 4 -43.85 -26.07 -20.79
C SER A 4 -43.10 -25.37 -19.65
N MET A 5 -42.02 -26.00 -19.17
CA MET A 5 -40.97 -25.33 -18.40
C MET A 5 -39.66 -25.50 -19.17
N ARG A 6 -38.94 -24.40 -19.45
CA ARG A 6 -37.71 -24.44 -20.26
C ARG A 6 -36.61 -23.65 -19.55
N TYR A 7 -35.39 -24.18 -19.56
CA TYR A 7 -34.20 -23.48 -19.04
C TYR A 7 -33.24 -23.21 -20.21
N PHE A 8 -32.66 -22.01 -20.23
CA PHE A 8 -31.81 -21.49 -21.31
C PHE A 8 -30.47 -21.05 -20.71
N PHE A 9 -29.36 -21.56 -21.19
CA PHE A 9 -28.01 -21.28 -20.64
C PHE A 9 -27.10 -20.79 -21.75
N THR A 10 -26.41 -19.66 -21.54
CA THR A 10 -25.42 -19.08 -22.48
C THR A 10 -24.09 -18.87 -21.77
N SER A 11 -22.99 -19.33 -22.36
CA SER A 11 -21.60 -19.06 -21.89
C SER A 11 -20.78 -18.47 -23.02
N VAL A 12 -20.08 -17.36 -22.76
CA VAL A 12 -19.27 -16.62 -23.77
C VAL A 12 -17.85 -16.46 -23.21
N SER A 13 -16.84 -16.89 -23.97
CA SER A 13 -15.43 -16.73 -23.54
C SER A 13 -14.99 -15.29 -23.82
N ARG A 14 -14.12 -14.74 -22.98
CA ARG A 14 -13.59 -13.36 -23.13
C ARG A 14 -12.07 -13.43 -23.20
N PRO A 15 -11.49 -13.66 -24.38
CA PRO A 15 -10.03 -13.82 -24.54
C PRO A 15 -9.25 -12.63 -23.99
N GLY A 16 -8.27 -12.87 -23.15
CA GLY A 16 -7.41 -11.83 -22.54
C GLY A 16 -8.18 -10.90 -21.63
N ARG A 17 -9.41 -11.27 -21.23
CA ARG A 17 -10.30 -10.41 -20.42
C ARG A 17 -10.92 -11.23 -19.26
N GLY A 18 -10.39 -12.42 -18.94
CA GLY A 18 -10.70 -13.17 -17.71
C GLY A 18 -11.83 -14.21 -17.88
N GLU A 19 -12.66 -14.38 -16.87
CA GLU A 19 -13.63 -15.51 -16.76
C GLU A 19 -14.71 -15.33 -17.81
N PRO A 20 -15.31 -16.42 -18.31
CA PRO A 20 -16.40 -16.31 -19.27
C PRO A 20 -17.73 -15.84 -18.66
N ARG A 21 -18.48 -15.05 -19.42
CA ARG A 21 -19.87 -14.66 -19.09
C ARG A 21 -20.71 -15.93 -19.01
N PHE A 22 -21.55 -16.05 -18.00
CA PHE A 22 -22.56 -17.13 -17.93
C PHE A 22 -23.91 -16.55 -17.52
N ILE A 23 -24.95 -16.84 -18.28
CA ILE A 23 -26.34 -16.38 -18.02
C ILE A 23 -27.28 -17.56 -18.14
N ALA A 24 -28.12 -17.78 -17.12
CA ALA A 24 -29.14 -18.85 -17.06
C ALA A 24 -30.51 -18.22 -16.87
N VAL A 25 -31.51 -18.70 -17.58
CA VAL A 25 -32.87 -18.13 -17.46
C VAL A 25 -33.87 -19.29 -17.48
N GLY A 26 -34.89 -19.20 -16.63
CA GLY A 26 -35.95 -20.21 -16.54
C GLY A 26 -37.28 -19.60 -16.92
N TYR A 27 -38.08 -20.32 -17.69
CA TYR A 27 -39.42 -19.90 -18.16
C TYR A 27 -40.42 -21.01 -17.88
N VAL A 28 -41.59 -20.66 -17.36
CA VAL A 28 -42.81 -21.48 -17.53
C VAL A 28 -43.63 -20.84 -18.65
N ASP A 29 -43.92 -21.58 -19.72
CA ASP A 29 -44.55 -21.04 -20.95
C ASP A 29 -43.74 -19.81 -21.41
N ASP A 30 -44.36 -18.65 -21.52
CA ASP A 30 -43.71 -17.40 -22.01
C ASP A 30 -43.35 -16.47 -20.84
N THR A 31 -43.33 -16.98 -19.60
CA THR A 31 -43.07 -16.16 -18.39
C THR A 31 -41.71 -16.53 -17.79
N GLN A 32 -40.78 -15.57 -17.75
CA GLN A 32 -39.50 -15.69 -17.01
C GLN A 32 -39.81 -15.76 -15.51
N PHE A 33 -39.24 -16.71 -14.78
CA PHE A 33 -39.41 -16.80 -13.30
C PHE A 33 -38.06 -16.81 -12.57
N VAL A 34 -36.97 -17.22 -13.21
CA VAL A 34 -35.62 -17.23 -12.55
C VAL A 34 -34.52 -16.76 -13.51
N ARG A 35 -33.43 -16.25 -12.94
CA ARG A 35 -32.25 -15.73 -13.65
C ARG A 35 -30.98 -15.98 -12.81
N PHE A 36 -29.86 -16.24 -13.46
CA PHE A 36 -28.50 -16.10 -12.88
C PHE A 36 -27.58 -15.39 -13.88
N ASP A 37 -26.78 -14.43 -13.41
CA ASP A 37 -25.80 -13.68 -14.24
C ASP A 37 -24.45 -13.57 -13.49
N SER A 38 -23.38 -14.13 -14.06
CA SER A 38 -22.01 -14.13 -13.49
C SER A 38 -21.48 -12.72 -13.31
N ASP A 39 -22.05 -11.72 -14.01
CA ASP A 39 -21.61 -10.31 -13.96
C ASP A 39 -22.42 -9.50 -12.93
N ALA A 40 -23.31 -10.15 -12.15
CA ALA A 40 -24.24 -9.47 -11.23
C ALA A 40 -23.70 -9.50 -9.79
N ALA A 41 -24.15 -8.58 -8.95
CA ALA A 41 -23.72 -8.45 -7.54
C ALA A 41 -23.87 -9.78 -6.81
N SER A 42 -25.05 -10.41 -6.87
CA SER A 42 -25.52 -11.41 -5.88
C SER A 42 -24.73 -12.72 -5.98
N GLN A 43 -24.31 -13.13 -7.17
CA GLN A 43 -23.73 -14.49 -7.42
C GLN A 43 -24.69 -15.56 -6.90
N ARG A 44 -25.99 -15.32 -7.03
CA ARG A 44 -27.08 -16.20 -6.56
C ARG A 44 -28.12 -16.33 -7.68
N MET A 45 -28.89 -17.41 -7.68
CA MET A 45 -30.11 -17.52 -8.51
C MET A 45 -31.15 -16.55 -7.92
N GLU A 46 -31.76 -15.74 -8.78
CA GLU A 46 -32.68 -14.63 -8.39
C GLU A 46 -34.08 -14.90 -8.93
N PRO A 47 -35.15 -14.52 -8.19
CA PRO A 47 -36.53 -14.62 -8.69
C PRO A 47 -36.85 -13.51 -9.69
N ARG A 48 -37.73 -13.77 -10.65
CA ARG A 48 -38.16 -12.78 -11.68
C ARG A 48 -39.68 -12.85 -11.90
N ALA A 49 -40.42 -13.50 -11.01
CA ALA A 49 -41.90 -13.52 -11.01
C ALA A 49 -42.40 -13.46 -9.57
N PRO A 50 -43.58 -12.85 -9.30
CA PRO A 50 -44.14 -12.82 -7.95
C PRO A 50 -44.21 -14.20 -7.27
N TRP A 51 -44.65 -15.23 -8.00
CA TRP A 51 -45.11 -16.52 -7.43
C TRP A 51 -43.94 -17.47 -7.06
N ILE A 52 -42.71 -17.12 -7.42
CA ILE A 52 -41.52 -17.94 -7.07
C ILE A 52 -40.85 -17.35 -5.83
N GLU A 53 -41.07 -16.07 -5.52
CA GLU A 53 -40.49 -15.36 -4.34
C GLU A 53 -40.81 -16.11 -3.05
N GLN A 54 -41.94 -16.83 -3.00
CA GLN A 54 -42.49 -17.46 -1.78
C GLN A 54 -41.80 -18.80 -1.48
N GLU A 55 -40.79 -19.21 -2.27
CA GLU A 55 -40.01 -20.44 -2.01
C GLU A 55 -38.99 -20.15 -0.90
N GLY A 56 -38.70 -21.15 -0.06
CA GLY A 56 -37.88 -21.00 1.14
C GLY A 56 -36.40 -20.86 0.79
N PRO A 57 -35.51 -20.56 1.77
CA PRO A 57 -34.08 -20.43 1.52
C PRO A 57 -33.44 -21.72 0.97
N GLU A 58 -34.07 -22.88 1.20
CA GLU A 58 -33.60 -24.21 0.72
C GLU A 58 -33.64 -24.23 -0.81
N TYR A 59 -34.73 -23.73 -1.41
CA TYR A 59 -34.93 -23.65 -2.87
C TYR A 59 -33.79 -22.83 -3.49
N TRP A 60 -33.57 -21.62 -2.97
CA TRP A 60 -32.62 -20.62 -3.53
C TRP A 60 -31.17 -21.09 -3.34
N ASP A 61 -30.86 -21.71 -2.19
CA ASP A 61 -29.53 -22.34 -1.94
C ASP A 61 -29.32 -23.46 -2.96
N GLY A 62 -30.33 -24.33 -3.13
CA GLY A 62 -30.32 -25.47 -4.07
C GLY A 62 -30.12 -25.00 -5.50
N GLU A 63 -30.95 -24.06 -5.96
CA GLU A 63 -30.88 -23.55 -7.34
C GLU A 63 -29.54 -22.84 -7.56
N THR A 64 -29.01 -22.15 -6.55
CA THR A 64 -27.71 -21.42 -6.66
C THR A 64 -26.55 -22.42 -6.81
N ARG A 65 -26.54 -23.49 -6.02
CA ARG A 65 -25.45 -24.49 -6.09
C ARG A 65 -25.52 -25.16 -7.48
N LYS A 66 -26.71 -25.43 -8.00
CA LYS A 66 -26.92 -26.16 -9.27
C LYS A 66 -26.57 -25.27 -10.47
N VAL A 67 -26.95 -24.00 -10.47
CA VAL A 67 -26.68 -23.11 -11.62
C VAL A 67 -25.17 -22.84 -11.67
N LYS A 68 -24.50 -22.80 -10.52
CA LYS A 68 -23.02 -22.64 -10.46
C LYS A 68 -22.36 -23.91 -11.01
N ALA A 69 -22.92 -25.09 -10.73
CA ALA A 69 -22.43 -26.38 -11.26
C ALA A 69 -22.55 -26.37 -12.79
N HIS A 70 -23.69 -25.91 -13.33
CA HIS A 70 -23.90 -25.69 -14.78
C HIS A 70 -22.82 -24.77 -15.33
N SER A 71 -22.62 -23.62 -14.68
CA SER A 71 -21.59 -22.60 -15.00
C SER A 71 -20.22 -23.25 -15.11
N GLN A 72 -19.88 -24.13 -14.18
CA GLN A 72 -18.54 -24.78 -14.11
C GLN A 72 -18.39 -25.75 -15.30
N THR A 73 -19.43 -26.49 -15.62
CA THR A 73 -19.43 -27.42 -16.77
C THR A 73 -19.19 -26.62 -18.07
N HIS A 74 -19.90 -25.51 -18.25
CA HIS A 74 -19.81 -24.67 -19.47
C HIS A 74 -18.42 -24.02 -19.55
N ARG A 75 -17.81 -23.70 -18.42
CA ARG A 75 -16.45 -23.10 -18.35
C ARG A 75 -15.45 -24.14 -18.90
N VAL A 76 -15.59 -25.40 -18.49
CA VAL A 76 -14.78 -26.54 -18.99
C VAL A 76 -15.06 -26.72 -20.49
N ASP A 77 -16.33 -26.76 -20.87
CA ASP A 77 -16.78 -26.99 -22.27
C ASP A 77 -16.06 -26.02 -23.20
N LEU A 78 -16.00 -24.73 -22.83
CA LEU A 78 -15.38 -23.71 -23.72
C LEU A 78 -13.92 -24.09 -24.04
N GLY A 79 -13.16 -24.53 -23.03
CA GLY A 79 -11.77 -24.95 -23.19
C GLY A 79 -11.69 -26.20 -24.05
N THR A 80 -12.57 -27.17 -23.81
CA THR A 80 -12.59 -28.47 -24.53
C THR A 80 -12.89 -28.21 -26.00
N LEU A 81 -13.93 -27.43 -26.30
CA LEU A 81 -14.40 -27.22 -27.68
C LEU A 81 -13.37 -26.39 -28.46
N ARG A 82 -12.71 -25.41 -27.83
CA ARG A 82 -11.54 -24.67 -28.42
C ARG A 82 -10.51 -25.70 -28.92
N GLY A 83 -10.20 -26.71 -28.10
CA GLY A 83 -9.28 -27.82 -28.42
C GLY A 83 -9.82 -28.68 -29.56
N TYR A 84 -11.05 -29.19 -29.43
CA TYR A 84 -11.69 -30.10 -30.40
C TYR A 84 -11.62 -29.48 -31.79
N TYR A 85 -11.83 -28.17 -31.91
CA TYR A 85 -11.87 -27.49 -33.23
C TYR A 85 -10.55 -26.76 -33.51
N ASN A 86 -9.54 -26.94 -32.67
CA ASN A 86 -8.19 -26.29 -32.74
C ASN A 86 -8.28 -24.80 -33.09
N GLN A 87 -9.10 -24.05 -32.38
CA GLN A 87 -9.28 -22.59 -32.63
C GLN A 87 -8.25 -21.82 -31.79
N SER A 88 -7.87 -20.61 -32.18
CA SER A 88 -6.95 -19.76 -31.40
C SER A 88 -7.65 -19.28 -30.14
N GLU A 89 -6.86 -18.86 -29.16
CA GLU A 89 -7.29 -18.33 -27.85
C GLU A 89 -7.61 -16.84 -28.00
N ALA A 90 -7.48 -16.31 -29.21
CA ALA A 90 -7.69 -14.87 -29.54
C ALA A 90 -9.18 -14.58 -29.70
N GLY A 91 -9.97 -15.57 -30.13
CA GLY A 91 -11.37 -15.37 -30.54
C GLY A 91 -12.35 -15.75 -29.45
N SER A 92 -13.47 -15.01 -29.35
CA SER A 92 -14.60 -15.32 -28.45
C SER A 92 -15.46 -16.44 -29.04
N HIS A 93 -15.82 -17.44 -28.24
CA HIS A 93 -16.76 -18.51 -28.63
C HIS A 93 -17.93 -18.59 -27.67
N THR A 94 -19.02 -19.21 -28.12
CA THR A 94 -20.32 -19.27 -27.43
C THR A 94 -20.78 -20.71 -27.27
N VAL A 95 -21.19 -21.07 -26.06
CA VAL A 95 -21.89 -22.34 -25.78
C VAL A 95 -23.32 -22.01 -25.32
N GLN A 96 -24.32 -22.71 -25.86
CA GLN A 96 -25.74 -22.58 -25.48
C GLN A 96 -26.29 -23.95 -25.15
N ARG A 97 -27.12 -24.03 -24.10
CA ARG A 97 -27.88 -25.23 -23.70
C ARG A 97 -29.32 -24.82 -23.38
N MET A 98 -30.27 -25.68 -23.79
CA MET A 98 -31.73 -25.54 -23.62
C MET A 98 -32.31 -26.91 -23.27
N TYR A 99 -33.06 -27.03 -22.18
CA TYR A 99 -33.79 -28.27 -21.86
C TYR A 99 -35.08 -27.94 -21.12
N GLY A 100 -36.00 -28.91 -21.12
CA GLY A 100 -37.34 -28.75 -20.54
C GLY A 100 -38.31 -29.78 -21.07
N CYS A 101 -39.55 -29.69 -20.61
CA CYS A 101 -40.62 -30.69 -20.78
C CYS A 101 -41.91 -29.97 -21.12
N ASP A 102 -42.71 -30.55 -22.02
CA ASP A 102 -44.10 -30.12 -22.32
C ASP A 102 -45.07 -31.04 -21.57
N VAL A 103 -46.15 -30.47 -21.04
CA VAL A 103 -47.33 -31.24 -20.54
C VAL A 103 -48.56 -30.81 -21.36
N GLY A 104 -49.44 -31.77 -21.66
CA GLY A 104 -50.80 -31.56 -22.20
C GLY A 104 -51.74 -30.99 -21.16
N SER A 105 -52.99 -30.74 -21.54
CA SER A 105 -54.03 -30.07 -20.70
C SER A 105 -54.26 -30.84 -19.40
N ASP A 106 -53.92 -32.14 -19.37
CA ASP A 106 -54.06 -33.03 -18.18
C ASP A 106 -52.83 -32.88 -17.25
N TRP A 107 -51.84 -32.07 -17.67
CA TRP A 107 -50.58 -31.78 -16.93
C TRP A 107 -49.71 -33.03 -16.83
N ARG A 108 -49.92 -34.05 -17.70
CA ARG A 108 -49.06 -35.26 -17.83
C ARG A 108 -47.98 -35.02 -18.89
N PHE A 109 -46.94 -35.84 -18.88
CA PHE A 109 -45.75 -35.74 -19.79
C PHE A 109 -46.19 -35.89 -21.26
N LEU A 110 -45.62 -35.07 -22.16
CA LEU A 110 -45.91 -35.05 -23.63
C LEU A 110 -44.60 -35.22 -24.43
N ARG A 111 -43.62 -34.32 -24.26
CA ARG A 111 -42.22 -34.54 -24.77
C ARG A 111 -41.22 -33.87 -23.82
N GLY A 112 -39.99 -34.38 -23.84
CA GLY A 112 -38.80 -33.71 -23.28
C GLY A 112 -37.77 -33.43 -24.36
N TYR A 113 -36.86 -32.49 -24.10
CA TYR A 113 -35.82 -32.07 -25.07
C TYR A 113 -34.59 -31.59 -24.29
N HIS A 114 -33.42 -31.86 -24.84
CA HIS A 114 -32.14 -31.30 -24.38
C HIS A 114 -31.26 -31.08 -25.62
N GLN A 115 -30.95 -29.82 -25.88
CA GLN A 115 -30.22 -29.35 -27.06
C GLN A 115 -29.01 -28.55 -26.59
N TYR A 116 -27.91 -28.61 -27.35
CA TYR A 116 -26.60 -28.01 -27.02
C TYR A 116 -26.03 -27.46 -28.32
N ALA A 117 -25.56 -26.21 -28.30
CA ALA A 117 -25.02 -25.55 -29.50
C ALA A 117 -23.63 -25.00 -29.19
N TYR A 118 -22.73 -25.01 -30.19
CA TYR A 118 -21.41 -24.32 -30.16
C TYR A 118 -21.38 -23.30 -31.29
N ASP A 119 -21.11 -22.03 -30.95
CA ASP A 119 -20.99 -20.94 -31.93
C ASP A 119 -22.23 -20.90 -32.81
N GLY A 120 -23.41 -21.00 -32.22
CA GLY A 120 -24.69 -20.69 -32.89
C GLY A 120 -25.25 -21.86 -33.70
N LYS A 121 -24.66 -23.05 -33.55
CA LYS A 121 -24.92 -24.20 -34.43
C LYS A 121 -25.20 -25.42 -33.57
N ASP A 122 -26.17 -26.24 -33.96
CA ASP A 122 -26.39 -27.57 -33.34
C ASP A 122 -25.04 -28.26 -33.17
N TYR A 123 -24.77 -28.73 -31.96
CA TYR A 123 -23.60 -29.55 -31.63
C TYR A 123 -24.08 -30.99 -31.35
N ILE A 124 -24.91 -31.16 -30.33
CA ILE A 124 -25.52 -32.47 -29.98
C ILE A 124 -26.91 -32.22 -29.37
N ALA A 125 -27.89 -33.03 -29.78
CA ALA A 125 -29.32 -32.96 -29.37
C ALA A 125 -29.84 -34.35 -29.03
N LEU A 126 -30.63 -34.47 -27.95
CA LEU A 126 -31.34 -35.71 -27.58
C LEU A 126 -32.54 -35.86 -28.51
N LYS A 127 -32.75 -37.05 -29.05
CA LYS A 127 -33.86 -37.40 -29.99
C LYS A 127 -35.19 -37.52 -29.23
N GLU A 128 -36.30 -37.54 -29.99
CA GLU A 128 -37.70 -37.59 -29.45
C GLU A 128 -37.80 -38.73 -28.42
N ASP A 129 -37.24 -39.91 -28.72
CA ASP A 129 -37.30 -41.15 -27.87
C ASP A 129 -36.56 -40.98 -26.53
N LEU A 130 -35.68 -39.98 -26.39
CA LEU A 130 -34.93 -39.66 -25.14
C LEU A 130 -33.98 -40.81 -24.77
N ARG A 131 -33.51 -41.58 -25.74
CA ARG A 131 -32.56 -42.71 -25.53
C ARG A 131 -31.32 -42.59 -26.42
N SER A 132 -31.33 -41.73 -27.44
CA SER A 132 -30.27 -41.66 -28.48
C SER A 132 -30.01 -40.20 -28.89
N TRP A 133 -28.87 -39.97 -29.53
CA TRP A 133 -28.28 -38.62 -29.76
C TRP A 133 -28.13 -38.37 -31.26
N THR A 134 -28.32 -37.13 -31.68
CA THR A 134 -27.87 -36.57 -32.99
C THR A 134 -26.64 -35.71 -32.73
N ALA A 135 -25.49 -36.09 -33.29
CA ALA A 135 -24.21 -35.34 -33.28
C ALA A 135 -24.02 -34.67 -34.65
N ALA A 136 -23.62 -33.40 -34.65
CA ALA A 136 -23.58 -32.53 -35.86
C ALA A 136 -22.35 -32.85 -36.72
N ASP A 137 -21.26 -33.34 -36.11
CA ASP A 137 -19.92 -33.41 -36.77
C ASP A 137 -19.04 -34.38 -35.98
N MET A 138 -17.81 -34.56 -36.41
CA MET A 138 -16.88 -35.56 -35.84
C MET A 138 -16.47 -35.20 -34.41
N ALA A 139 -16.43 -33.92 -34.07
CA ALA A 139 -16.09 -33.47 -32.71
C ALA A 139 -17.23 -33.79 -31.74
N ALA A 140 -18.48 -33.57 -32.17
CA ALA A 140 -19.69 -33.92 -31.40
C ALA A 140 -19.80 -35.45 -31.27
N GLN A 141 -19.21 -36.21 -32.19
CA GLN A 141 -19.15 -37.69 -32.08
C GLN A 141 -18.35 -38.07 -30.83
N THR A 142 -17.25 -37.35 -30.55
CA THR A 142 -16.42 -37.53 -29.32
C THR A 142 -17.31 -37.38 -28.09
N THR A 143 -18.06 -36.27 -28.02
CA THR A 143 -19.01 -36.00 -26.92
C THR A 143 -20.04 -37.13 -26.85
N LYS A 144 -20.61 -37.51 -27.99
CA LYS A 144 -21.70 -38.52 -28.07
C LYS A 144 -21.23 -39.82 -27.44
N HIS A 145 -19.99 -40.26 -27.71
CA HIS A 145 -19.42 -41.51 -27.14
C HIS A 145 -19.25 -41.35 -25.62
N LYS A 146 -18.77 -40.19 -25.18
CA LYS A 146 -18.54 -39.89 -23.74
C LYS A 146 -19.88 -39.97 -22.99
N TRP A 147 -20.95 -39.43 -23.60
CA TRP A 147 -22.31 -39.31 -23.03
C TRP A 147 -23.04 -40.68 -23.02
N GLU A 148 -22.74 -41.54 -24.01
CA GLU A 148 -23.26 -42.92 -24.09
C GLU A 148 -22.59 -43.78 -23.01
N ALA A 149 -21.29 -43.57 -22.75
CA ALA A 149 -20.50 -44.27 -21.71
C ALA A 149 -21.05 -43.93 -20.32
N ALA A 150 -21.43 -42.67 -20.11
CA ALA A 150 -21.94 -42.14 -18.82
C ALA A 150 -23.46 -42.28 -18.73
N HIS A 151 -24.12 -42.82 -19.77
CA HIS A 151 -25.59 -43.08 -19.81
C HIS A 151 -26.35 -41.76 -19.56
N VAL A 152 -25.91 -40.68 -20.18
CA VAL A 152 -26.46 -39.31 -19.95
C VAL A 152 -27.92 -39.26 -20.41
N ALA A 153 -28.29 -40.01 -21.44
CA ALA A 153 -29.66 -40.05 -22.03
C ALA A 153 -30.66 -40.54 -20.98
N GLU A 154 -30.32 -41.66 -20.32
CA GLU A 154 -31.12 -42.25 -19.22
C GLU A 154 -31.33 -41.19 -18.13
N GLN A 155 -30.27 -40.48 -17.75
CA GLN A 155 -30.29 -39.51 -16.63
C GLN A 155 -31.29 -38.39 -16.95
N LEU A 156 -31.19 -37.81 -18.15
CA LEU A 156 -32.06 -36.70 -18.64
C LEU A 156 -33.49 -37.20 -18.79
N ARG A 157 -33.72 -38.38 -19.37
CA ARG A 157 -35.07 -38.99 -19.50
C ARG A 157 -35.76 -38.95 -18.12
N ALA A 158 -35.05 -39.34 -17.05
CA ALA A 158 -35.54 -39.41 -15.66
C ALA A 158 -35.92 -38.01 -15.14
N TYR A 159 -35.11 -36.97 -15.40
CA TYR A 159 -35.40 -35.57 -15.00
C TYR A 159 -36.63 -35.09 -15.77
N LEU A 160 -36.64 -35.30 -17.09
CA LEU A 160 -37.65 -34.77 -18.04
C LEU A 160 -39.03 -35.42 -17.82
N GLU A 161 -39.09 -36.71 -17.47
CA GLU A 161 -40.35 -37.47 -17.22
C GLU A 161 -40.78 -37.34 -15.74
N GLY A 162 -39.82 -37.07 -14.83
CA GLY A 162 -40.03 -36.98 -13.36
C GLY A 162 -39.97 -35.53 -12.88
N THR A 163 -38.83 -35.12 -12.30
CA THR A 163 -38.63 -33.82 -11.59
C THR A 163 -39.14 -32.64 -12.44
N CYS A 164 -38.89 -32.63 -13.76
CA CYS A 164 -39.26 -31.52 -14.67
C CYS A 164 -40.76 -31.22 -14.59
N VAL A 165 -41.61 -32.24 -14.83
CA VAL A 165 -43.10 -32.08 -14.91
C VAL A 165 -43.66 -31.80 -13.51
N GLU A 166 -43.09 -32.44 -12.48
CA GLU A 166 -43.57 -32.37 -11.08
C GLU A 166 -43.40 -30.94 -10.56
N TRP A 167 -42.30 -30.26 -10.91
CA TRP A 167 -42.06 -28.86 -10.48
C TRP A 167 -42.81 -27.89 -11.41
N LEU A 168 -43.09 -28.30 -12.66
CA LEU A 168 -43.92 -27.50 -13.60
C LEU A 168 -45.34 -27.37 -13.00
N ARG A 169 -45.93 -28.50 -12.61
CA ARG A 169 -47.29 -28.56 -11.98
C ARG A 169 -47.32 -27.62 -10.76
N ARG A 170 -46.38 -27.77 -9.84
CA ARG A 170 -46.23 -26.91 -8.63
C ARG A 170 -46.27 -25.44 -9.07
N TYR A 171 -45.40 -25.04 -9.99
CA TYR A 171 -45.26 -23.65 -10.47
C TYR A 171 -46.59 -23.16 -11.04
N LEU A 172 -47.32 -24.02 -11.78
CA LEU A 172 -48.63 -23.70 -12.38
C LEU A 172 -49.65 -23.41 -11.25
N GLU A 173 -49.68 -24.26 -10.22
CA GLU A 173 -50.58 -24.12 -9.04
C GLU A 173 -50.21 -22.81 -8.32
N ASN A 174 -48.95 -22.64 -7.89
CA ASN A 174 -48.50 -21.48 -7.10
C ASN A 174 -48.72 -20.19 -7.89
N GLY A 175 -48.57 -20.23 -9.21
CA GLY A 175 -48.72 -19.06 -10.10
C GLY A 175 -50.04 -19.05 -10.83
N LYS A 176 -51.08 -19.67 -10.27
CA LYS A 176 -52.39 -19.87 -10.95
C LYS A 176 -52.86 -18.54 -11.59
N GLU A 177 -52.74 -17.42 -10.88
CA GLU A 177 -53.30 -16.11 -11.30
C GLU A 177 -52.59 -15.61 -12.58
N THR A 178 -51.30 -15.92 -12.75
CA THR A 178 -50.42 -15.44 -13.86
C THR A 178 -50.42 -16.50 -14.98
N LEU A 179 -49.99 -17.72 -14.67
CA LEU A 179 -49.57 -18.76 -15.66
C LEU A 179 -50.79 -19.42 -16.32
N GLN A 180 -51.92 -19.53 -15.64
CA GLN A 180 -53.12 -20.29 -16.12
C GLN A 180 -54.13 -19.31 -16.71
N ARG A 181 -53.79 -18.03 -16.80
CA ARG A 181 -54.61 -17.00 -17.50
C ARG A 181 -54.35 -17.10 -19.01
N THR A 182 -55.35 -16.71 -19.80
CA THR A 182 -55.25 -16.39 -21.23
C THR A 182 -55.78 -14.96 -21.38
N ASP A 183 -55.03 -14.07 -22.01
CA ASP A 183 -55.51 -12.69 -22.34
C ASP A 183 -55.77 -12.63 -23.84
N ALA A 184 -57.03 -12.45 -24.20
CA ALA A 184 -57.47 -12.25 -25.60
C ALA A 184 -56.72 -11.05 -26.16
N PRO A 185 -56.27 -11.10 -27.41
CA PRO A 185 -55.84 -9.87 -28.11
C PRO A 185 -56.95 -8.82 -28.14
N LYS A 186 -56.67 -7.61 -27.68
CA LYS A 186 -57.36 -6.37 -28.11
C LYS A 186 -56.90 -6.05 -29.52
N THR A 187 -57.82 -5.87 -30.45
CA THR A 187 -57.52 -5.68 -31.88
C THR A 187 -58.05 -4.32 -32.37
N HIS A 188 -57.40 -3.77 -33.37
CA HIS A 188 -57.85 -2.55 -34.10
C HIS A 188 -57.09 -2.53 -35.42
N MET A 189 -57.53 -1.69 -36.35
CA MET A 189 -56.87 -1.50 -37.67
C MET A 189 -56.53 -0.03 -37.82
N THR A 190 -55.41 0.26 -38.47
CA THR A 190 -54.98 1.63 -38.83
C THR A 190 -54.74 1.69 -40.34
N HIS A 191 -54.72 2.90 -40.87
CA HIS A 191 -54.76 3.22 -42.31
C HIS A 191 -53.82 4.38 -42.53
N HIS A 192 -52.93 4.27 -43.51
CA HIS A 192 -51.91 5.29 -43.86
C HIS A 192 -51.99 5.45 -45.37
N ALA A 193 -52.46 6.59 -45.85
CA ALA A 193 -52.37 6.96 -47.29
C ALA A 193 -50.89 6.98 -47.65
N VAL A 194 -50.46 6.31 -48.72
CA VAL A 194 -48.99 6.14 -49.02
C VAL A 194 -48.68 6.87 -50.34
N SER A 195 -49.67 6.94 -51.24
CA SER A 195 -49.65 7.66 -52.53
C SER A 195 -51.08 8.05 -52.88
N ASP A 196 -51.28 8.54 -54.11
CA ASP A 196 -52.60 8.68 -54.78
C ASP A 196 -53.03 7.31 -55.34
N HIS A 197 -52.20 6.25 -55.22
CA HIS A 197 -52.50 4.92 -55.80
C HIS A 197 -52.58 3.82 -54.73
N GLU A 198 -52.03 4.03 -53.53
CA GLU A 198 -51.90 2.95 -52.51
C GLU A 198 -52.27 3.46 -51.11
N ALA A 199 -52.47 2.54 -50.20
CA ALA A 199 -52.63 2.78 -48.76
C ALA A 199 -52.17 1.55 -47.99
N THR A 200 -51.64 1.72 -46.79
CA THR A 200 -51.33 0.59 -45.88
C THR A 200 -52.48 0.38 -44.91
N LEU A 201 -52.95 -0.85 -44.80
CA LEU A 201 -53.77 -1.31 -43.65
C LEU A 201 -52.90 -2.08 -42.68
N ARG A 202 -52.90 -1.67 -41.41
CA ARG A 202 -52.16 -2.34 -40.32
C ARG A 202 -53.19 -2.91 -39.33
N CYS A 203 -53.19 -4.22 -39.22
CA CYS A 203 -53.96 -5.01 -38.24
C CYS A 203 -53.12 -5.26 -36.98
N TRP A 204 -53.66 -4.87 -35.84
CA TRP A 204 -52.98 -4.85 -34.51
C TRP A 204 -53.58 -5.91 -33.60
N ALA A 205 -52.72 -6.66 -32.90
CA ALA A 205 -53.08 -7.49 -31.73
C ALA A 205 -52.21 -7.05 -30.54
N LEU A 206 -52.83 -6.55 -29.47
CA LEU A 206 -52.16 -5.95 -28.28
C LEU A 206 -52.54 -6.74 -27.01
N SER A 207 -51.70 -6.67 -26.00
CA SER A 207 -51.97 -7.13 -24.61
C SER A 207 -52.47 -8.57 -24.59
N PHE A 208 -51.90 -9.46 -25.40
CA PHE A 208 -52.33 -10.89 -25.47
C PHE A 208 -51.30 -11.82 -24.78
N TYR A 209 -51.76 -12.99 -24.34
CA TYR A 209 -50.93 -14.05 -23.68
C TYR A 209 -51.68 -15.37 -23.78
N PRO A 210 -51.01 -16.49 -24.18
CA PRO A 210 -49.57 -16.49 -24.48
C PRO A 210 -49.20 -15.85 -25.84
N ALA A 211 -47.92 -16.00 -26.23
CA ALA A 211 -47.29 -15.35 -27.40
C ALA A 211 -47.87 -15.92 -28.71
N GLU A 212 -48.15 -17.24 -28.78
CA GLU A 212 -48.63 -17.91 -30.01
C GLU A 212 -49.85 -17.15 -30.56
N ILE A 213 -49.78 -16.74 -31.83
CA ILE A 213 -50.86 -15.96 -32.50
C ILE A 213 -50.71 -16.12 -34.01
N THR A 214 -51.82 -16.09 -34.76
CA THR A 214 -51.83 -16.03 -36.23
C THR A 214 -52.61 -14.79 -36.67
N LEU A 215 -51.96 -13.89 -37.41
CA LEU A 215 -52.60 -12.78 -38.16
C LEU A 215 -52.46 -13.10 -39.66
N THR A 216 -53.58 -13.23 -40.37
CA THR A 216 -53.67 -13.47 -41.83
C THR A 216 -54.51 -12.36 -42.48
N TRP A 217 -54.12 -11.92 -43.66
CA TRP A 217 -54.93 -11.02 -44.51
C TRP A 217 -55.68 -11.82 -45.58
N GLN A 218 -56.90 -11.40 -45.92
CA GLN A 218 -57.68 -11.96 -47.06
C GLN A 218 -58.12 -10.80 -47.96
N ARG A 219 -58.16 -11.06 -49.26
CA ARG A 219 -58.72 -10.15 -50.27
C ARG A 219 -59.89 -10.86 -50.95
N ASP A 220 -61.12 -10.45 -50.66
CA ASP A 220 -62.37 -11.09 -51.17
C ASP A 220 -62.39 -12.56 -50.74
N GLY A 221 -62.01 -12.84 -49.49
CA GLY A 221 -62.04 -14.20 -48.89
C GLY A 221 -60.84 -15.08 -49.26
N GLU A 222 -59.93 -14.61 -50.13
CA GLU A 222 -58.76 -15.37 -50.65
C GLU A 222 -57.49 -14.95 -49.88
N ASP A 223 -56.79 -15.92 -49.29
CA ASP A 223 -55.56 -15.73 -48.46
C ASP A 223 -54.57 -14.88 -49.27
N GLN A 224 -54.03 -13.84 -48.63
CA GLN A 224 -53.21 -12.80 -49.29
C GLN A 224 -51.85 -12.76 -48.59
N THR A 225 -50.80 -13.28 -49.22
CA THR A 225 -49.38 -13.21 -48.78
C THR A 225 -48.70 -11.98 -49.43
N GLN A 226 -49.07 -11.67 -50.67
CA GLN A 226 -48.39 -10.65 -51.52
C GLN A 226 -48.68 -9.25 -51.00
N ASP A 227 -47.64 -8.38 -50.99
CA ASP A 227 -47.66 -6.98 -50.50
C ASP A 227 -47.98 -6.91 -48.98
N THR A 228 -47.77 -8.01 -48.22
CA THR A 228 -47.93 -8.04 -46.73
C THR A 228 -46.56 -7.89 -46.02
N GLU A 229 -46.60 -7.35 -44.80
CA GLU A 229 -45.51 -7.33 -43.82
C GLU A 229 -46.05 -7.85 -42.49
N LEU A 230 -45.33 -8.80 -41.91
CA LEU A 230 -45.68 -9.43 -40.61
C LEU A 230 -44.48 -9.30 -39.66
N VAL A 231 -44.56 -8.49 -38.60
CA VAL A 231 -43.45 -8.32 -37.60
C VAL A 231 -43.47 -9.51 -36.61
N GLU A 232 -42.33 -9.87 -36.08
CA GLU A 232 -42.19 -10.89 -35.03
C GLU A 232 -43.00 -10.47 -33.82
N THR A 233 -43.58 -11.44 -33.13
CA THR A 233 -44.28 -11.23 -31.84
C THR A 233 -43.26 -10.66 -30.85
N ARG A 234 -43.63 -9.59 -30.13
CA ARG A 234 -42.71 -8.76 -29.30
C ARG A 234 -43.28 -8.60 -27.90
N PRO A 235 -42.43 -8.62 -26.85
CA PRO A 235 -42.90 -8.35 -25.49
C PRO A 235 -43.31 -6.87 -25.35
N ALA A 236 -44.44 -6.63 -24.68
CA ALA A 236 -44.90 -5.27 -24.27
C ALA A 236 -44.13 -4.85 -23.03
N GLY A 237 -43.70 -5.84 -22.25
CA GLY A 237 -42.86 -5.65 -21.04
C GLY A 237 -43.68 -5.81 -19.77
N ASP A 238 -44.99 -6.09 -19.90
CA ASP A 238 -45.96 -6.21 -18.76
C ASP A 238 -46.45 -7.66 -18.66
N GLY A 239 -45.72 -8.60 -19.28
CA GLY A 239 -46.09 -10.02 -19.36
C GLY A 239 -46.97 -10.31 -20.58
N THR A 240 -47.34 -9.30 -21.38
CA THR A 240 -48.18 -9.50 -22.58
C THR A 240 -47.34 -9.31 -23.84
N PHE A 241 -47.93 -9.66 -24.98
CA PHE A 241 -47.25 -9.63 -26.28
C PHE A 241 -48.03 -8.74 -27.23
N GLN A 242 -47.37 -8.35 -28.31
CA GLN A 242 -47.92 -7.49 -29.39
C GLN A 242 -47.51 -8.08 -30.74
N LYS A 243 -48.30 -7.84 -31.77
CA LYS A 243 -47.96 -8.19 -33.16
C LYS A 243 -48.80 -7.33 -34.08
N TRP A 244 -48.30 -7.10 -35.27
CA TRP A 244 -49.12 -6.51 -36.33
C TRP A 244 -48.76 -7.15 -37.66
N ALA A 245 -49.71 -7.06 -38.58
CA ALA A 245 -49.64 -7.48 -39.98
C ALA A 245 -50.18 -6.32 -40.83
N ALA A 246 -49.49 -5.99 -41.91
CA ALA A 246 -49.89 -4.89 -42.81
C ALA A 246 -49.97 -5.40 -44.24
N VAL A 247 -50.80 -4.73 -45.03
CA VAL A 247 -50.97 -5.01 -46.46
C VAL A 247 -51.05 -3.65 -47.14
N VAL A 248 -50.38 -3.53 -48.27
CA VAL A 248 -50.46 -2.34 -49.16
C VAL A 248 -51.59 -2.62 -50.17
N VAL A 249 -52.56 -1.71 -50.29
CA VAL A 249 -53.77 -1.95 -51.11
C VAL A 249 -53.93 -0.80 -52.10
N PRO A 250 -54.57 -1.08 -53.25
CA PRO A 250 -54.97 -0.02 -54.17
C PRO A 250 -55.94 0.97 -53.48
N SER A 251 -55.80 2.25 -53.81
CA SER A 251 -56.76 3.34 -53.47
C SER A 251 -58.20 2.90 -53.80
N GLY A 252 -59.07 2.92 -52.77
CA GLY A 252 -60.50 2.60 -52.84
C GLY A 252 -60.86 1.14 -52.55
N GLN A 253 -59.86 0.26 -52.33
CA GLN A 253 -60.09 -1.21 -52.26
C GLN A 253 -60.03 -1.71 -50.81
N GLU A 254 -59.92 -0.81 -49.83
CA GLU A 254 -59.66 -1.12 -48.39
C GLU A 254 -60.66 -2.17 -47.90
N GLN A 255 -61.94 -2.04 -48.32
CA GLN A 255 -63.09 -2.83 -47.80
C GLN A 255 -63.14 -4.23 -48.37
N ARG A 256 -62.26 -4.53 -49.34
CA ARG A 256 -62.06 -5.87 -49.96
C ARG A 256 -61.19 -6.73 -49.04
N TYR A 257 -60.48 -6.10 -48.11
CA TYR A 257 -59.45 -6.72 -47.26
C TYR A 257 -59.97 -6.92 -45.84
N THR A 258 -59.79 -8.14 -45.34
CA THR A 258 -60.12 -8.55 -43.96
C THR A 258 -58.88 -9.10 -43.27
N CYS A 259 -58.71 -8.74 -42.01
CA CYS A 259 -57.68 -9.30 -41.11
C CYS A 259 -58.29 -10.36 -40.19
N HIS A 260 -57.70 -11.55 -40.12
CA HIS A 260 -58.14 -12.71 -39.29
C HIS A 260 -57.14 -12.95 -38.17
N VAL A 261 -57.62 -13.06 -36.94
CA VAL A 261 -56.79 -13.19 -35.71
C VAL A 261 -57.18 -14.47 -35.00
N GLN A 262 -56.25 -15.40 -34.80
CA GLN A 262 -56.47 -16.64 -34.03
C GLN A 262 -55.61 -16.60 -32.79
N HIS A 263 -56.19 -16.91 -31.64
CA HIS A 263 -55.46 -16.97 -30.35
C HIS A 263 -56.20 -17.93 -29.45
N GLU A 264 -55.46 -18.60 -28.55
CA GLU A 264 -55.99 -19.57 -27.57
C GLU A 264 -57.16 -18.94 -26.77
N GLY A 265 -57.11 -17.62 -26.53
CA GLY A 265 -58.05 -16.88 -25.66
C GLY A 265 -59.30 -16.40 -26.38
N LEU A 266 -59.35 -16.55 -27.71
CA LEU A 266 -60.52 -16.16 -28.53
C LEU A 266 -61.44 -17.36 -28.71
N PRO A 267 -62.66 -17.31 -28.12
CA PRO A 267 -63.62 -18.40 -28.30
C PRO A 267 -63.84 -18.66 -29.79
N LYS A 268 -63.77 -17.59 -30.60
CA LYS A 268 -63.96 -17.64 -32.08
C LYS A 268 -62.90 -16.74 -32.74
N PRO A 269 -62.37 -17.15 -33.92
CA PRO A 269 -61.51 -16.28 -34.71
C PRO A 269 -62.21 -14.95 -35.10
N LEU A 270 -61.47 -13.85 -34.96
CA LEU A 270 -61.94 -12.48 -35.23
C LEU A 270 -61.72 -12.16 -36.70
N THR A 271 -62.67 -11.47 -37.30
CA THR A 271 -62.52 -10.81 -38.62
C THR A 271 -62.58 -9.32 -38.40
N LEU A 272 -61.59 -8.58 -38.88
CA LEU A 272 -61.58 -7.11 -38.82
C LEU A 272 -61.60 -6.56 -40.23
N ARG A 273 -62.24 -5.41 -40.38
CA ARG A 273 -62.36 -4.68 -41.64
C ARG A 273 -62.10 -3.21 -41.34
N TRP A 274 -61.45 -2.48 -42.23
CA TRP A 274 -61.29 -1.02 -42.08
C TRP A 274 -62.68 -0.36 -42.00
N GLU A 275 -62.91 0.38 -40.93
CA GLU A 275 -64.10 1.28 -40.76
C GLU A 275 -63.60 2.70 -40.48
N PRO A 276 -63.68 3.64 -41.45
CA PRO A 276 -63.31 5.04 -41.22
C PRO A 276 -64.18 5.76 -40.15
N MET B 1 -18.68 -20.75 -37.33
CA MET B 1 -18.99 -19.42 -36.75
C MET B 1 -20.20 -18.82 -37.49
N ILE B 2 -21.40 -19.00 -36.93
CA ILE B 2 -22.62 -18.30 -37.39
C ILE B 2 -22.55 -16.83 -36.94
N GLN B 3 -22.91 -15.91 -37.82
CA GLN B 3 -23.23 -14.50 -37.50
C GLN B 3 -24.63 -14.19 -38.03
N ARG B 4 -25.54 -13.76 -37.18
CA ARG B 4 -26.89 -13.28 -37.55
C ARG B 4 -27.01 -11.82 -37.13
N THR B 5 -27.48 -10.97 -38.02
CA THR B 5 -27.63 -9.52 -37.79
C THR B 5 -28.94 -9.31 -37.03
N PRO B 6 -28.97 -8.43 -36.02
CA PRO B 6 -30.16 -8.19 -35.22
C PRO B 6 -31.32 -7.55 -36.00
N LYS B 7 -32.53 -8.04 -35.76
CA LYS B 7 -33.79 -7.35 -36.11
C LYS B 7 -34.06 -6.40 -34.93
N ILE B 8 -34.55 -5.22 -35.24
CA ILE B 8 -34.78 -4.15 -34.24
C ILE B 8 -36.24 -3.69 -34.34
N GLN B 9 -36.94 -3.62 -33.22
CA GLN B 9 -38.27 -2.99 -33.13
C GLN B 9 -38.28 -2.00 -31.99
N VAL B 10 -38.65 -0.75 -32.26
CA VAL B 10 -38.85 0.27 -31.19
C VAL B 10 -40.35 0.64 -31.14
N TYR B 11 -40.93 0.58 -29.94
CA TYR B 11 -42.37 0.68 -29.69
C TYR B 11 -42.62 1.02 -28.23
N SER B 12 -43.84 1.42 -27.93
CA SER B 12 -44.32 1.72 -26.56
C SER B 12 -45.07 0.51 -26.00
N ARG B 13 -45.10 0.38 -24.68
CA ARG B 13 -45.86 -0.69 -24.00
C ARG B 13 -47.38 -0.49 -24.25
N HIS B 14 -47.86 0.73 -24.15
CA HIS B 14 -49.29 1.11 -24.32
C HIS B 14 -49.38 2.07 -25.49
N PRO B 15 -50.52 2.12 -26.20
CA PRO B 15 -50.76 3.16 -27.20
C PRO B 15 -50.31 4.55 -26.69
N ALA B 16 -49.51 5.23 -27.47
CA ALA B 16 -48.91 6.52 -27.08
C ALA B 16 -50.01 7.54 -26.95
N GLU B 17 -50.09 8.19 -25.79
CA GLU B 17 -50.90 9.41 -25.58
C GLU B 17 -49.96 10.48 -25.09
N ASN B 18 -49.92 11.60 -25.80
CA ASN B 18 -49.10 12.77 -25.44
C ASN B 18 -49.40 13.16 -23.99
N GLY B 19 -48.37 13.32 -23.17
CA GLY B 19 -48.48 13.81 -21.77
C GLY B 19 -48.75 12.68 -20.80
N LYS B 20 -48.94 11.46 -21.29
CA LYS B 20 -49.27 10.28 -20.47
C LYS B 20 -48.04 9.39 -20.34
N SER B 21 -47.68 9.07 -19.12
CA SER B 21 -46.58 8.16 -18.74
C SER B 21 -46.74 6.80 -19.43
N ASN B 22 -45.62 6.20 -19.83
CA ASN B 22 -45.60 5.00 -20.72
C ASN B 22 -44.20 4.36 -20.63
N PHE B 23 -43.96 3.31 -21.39
CA PHE B 23 -42.64 2.68 -21.50
C PHE B 23 -42.23 2.65 -22.95
N LEU B 24 -40.98 3.04 -23.22
CA LEU B 24 -40.36 2.91 -24.55
C LEU B 24 -39.52 1.65 -24.56
N ASN B 25 -39.76 0.82 -25.56
CA ASN B 25 -39.15 -0.51 -25.71
C ASN B 25 -38.30 -0.52 -26.97
N CYS B 26 -37.14 -1.14 -26.88
CA CYS B 26 -36.34 -1.54 -28.05
C CYS B 26 -36.06 -3.02 -27.96
N TYR B 27 -36.75 -3.80 -28.79
CA TYR B 27 -36.63 -5.26 -28.87
C TYR B 27 -35.62 -5.61 -29.99
N VAL B 28 -34.61 -6.37 -29.61
CA VAL B 28 -33.51 -6.76 -30.51
C VAL B 28 -33.48 -8.28 -30.52
N SER B 29 -33.58 -8.88 -31.68
CA SER B 29 -33.76 -10.34 -31.77
C SER B 29 -33.03 -10.91 -32.99
N GLY B 30 -32.89 -12.23 -33.05
CA GLY B 30 -32.36 -12.96 -34.21
C GLY B 30 -30.88 -12.72 -34.41
N PHE B 31 -30.12 -12.35 -33.37
CA PHE B 31 -28.69 -11.99 -33.51
C PHE B 31 -27.77 -13.08 -32.95
N HIS B 32 -26.56 -13.13 -33.47
CA HIS B 32 -25.46 -14.00 -33.00
C HIS B 32 -24.15 -13.46 -33.54
N PRO B 33 -23.06 -13.38 -32.75
CA PRO B 33 -23.07 -13.75 -31.34
C PRO B 33 -23.72 -12.71 -30.41
N SER B 34 -23.56 -12.89 -29.09
CA SER B 34 -24.38 -12.26 -28.03
C SER B 34 -23.91 -10.84 -27.72
N ASP B 35 -22.65 -10.52 -27.94
CA ASP B 35 -22.15 -9.15 -27.70
C ASP B 35 -23.01 -8.21 -28.52
N ILE B 36 -23.73 -7.30 -27.87
CA ILE B 36 -24.53 -6.27 -28.58
C ILE B 36 -24.61 -5.01 -27.72
N GLU B 37 -24.56 -3.86 -28.37
CA GLU B 37 -24.71 -2.53 -27.75
C GLU B 37 -26.09 -2.01 -28.11
N VAL B 38 -26.88 -1.61 -27.11
CA VAL B 38 -28.23 -1.02 -27.31
C VAL B 38 -28.35 0.24 -26.43
N ASP B 39 -28.64 1.39 -27.03
CA ASP B 39 -29.01 2.61 -26.28
C ASP B 39 -30.36 3.14 -26.80
N LEU B 40 -31.17 3.67 -25.90
CA LEU B 40 -32.39 4.42 -26.26
C LEU B 40 -32.02 5.90 -26.34
N LEU B 41 -32.47 6.59 -27.37
CA LEU B 41 -32.09 7.99 -27.64
C LEU B 41 -33.33 8.88 -27.48
N LYS B 42 -33.14 10.04 -26.89
CA LYS B 42 -34.13 11.12 -26.80
C LYS B 42 -33.52 12.36 -27.43
N ASN B 43 -34.06 12.77 -28.58
CA ASN B 43 -33.55 13.90 -29.39
C ASN B 43 -32.06 13.64 -29.65
N GLY B 44 -31.74 12.41 -30.07
CA GLY B 44 -30.39 11.99 -30.49
C GLY B 44 -29.42 11.80 -29.33
N GLU B 45 -29.90 11.91 -28.08
CA GLU B 45 -29.07 11.85 -26.84
C GLU B 45 -29.44 10.58 -26.06
N ARG B 46 -28.44 9.91 -25.53
CA ARG B 46 -28.53 8.65 -24.75
C ARG B 46 -29.39 8.84 -23.49
N ILE B 47 -30.29 7.93 -23.23
CA ILE B 47 -31.06 7.85 -21.97
C ILE B 47 -30.31 6.94 -21.00
N GLU B 48 -30.11 7.39 -19.77
CA GLU B 48 -29.32 6.67 -18.75
C GLU B 48 -30.18 5.59 -18.11
N LYS B 49 -31.37 5.96 -17.68
CA LYS B 49 -32.22 5.12 -16.80
C LYS B 49 -32.94 4.08 -17.67
N VAL B 50 -32.18 3.12 -18.19
CA VAL B 50 -32.66 2.08 -19.15
C VAL B 50 -32.43 0.71 -18.51
N GLU B 51 -33.42 -0.17 -18.60
CA GLU B 51 -33.33 -1.53 -18.03
C GLU B 51 -33.36 -2.53 -19.19
N HIS B 52 -32.91 -3.75 -18.96
CA HIS B 52 -32.94 -4.79 -20.01
C HIS B 52 -33.32 -6.12 -19.40
N SER B 53 -34.02 -6.93 -20.17
CA SER B 53 -34.33 -8.35 -19.88
C SER B 53 -33.01 -9.15 -19.87
N ASP B 54 -33.07 -10.35 -19.31
CA ASP B 54 -31.92 -11.29 -19.25
C ASP B 54 -31.82 -11.98 -20.60
N LEU B 55 -30.63 -11.97 -21.19
CA LEU B 55 -30.30 -12.62 -22.47
C LEU B 55 -30.95 -14.01 -22.53
N SER B 56 -31.72 -14.27 -23.58
CA SER B 56 -32.28 -15.59 -23.89
C SER B 56 -32.17 -15.85 -25.40
N PHE B 57 -32.65 -16.98 -25.89
CA PHE B 57 -32.53 -17.31 -27.32
C PHE B 57 -33.73 -18.12 -27.80
N SER B 58 -33.91 -18.11 -29.11
CA SER B 58 -35.03 -18.74 -29.84
C SER B 58 -34.68 -20.16 -30.25
N LYS B 59 -35.58 -20.83 -30.97
CA LYS B 59 -35.40 -22.21 -31.45
C LYS B 59 -34.14 -22.30 -32.30
N ASP B 60 -33.82 -21.28 -33.11
CA ASP B 60 -32.70 -21.28 -34.07
C ASP B 60 -31.41 -20.88 -33.36
N TRP B 61 -31.45 -20.71 -32.02
CA TRP B 61 -30.27 -20.38 -31.16
C TRP B 61 -29.93 -18.89 -31.20
N SER B 62 -30.59 -18.10 -32.04
CA SER B 62 -30.35 -16.64 -32.12
C SER B 62 -30.86 -15.97 -30.83
N PHE B 63 -30.20 -14.90 -30.39
CA PHE B 63 -30.44 -14.21 -29.09
C PHE B 63 -31.52 -13.14 -29.23
N TYR B 64 -32.13 -12.77 -28.11
CA TYR B 64 -33.08 -11.64 -28.03
C TYR B 64 -32.96 -10.95 -26.67
N LEU B 65 -33.15 -9.63 -26.68
CA LEU B 65 -33.15 -8.74 -25.49
C LEU B 65 -34.21 -7.67 -25.65
N LEU B 66 -34.83 -7.26 -24.54
CA LEU B 66 -35.70 -6.06 -24.48
C LEU B 66 -35.02 -5.01 -23.63
N TYR B 67 -34.82 -3.82 -24.18
CA TYR B 67 -34.33 -2.62 -23.48
C TYR B 67 -35.53 -1.69 -23.29
N TYR B 68 -35.73 -1.14 -22.10
CA TYR B 68 -36.96 -0.35 -21.83
C TYR B 68 -36.67 0.75 -20.82
N THR B 69 -37.42 1.84 -20.95
CA THR B 69 -37.27 3.02 -20.08
C THR B 69 -38.63 3.68 -19.94
N GLU B 70 -38.93 4.24 -18.77
CA GLU B 70 -40.12 5.09 -18.53
C GLU B 70 -39.94 6.36 -19.33
N PHE B 71 -40.96 6.77 -20.04
CA PHE B 71 -41.00 8.04 -20.80
C PHE B 71 -42.45 8.50 -20.95
N THR B 72 -42.61 9.80 -21.22
CA THR B 72 -43.92 10.46 -21.51
C THR B 72 -43.84 11.04 -22.93
N PRO B 73 -44.43 10.37 -23.93
CA PRO B 73 -44.37 10.87 -25.29
C PRO B 73 -45.01 12.26 -25.36
N THR B 74 -44.43 13.14 -26.18
CA THR B 74 -45.00 14.44 -26.58
C THR B 74 -45.11 14.46 -28.10
N GLU B 75 -45.58 15.56 -28.68
CA GLU B 75 -45.77 15.70 -30.14
C GLU B 75 -44.41 15.95 -30.80
N LYS B 76 -43.46 16.56 -30.06
CA LYS B 76 -42.19 17.13 -30.60
C LYS B 76 -41.02 16.13 -30.48
N ASP B 77 -40.94 15.40 -29.37
CA ASP B 77 -39.75 14.60 -28.97
C ASP B 77 -39.58 13.40 -29.92
N GLU B 78 -38.35 13.18 -30.39
CA GLU B 78 -37.95 12.02 -31.26
C GLU B 78 -37.22 10.98 -30.40
N TYR B 79 -37.71 9.76 -30.40
CA TYR B 79 -37.13 8.63 -29.69
C TYR B 79 -36.62 7.65 -30.72
N ALA B 80 -35.56 6.92 -30.36
CA ALA B 80 -34.86 6.03 -31.28
C ALA B 80 -34.05 5.00 -30.49
N CYS B 81 -33.65 3.95 -31.16
CA CYS B 81 -32.84 2.87 -30.58
C CYS B 81 -31.60 2.75 -31.46
N ARG B 82 -30.41 2.84 -30.84
N ARG B 82 -30.41 2.84 -30.84
CA ARG B 82 -29.10 2.71 -31.51
CA ARG B 82 -29.10 2.71 -31.51
C ARG B 82 -28.54 1.33 -31.18
C ARG B 82 -28.54 1.33 -31.18
N VAL B 83 -28.25 0.51 -32.19
CA VAL B 83 -27.79 -0.89 -31.98
C VAL B 83 -26.43 -1.05 -32.67
N ASN B 84 -25.48 -1.64 -31.98
CA ASN B 84 -24.16 -1.99 -32.55
C ASN B 84 -23.90 -3.47 -32.30
N HIS B 85 -23.28 -4.11 -33.30
CA HIS B 85 -23.09 -5.57 -33.38
C HIS B 85 -22.01 -5.85 -34.42
N VAL B 86 -21.27 -6.95 -34.27
CA VAL B 86 -20.10 -7.25 -35.15
C VAL B 86 -20.57 -7.34 -36.61
N THR B 87 -21.84 -7.66 -36.86
CA THR B 87 -22.40 -7.86 -38.23
C THR B 87 -22.60 -6.51 -38.93
N LEU B 88 -22.56 -5.38 -38.22
CA LEU B 88 -22.97 -4.06 -38.76
C LEU B 88 -21.75 -3.20 -39.03
N SER B 89 -21.52 -2.80 -40.27
CA SER B 89 -20.36 -1.95 -40.64
C SER B 89 -20.48 -0.61 -39.92
N GLN B 90 -21.65 -0.27 -39.40
CA GLN B 90 -21.78 0.86 -38.43
C GLN B 90 -23.11 0.74 -37.71
N PRO B 91 -23.28 1.49 -36.61
CA PRO B 91 -24.47 1.34 -35.77
C PRO B 91 -25.76 1.65 -36.56
N LYS B 92 -26.83 0.96 -36.21
CA LYS B 92 -28.16 1.13 -36.84
C LYS B 92 -29.02 1.92 -35.88
N ILE B 93 -29.52 3.07 -36.31
CA ILE B 93 -30.51 3.87 -35.53
C ILE B 93 -31.91 3.60 -36.11
N VAL B 94 -32.82 3.09 -35.31
CA VAL B 94 -34.26 2.94 -35.67
C VAL B 94 -35.10 3.93 -34.85
N LYS B 95 -35.76 4.86 -35.53
CA LYS B 95 -36.68 5.88 -34.95
C LYS B 95 -37.97 5.19 -34.49
N TRP B 96 -38.51 5.62 -33.36
CA TRP B 96 -39.85 5.21 -32.87
C TRP B 96 -40.93 5.75 -33.79
N ASP B 97 -41.75 4.85 -34.32
CA ASP B 97 -43.02 5.19 -35.01
C ASP B 97 -44.20 4.78 -34.12
N ARG B 98 -45.04 5.74 -33.75
CA ARG B 98 -46.29 5.56 -32.93
C ARG B 98 -47.12 4.38 -33.43
N ASP B 99 -47.23 4.20 -34.75
CA ASP B 99 -48.10 3.16 -35.33
C ASP B 99 -47.28 1.98 -35.86
N MET B 100 -46.19 1.59 -35.19
CA MET B 100 -45.38 0.40 -35.57
C MET B 100 -44.74 -0.21 -34.31
N ASN C 1 -37.09 -25.59 -11.55
CA ASN C 1 -36.09 -26.44 -10.81
C ASN C 1 -35.09 -27.06 -11.79
N LEU C 2 -33.85 -26.57 -11.78
CA LEU C 2 -32.73 -27.13 -12.58
C LEU C 2 -32.61 -28.63 -12.28
N SER C 3 -32.27 -29.41 -13.30
CA SER C 3 -31.72 -30.78 -13.17
C SER C 3 -30.35 -30.74 -12.47
N ALA C 4 -30.10 -31.70 -11.56
CA ALA C 4 -28.77 -32.09 -10.99
C ALA C 4 -28.32 -33.43 -11.61
N LEU C 5 -29.18 -34.02 -12.45
CA LEU C 5 -28.95 -35.21 -13.33
C LEU C 5 -28.33 -34.76 -14.67
N GLY C 6 -27.81 -35.71 -15.45
CA GLY C 6 -27.68 -35.63 -16.93
C GLY C 6 -27.03 -34.34 -17.43
N ILE C 7 -26.28 -33.63 -16.58
CA ILE C 7 -25.51 -32.39 -16.92
C ILE C 7 -24.03 -32.74 -16.91
N PHE C 8 -23.56 -33.46 -17.92
CA PHE C 8 -22.14 -33.87 -18.07
C PHE C 8 -21.46 -32.92 -19.05
N SER C 9 -20.16 -32.75 -18.85
CA SER C 9 -19.20 -31.94 -19.62
C SER C 9 -18.95 -32.60 -21.00
N THR C 10 -18.30 -31.86 -21.89
CA THR C 10 -18.27 -32.09 -23.35
C THR C 10 -17.07 -32.96 -23.72
N GLY D 1 -46.78 -3.42 22.51
CA GLY D 1 -45.77 -3.48 21.41
C GLY D 1 -44.44 -4.01 21.92
N SER D 2 -43.48 -4.19 20.99
CA SER D 2 -42.13 -4.78 21.22
C SER D 2 -41.30 -3.84 22.11
N HIS D 3 -40.30 -4.39 22.79
CA HIS D 3 -39.31 -3.64 23.61
C HIS D 3 -37.91 -4.20 23.40
N SER D 4 -36.89 -3.44 23.76
CA SER D 4 -35.46 -3.84 23.64
C SER D 4 -34.64 -3.25 24.80
N MET D 5 -33.61 -3.98 25.21
CA MET D 5 -32.49 -3.46 26.01
C MET D 5 -31.22 -3.64 25.19
N ARG D 6 -30.46 -2.57 24.95
CA ARG D 6 -29.25 -2.59 24.10
C ARG D 6 -28.11 -1.89 24.82
N TYR D 7 -26.93 -2.47 24.81
CA TYR D 7 -25.69 -1.83 25.30
C TYR D 7 -24.76 -1.56 24.12
N PHE D 8 -24.17 -0.38 24.11
CA PHE D 8 -23.31 0.13 23.02
C PHE D 8 -21.96 0.53 23.62
N PHE D 9 -20.88 -0.03 23.11
CA PHE D 9 -19.52 0.19 23.62
C PHE D 9 -18.64 0.68 22.49
N THR D 10 -17.97 1.81 22.70
CA THR D 10 -17.00 2.41 21.76
C THR D 10 -15.66 2.59 22.48
N SER D 11 -14.58 2.08 21.89
CA SER D 11 -13.20 2.33 22.38
C SER D 11 -12.34 2.86 21.24
N VAL D 12 -11.65 3.96 21.50
CA VAL D 12 -10.83 4.69 20.52
C VAL D 12 -9.42 4.82 21.08
N SER D 13 -8.42 4.35 20.35
CA SER D 13 -7.01 4.42 20.77
C SER D 13 -6.53 5.85 20.54
N ARG D 14 -5.64 6.33 21.40
CA ARG D 14 -5.06 7.69 21.28
C ARG D 14 -3.54 7.51 21.24
N PRO D 15 -2.96 7.30 20.03
CA PRO D 15 -1.52 7.09 19.89
C PRO D 15 -0.70 8.22 20.52
N GLY D 16 0.27 7.88 21.37
CA GLY D 16 1.15 8.86 22.04
C GLY D 16 0.40 9.82 22.95
N ARG D 17 -0.84 9.50 23.32
CA ARG D 17 -1.71 10.36 24.16
C ARG D 17 -2.39 9.52 25.25
N GLY D 18 -1.90 8.31 25.54
CA GLY D 18 -2.22 7.55 26.76
C GLY D 18 -3.35 6.56 26.59
N GLU D 19 -4.19 6.41 27.59
CA GLU D 19 -5.24 5.37 27.65
C GLU D 19 -6.31 5.65 26.59
N PRO D 20 -6.93 4.59 26.04
CA PRO D 20 -7.99 4.78 25.05
C PRO D 20 -9.31 5.28 25.65
N ARG D 21 -10.03 6.10 24.89
CA ARG D 21 -11.40 6.58 25.23
C ARG D 21 -12.28 5.36 25.28
N PHE D 22 -13.11 5.24 26.29
CA PHE D 22 -14.11 4.14 26.38
C PHE D 22 -15.43 4.75 26.82
N ILE D 23 -16.47 4.48 26.05
CA ILE D 23 -17.85 4.94 26.34
C ILE D 23 -18.78 3.76 26.22
N ALA D 24 -19.57 3.51 27.26
CA ALA D 24 -20.63 2.48 27.32
C ALA D 24 -21.96 3.19 27.54
N VAL D 25 -22.96 2.91 26.74
CA VAL D 25 -24.28 3.48 26.97
C VAL D 25 -25.32 2.36 26.85
N GLY D 26 -26.24 2.36 27.83
CA GLY D 26 -27.34 1.38 27.94
C GLY D 26 -28.64 2.03 27.61
N TYR D 27 -29.46 1.34 26.84
CA TYR D 27 -30.79 1.82 26.38
C TYR D 27 -31.83 0.76 26.69
N VAL D 28 -32.96 1.18 27.24
CA VAL D 28 -34.25 0.47 27.07
C VAL D 28 -35.01 1.20 25.99
N ASP D 29 -35.36 0.52 24.90
CA ASP D 29 -35.99 1.12 23.70
C ASP D 29 -35.11 2.27 23.24
N ASP D 30 -35.66 3.48 23.15
CA ASP D 30 -34.94 4.68 22.66
C ASP D 30 -34.54 5.56 23.85
N THR D 31 -34.52 5.04 25.07
CA THR D 31 -34.18 5.81 26.28
C THR D 31 -32.82 5.34 26.84
N GLN D 32 -31.83 6.24 26.86
CA GLN D 32 -30.56 6.06 27.61
C GLN D 32 -30.92 5.97 29.11
N PHE D 33 -30.46 4.93 29.82
CA PHE D 33 -30.70 4.78 31.28
C PHE D 33 -29.38 4.68 32.04
N VAL D 34 -28.30 4.27 31.40
CA VAL D 34 -26.95 4.19 32.04
C VAL D 34 -25.86 4.65 31.06
N ARG D 35 -24.78 5.15 31.63
CA ARG D 35 -23.61 5.65 30.89
C ARG D 35 -22.35 5.33 31.71
N PHE D 36 -21.26 5.05 31.00
CA PHE D 36 -19.89 5.13 31.54
C PHE D 36 -19.00 5.86 30.52
N ASP D 37 -18.22 6.82 30.99
CA ASP D 37 -17.27 7.58 30.13
C ASP D 37 -15.94 7.70 30.86
N SER D 38 -14.90 7.14 30.28
CA SER D 38 -13.53 7.09 30.86
C SER D 38 -12.99 8.51 31.05
N ASP D 39 -13.56 9.51 30.37
CA ASP D 39 -13.12 10.93 30.41
C ASP D 39 -13.90 11.71 31.47
N ALA D 40 -14.76 11.07 32.27
CA ALA D 40 -15.68 11.73 33.20
C ALA D 40 -15.13 11.63 34.63
N ALA D 41 -15.60 12.50 35.51
CA ALA D 41 -15.13 12.61 36.92
C ALA D 41 -15.24 11.26 37.62
N SER D 42 -16.41 10.60 37.58
CA SER D 42 -16.83 9.59 38.59
C SER D 42 -16.03 8.29 38.46
N GLN D 43 -15.65 7.90 37.25
CA GLN D 43 -15.06 6.55 36.96
C GLN D 43 -15.99 5.46 37.49
N ARG D 44 -17.29 5.70 37.41
CA ARG D 44 -18.38 4.80 37.87
C ARG D 44 -19.43 4.72 36.76
N MET D 45 -20.23 3.66 36.76
CA MET D 45 -21.48 3.62 35.97
C MET D 45 -22.47 4.59 36.59
N GLU D 46 -23.08 5.44 35.78
CA GLU D 46 -23.97 6.55 36.21
C GLU D 46 -25.38 6.34 35.67
N PRO D 47 -26.43 6.72 36.44
CA PRO D 47 -27.80 6.66 35.96
C PRO D 47 -28.12 7.83 35.02
N ARG D 48 -29.02 7.62 34.06
CA ARG D 48 -29.43 8.66 33.08
C ARG D 48 -30.95 8.66 32.88
N ALA D 49 -31.71 7.96 33.71
CA ALA D 49 -33.19 7.96 33.69
C ALA D 49 -33.72 7.89 35.13
N PRO D 50 -34.88 8.52 35.42
CA PRO D 50 -35.42 8.53 36.78
C PRO D 50 -35.48 7.15 37.47
N TRP D 51 -35.95 6.14 36.74
CA TRP D 51 -36.41 4.84 37.27
C TRP D 51 -35.25 3.87 37.55
N ILE D 52 -34.01 4.21 37.20
CA ILE D 52 -32.83 3.36 37.52
C ILE D 52 -32.16 3.88 38.80
N GLU D 53 -32.39 5.15 39.17
CA GLU D 53 -31.81 5.80 40.38
C GLU D 53 -32.16 5.01 41.63
N GLN D 54 -33.27 4.27 41.63
CA GLN D 54 -33.83 3.56 42.81
C GLN D 54 -33.09 2.23 43.06
N GLU D 55 -32.09 1.86 42.27
CA GLU D 55 -31.31 0.60 42.46
C GLU D 55 -30.28 0.84 43.56
N GLY D 56 -29.98 -0.17 44.36
CA GLY D 56 -29.15 -0.05 45.57
C GLY D 56 -27.68 0.10 45.22
N PRO D 57 -26.80 0.39 46.20
CA PRO D 57 -25.36 0.53 45.93
C PRO D 57 -24.72 -0.75 45.39
N GLU D 58 -25.33 -1.91 45.62
CA GLU D 58 -24.88 -3.24 45.09
C GLU D 58 -24.94 -3.24 43.56
N TYR D 59 -26.04 -2.74 42.99
CA TYR D 59 -26.26 -2.62 41.52
C TYR D 59 -25.13 -1.80 40.92
N TRP D 60 -24.90 -0.59 41.46
CA TRP D 60 -23.93 0.40 40.90
C TRP D 60 -22.50 -0.08 41.06
N ASP D 61 -22.16 -0.72 42.18
CA ASP D 61 -20.83 -1.37 42.41
C ASP D 61 -20.66 -2.49 41.36
N GLY D 62 -21.68 -3.34 41.18
CA GLY D 62 -21.68 -4.44 40.20
C GLY D 62 -21.51 -3.94 38.77
N GLU D 63 -22.33 -2.97 38.36
CA GLU D 63 -22.29 -2.43 36.98
C GLU D 63 -20.96 -1.72 36.75
N THR D 64 -20.40 -1.07 37.78
CA THR D 64 -19.08 -0.38 37.67
C THR D 64 -17.95 -1.39 37.48
N ARG D 65 -17.96 -2.49 38.23
CA ARG D 65 -16.92 -3.56 38.12
C ARG D 65 -17.00 -4.13 36.70
N LYS D 66 -18.21 -4.36 36.19
CA LYS D 66 -18.44 -5.04 34.89
C LYS D 66 -18.08 -4.12 33.72
N VAL D 67 -18.45 -2.84 33.76
CA VAL D 67 -18.17 -1.90 32.63
C VAL D 67 -16.65 -1.66 32.58
N LYS D 68 -15.97 -1.66 33.73
CA LYS D 68 -14.49 -1.56 33.78
C LYS D 68 -13.84 -2.82 33.19
N ALA D 69 -14.44 -3.99 33.43
CA ALA D 69 -13.97 -5.29 32.85
C ALA D 69 -14.13 -5.22 31.32
N HIS D 70 -15.24 -4.71 30.83
CA HIS D 70 -15.49 -4.47 29.38
C HIS D 70 -14.39 -3.54 28.84
N SER D 71 -14.16 -2.42 29.53
CA SER D 71 -13.12 -1.41 29.23
C SER D 71 -11.76 -2.10 29.08
N GLN D 72 -11.44 -3.02 29.98
CA GLN D 72 -10.11 -3.73 30.03
C GLN D 72 -10.01 -4.64 28.82
N THR D 73 -11.07 -5.33 28.46
CA THR D 73 -11.10 -6.25 27.30
C THR D 73 -10.86 -5.44 26.03
N HIS D 74 -11.54 -4.29 25.87
CA HIS D 74 -11.42 -3.42 24.68
C HIS D 74 -10.01 -2.83 24.60
N ARG D 75 -9.38 -2.55 25.74
CA ARG D 75 -8.00 -2.00 25.82
C ARG D 75 -7.03 -3.05 25.26
N VAL D 76 -7.20 -4.30 25.64
CA VAL D 76 -6.41 -5.45 25.10
C VAL D 76 -6.72 -5.60 23.60
N ASP D 77 -7.99 -5.59 23.22
CA ASP D 77 -8.46 -5.79 21.83
C ASP D 77 -7.75 -4.80 20.91
N LEU D 78 -7.64 -3.55 21.31
CA LEU D 78 -7.01 -2.51 20.46
C LEU D 78 -5.57 -2.91 20.10
N GLY D 79 -4.81 -3.38 21.08
CA GLY D 79 -3.43 -3.86 20.87
C GLY D 79 -3.41 -5.08 19.99
N THR D 80 -4.30 -6.04 20.23
CA THR D 80 -4.36 -7.32 19.47
C THR D 80 -4.70 -7.03 18.00
N LEU D 81 -5.70 -6.22 17.75
CA LEU D 81 -6.19 -5.95 16.38
C LEU D 81 -5.15 -5.13 15.59
N ARG D 82 -4.46 -4.19 16.24
CA ARG D 82 -3.27 -3.48 15.66
C ARG D 82 -2.28 -4.53 15.13
N GLY D 83 -2.01 -5.56 15.91
CA GLY D 83 -1.11 -6.68 15.55
C GLY D 83 -1.65 -7.49 14.40
N TYR D 84 -2.91 -7.95 14.52
CA TYR D 84 -3.56 -8.82 13.51
C TYR D 84 -3.46 -8.16 12.15
N TYR D 85 -3.64 -6.87 12.07
CA TYR D 85 -3.67 -6.14 10.78
C TYR D 85 -2.33 -5.44 10.50
N ASN D 86 -1.31 -5.67 11.34
CA ASN D 86 0.05 -5.06 11.31
C ASN D 86 -0.03 -3.56 10.99
N GLN D 87 -0.82 -2.81 11.73
CA GLN D 87 -0.97 -1.36 11.55
C GLN D 87 0.09 -0.66 12.42
N SER D 88 0.47 0.56 12.08
CA SER D 88 1.42 1.35 12.88
C SER D 88 0.72 1.81 14.15
N GLU D 89 1.52 2.19 15.13
CA GLU D 89 1.08 2.70 16.44
C GLU D 89 0.79 4.20 16.32
N ALA D 90 0.93 4.76 15.11
CA ALA D 90 0.74 6.20 14.82
C ALA D 90 -0.76 6.52 14.66
N GLY D 91 -1.57 5.55 14.23
CA GLY D 91 -2.95 5.79 13.79
C GLY D 91 -3.95 5.48 14.90
N SER D 92 -5.02 6.25 14.98
CA SER D 92 -6.16 5.96 15.89
C SER D 92 -7.06 4.90 15.30
N HIS D 93 -7.42 3.88 16.09
CA HIS D 93 -8.37 2.82 15.67
C HIS D 93 -9.55 2.77 16.62
N THR D 94 -10.65 2.21 16.13
CA THR D 94 -11.96 2.19 16.80
C THR D 94 -12.44 0.76 16.92
N VAL D 95 -12.84 0.39 18.12
CA VAL D 95 -13.56 -0.88 18.38
C VAL D 95 -14.97 -0.51 18.86
N GLN D 96 -15.99 -1.11 18.27
CA GLN D 96 -17.41 -0.98 18.67
C GLN D 96 -17.98 -2.36 18.95
N ARG D 97 -18.77 -2.45 20.01
CA ARG D 97 -19.54 -3.64 20.42
C ARG D 97 -20.96 -3.19 20.79
N MET D 98 -21.95 -3.98 20.35
CA MET D 98 -23.39 -3.78 20.57
C MET D 98 -24.02 -5.15 20.86
N TYR D 99 -24.71 -5.29 21.98
CA TYR D 99 -25.49 -6.49 22.30
C TYR D 99 -26.75 -6.13 23.08
N GLY D 100 -27.72 -7.04 23.05
CA GLY D 100 -29.03 -6.87 23.68
C GLY D 100 -30.08 -7.82 23.13
N CYS D 101 -31.29 -7.66 23.63
CA CYS D 101 -32.42 -8.60 23.46
C CYS D 101 -33.68 -7.79 23.13
N ASP D 102 -34.51 -8.31 22.22
CA ASP D 102 -35.88 -7.80 21.97
C ASP D 102 -36.89 -8.71 22.70
N VAL D 103 -37.92 -8.11 23.28
CA VAL D 103 -39.15 -8.83 23.73
C VAL D 103 -40.35 -8.31 22.94
N GLY D 104 -41.28 -9.18 22.60
CA GLY D 104 -42.62 -8.83 22.06
C GLY D 104 -43.53 -8.25 23.14
N SER D 105 -44.77 -7.95 22.77
CA SER D 105 -45.79 -7.29 23.64
C SER D 105 -46.07 -8.15 24.89
N ASP D 106 -45.75 -9.46 24.83
CA ASP D 106 -45.92 -10.42 25.96
C ASP D 106 -44.70 -10.38 26.88
N TRP D 107 -43.67 -9.59 26.54
CA TRP D 107 -42.39 -9.41 27.29
C TRP D 107 -41.58 -10.72 27.30
N ARG D 108 -41.84 -11.65 26.36
CA ARG D 108 -41.04 -12.90 26.17
C ARG D 108 -39.91 -12.65 25.16
N PHE D 109 -38.87 -13.49 25.17
CA PHE D 109 -37.69 -13.42 24.27
C PHE D 109 -38.13 -13.53 22.79
N LEU D 110 -37.55 -12.69 21.92
CA LEU D 110 -37.84 -12.62 20.45
C LEU D 110 -36.53 -12.82 19.67
N ARG D 111 -35.53 -11.96 19.90
CA ARG D 111 -34.15 -12.18 19.36
C ARG D 111 -33.11 -11.59 20.31
N GLY D 112 -31.91 -12.16 20.25
CA GLY D 112 -30.67 -11.60 20.79
C GLY D 112 -29.67 -11.29 19.70
N TYR D 113 -28.72 -10.41 19.97
CA TYR D 113 -27.70 -9.99 18.98
C TYR D 113 -26.43 -9.58 19.75
N HIS D 114 -25.28 -9.89 19.17
CA HIS D 114 -23.95 -9.44 19.64
C HIS D 114 -23.07 -9.24 18.41
N GLN D 115 -22.71 -7.99 18.15
CA GLN D 115 -21.98 -7.55 16.96
C GLN D 115 -20.76 -6.75 17.41
N TYR D 116 -19.66 -6.89 16.68
CA TYR D 116 -18.32 -6.34 17.00
C TYR D 116 -17.73 -5.78 15.72
N ALA D 117 -17.26 -4.56 15.77
CA ALA D 117 -16.70 -3.85 14.58
C ALA D 117 -15.32 -3.33 14.92
N TYR D 118 -14.44 -3.36 13.92
CA TYR D 118 -13.11 -2.70 13.93
C TYR D 118 -13.10 -1.63 12.84
N ASP D 119 -12.81 -0.40 13.22
CA ASP D 119 -12.64 0.74 12.27
C ASP D 119 -13.89 0.85 11.40
N GLY D 120 -15.08 0.75 12.01
CA GLY D 120 -16.36 1.08 11.38
C GLY D 120 -16.94 -0.06 10.56
N LYS D 121 -16.35 -1.24 10.66
CA LYS D 121 -16.61 -2.37 9.74
C LYS D 121 -16.88 -3.63 10.56
N ASP D 122 -17.83 -4.43 10.14
CA ASP D 122 -18.11 -5.79 10.66
C ASP D 122 -16.78 -6.50 10.85
N TYR D 123 -16.53 -7.00 12.04
CA TYR D 123 -15.37 -7.85 12.37
C TYR D 123 -15.87 -9.28 12.63
N ILE D 124 -16.68 -9.43 13.66
CA ILE D 124 -17.31 -10.73 14.02
C ILE D 124 -18.69 -10.47 14.64
N ALA D 125 -19.69 -11.26 14.24
CA ALA D 125 -21.10 -11.16 14.65
C ALA D 125 -21.63 -12.54 15.03
N LEU D 126 -22.37 -12.62 16.12
CA LEU D 126 -23.14 -13.81 16.52
C LEU D 126 -24.38 -13.87 15.64
N LYS D 127 -24.67 -15.05 15.11
CA LYS D 127 -25.78 -15.30 14.15
C LYS D 127 -27.12 -15.34 14.89
N GLU D 128 -28.23 -15.28 14.14
CA GLU D 128 -29.63 -15.33 14.64
C GLU D 128 -29.77 -16.47 15.68
N ASP D 129 -29.24 -17.67 15.37
CA ASP D 129 -29.36 -18.91 16.20
C ASP D 129 -28.60 -18.78 17.54
N LEU D 130 -27.68 -17.81 17.67
CA LEU D 130 -26.89 -17.53 18.90
C LEU D 130 -25.96 -18.71 19.25
N ARG D 131 -25.56 -19.52 18.27
CA ARG D 131 -24.66 -20.70 18.47
C ARG D 131 -23.42 -20.65 17.54
N SER D 132 -23.38 -19.75 16.56
CA SER D 132 -22.33 -19.71 15.51
C SER D 132 -21.97 -18.26 15.15
N TRP D 133 -20.81 -18.09 14.52
CA TRP D 133 -20.17 -16.79 14.27
C TRP D 133 -20.00 -16.55 12.76
N THR D 134 -20.19 -15.30 12.34
CA THR D 134 -19.78 -14.77 11.01
C THR D 134 -18.53 -13.90 11.23
N ALA D 135 -17.39 -14.32 10.65
CA ALA D 135 -16.10 -13.61 10.65
C ALA D 135 -15.89 -12.94 9.30
N ALA D 136 -15.48 -11.67 9.29
CA ALA D 136 -15.43 -10.80 8.09
C ALA D 136 -14.23 -11.18 7.19
N ASP D 137 -13.14 -11.71 7.76
CA ASP D 137 -11.83 -11.85 7.08
C ASP D 137 -10.99 -12.86 7.85
N MET D 138 -9.76 -13.11 7.41
N MET D 138 -9.75 -13.11 7.41
CA MET D 138 -8.92 -14.19 7.99
CA MET D 138 -8.88 -14.18 7.96
C MET D 138 -8.43 -13.81 9.39
C MET D 138 -8.43 -13.81 9.39
N ALA D 139 -8.33 -12.51 9.71
CA ALA D 139 -7.96 -12.04 11.07
C ALA D 139 -9.10 -12.33 12.06
N ALA D 140 -10.34 -12.07 11.66
CA ALA D 140 -11.54 -12.38 12.46
C ALA D 140 -11.71 -13.90 12.59
N GLN D 141 -11.17 -14.68 11.66
CA GLN D 141 -11.14 -16.17 11.78
C GLN D 141 -10.31 -16.55 13.01
N THR D 142 -9.19 -15.88 13.26
CA THR D 142 -8.32 -16.08 14.47
C THR D 142 -9.18 -15.89 15.73
N THR D 143 -9.89 -14.77 15.83
CA THR D 143 -10.79 -14.48 16.95
C THR D 143 -11.87 -15.58 17.03
N LYS D 144 -12.48 -15.92 15.91
CA LYS D 144 -13.58 -16.91 15.83
C LYS D 144 -13.13 -18.24 16.43
N HIS D 145 -11.92 -18.69 16.14
CA HIS D 145 -11.37 -19.97 16.68
C HIS D 145 -11.17 -19.84 18.19
N LYS D 146 -10.66 -18.70 18.64
CA LYS D 146 -10.41 -18.42 20.08
C LYS D 146 -11.73 -18.48 20.84
N TRP D 147 -12.79 -17.88 20.26
CA TRP D 147 -14.14 -17.74 20.85
C TRP D 147 -14.92 -19.06 20.83
N GLU D 148 -14.64 -19.93 19.85
CA GLU D 148 -15.21 -21.29 19.75
C GLU D 148 -14.56 -22.18 20.83
N ALA D 149 -13.26 -22.00 21.08
CA ALA D 149 -12.48 -22.76 22.10
C ALA D 149 -13.01 -22.41 23.50
N ALA D 150 -13.34 -21.14 23.71
CA ALA D 150 -13.83 -20.59 25.00
C ALA D 150 -15.36 -20.66 25.10
N HIS D 151 -16.04 -21.19 24.09
CA HIS D 151 -17.52 -21.39 24.04
C HIS D 151 -18.25 -20.06 24.31
N VAL D 152 -17.78 -18.98 23.70
CA VAL D 152 -18.30 -17.61 23.99
C VAL D 152 -19.77 -17.50 23.55
N ALA D 153 -20.17 -18.21 22.48
CA ALA D 153 -21.54 -18.21 21.91
C ALA D 153 -22.53 -18.72 22.96
N GLU D 154 -22.22 -19.85 23.60
CA GLU D 154 -23.01 -20.46 24.70
C GLU D 154 -23.20 -19.41 25.80
N GLN D 155 -22.13 -18.73 26.18
CA GLN D 155 -22.14 -17.79 27.32
C GLN D 155 -23.12 -16.65 27.03
N LEU D 156 -23.00 -16.04 25.84
CA LEU D 156 -23.84 -14.91 25.38
C LEU D 156 -25.30 -15.37 25.23
N ARG D 157 -25.55 -16.54 24.63
CA ARG D 157 -26.93 -17.10 24.50
C ARG D 157 -27.62 -17.08 25.88
N ALA D 158 -26.92 -17.52 26.92
CA ALA D 158 -27.39 -17.61 28.32
C ALA D 158 -27.74 -16.22 28.87
N TYR D 159 -26.90 -15.21 28.63
CA TYR D 159 -27.16 -13.81 29.06
C TYR D 159 -28.38 -13.27 28.31
N LEU D 160 -28.40 -13.45 26.97
CA LEU D 160 -29.40 -12.87 26.03
C LEU D 160 -30.80 -13.48 26.24
N GLU D 161 -30.89 -14.78 26.56
CA GLU D 161 -32.18 -15.51 26.74
C GLU D 161 -32.59 -15.46 28.23
N GLY D 162 -31.63 -15.23 29.14
CA GLY D 162 -31.86 -15.20 30.60
C GLY D 162 -31.78 -13.79 31.16
N THR D 163 -30.65 -13.42 31.74
CA THR D 163 -30.40 -12.16 32.49
C THR D 163 -30.90 -10.93 31.68
N CYS D 164 -30.66 -10.89 30.37
CA CYS D 164 -31.01 -9.74 29.49
C CYS D 164 -32.51 -9.43 29.58
N VAL D 165 -33.37 -10.41 29.31
CA VAL D 165 -34.87 -10.23 29.26
C VAL D 165 -35.42 -10.00 30.68
N GLU D 166 -34.84 -10.67 31.67
CA GLU D 166 -35.30 -10.66 33.07
C GLU D 166 -35.09 -9.26 33.65
N TRP D 167 -33.99 -8.59 33.31
CA TRP D 167 -33.72 -7.22 33.79
C TRP D 167 -34.44 -6.20 32.91
N LEU D 168 -34.73 -6.55 31.66
CA LEU D 168 -35.56 -5.69 30.76
C LEU D 168 -36.96 -5.56 31.36
N ARG D 169 -37.58 -6.69 31.72
CA ARG D 169 -38.93 -6.73 32.34
C ARG D 169 -38.94 -5.83 33.58
N ARG D 170 -38.00 -6.04 34.50
CA ARG D 170 -37.84 -5.24 35.73
C ARG D 170 -37.83 -3.74 35.36
N TYR D 171 -36.94 -3.34 34.46
CA TYR D 171 -36.78 -1.93 34.04
C TYR D 171 -38.09 -1.38 33.49
N LEU D 172 -38.82 -2.19 32.72
CA LEU D 172 -40.13 -1.80 32.11
C LEU D 172 -41.16 -1.56 33.21
N GLU D 173 -41.22 -2.44 34.20
CA GLU D 173 -42.13 -2.33 35.37
C GLU D 173 -41.76 -1.06 36.16
N ASN D 174 -40.51 -0.96 36.61
CA ASN D 174 -40.04 0.17 37.45
C ASN D 174 -40.23 1.50 36.70
N GLY D 175 -40.05 1.50 35.36
CA GLY D 175 -40.12 2.70 34.52
C GLY D 175 -41.51 3.01 33.94
N LYS D 176 -42.52 2.20 34.26
CA LYS D 176 -43.84 2.29 33.57
C LYS D 176 -44.37 3.74 33.59
N GLU D 177 -44.23 4.46 34.71
CA GLU D 177 -44.82 5.81 34.92
C GLU D 177 -44.19 6.84 33.99
N THR D 178 -42.90 6.67 33.58
CA THR D 178 -42.15 7.69 32.76
C THR D 178 -41.65 7.19 31.39
N LEU D 179 -41.67 5.88 31.07
CA LEU D 179 -41.17 5.35 29.76
C LEU D 179 -42.09 5.75 28.59
N GLN D 180 -41.45 6.25 27.54
CA GLN D 180 -42.12 6.87 26.36
C GLN D 180 -43.13 5.90 25.73
N ARG D 181 -44.43 6.19 25.87
CA ARG D 181 -45.52 5.38 25.25
C ARG D 181 -45.78 5.89 23.84
N THR D 182 -46.51 5.12 23.02
CA THR D 182 -46.90 5.45 21.64
C THR D 182 -47.63 6.80 21.64
N ASP D 183 -47.17 7.74 20.80
CA ASP D 183 -47.70 9.11 20.60
C ASP D 183 -47.90 9.36 19.10
N ALA D 184 -49.12 9.57 18.69
CA ALA D 184 -49.49 10.04 17.33
C ALA D 184 -48.72 11.32 17.02
N PRO D 185 -48.19 11.48 15.79
CA PRO D 185 -47.72 12.79 15.32
C PRO D 185 -48.80 13.86 15.43
N LYS D 186 -48.48 14.98 16.11
CA LYS D 186 -49.18 16.27 15.88
C LYS D 186 -48.67 16.83 14.57
N THR D 187 -49.59 17.15 13.67
CA THR D 187 -49.25 17.55 12.30
C THR D 187 -49.75 18.98 12.06
N HIS D 188 -49.00 19.70 11.24
CA HIS D 188 -49.39 21.03 10.76
C HIS D 188 -48.63 21.27 9.46
N MET D 189 -49.10 22.25 8.71
CA MET D 189 -48.52 22.62 7.41
C MET D 189 -48.16 24.09 7.46
N THR D 190 -47.05 24.46 6.83
CA THR D 190 -46.64 25.87 6.66
C THR D 190 -46.43 26.14 5.18
N HIS D 191 -46.49 27.42 4.84
CA HIS D 191 -46.54 27.92 3.45
C HIS D 191 -45.65 29.15 3.43
N HIS D 192 -44.68 29.20 2.51
CA HIS D 192 -43.82 30.40 2.32
C HIS D 192 -43.64 30.65 0.84
N ALA D 193 -43.89 31.86 0.39
CA ALA D 193 -43.43 32.36 -0.92
C ALA D 193 -41.91 32.13 -1.02
N VAL D 194 -41.49 31.61 -2.16
CA VAL D 194 -40.07 31.31 -2.55
C VAL D 194 -39.69 32.26 -3.70
N SER D 195 -40.68 32.69 -4.49
CA SER D 195 -40.62 33.77 -5.51
C SER D 195 -42.02 34.41 -5.62
N ASP D 196 -42.28 35.17 -6.69
CA ASP D 196 -43.60 35.83 -6.93
C ASP D 196 -44.58 34.82 -7.56
N HIS D 197 -44.10 33.63 -7.97
CA HIS D 197 -44.91 32.64 -8.73
C HIS D 197 -44.86 31.24 -8.09
N GLU D 198 -44.07 31.01 -7.04
CA GLU D 198 -43.89 29.66 -6.41
C GLU D 198 -43.90 29.77 -4.90
N ALA D 199 -44.10 28.65 -4.21
CA ALA D 199 -44.21 28.60 -2.74
C ALA D 199 -43.75 27.23 -2.23
N THR D 200 -43.21 27.17 -1.02
CA THR D 200 -42.92 25.91 -0.29
C THR D 200 -44.10 25.54 0.59
N LEU D 201 -44.58 24.32 0.47
CA LEU D 201 -45.47 23.69 1.44
C LEU D 201 -44.62 22.74 2.29
N ARG D 202 -44.66 22.93 3.61
CA ARG D 202 -43.86 22.12 4.58
C ARG D 202 -44.87 21.41 5.48
N CYS D 203 -44.87 20.09 5.37
CA CYS D 203 -45.67 19.15 6.18
C CYS D 203 -44.86 18.66 7.36
N TRP D 204 -45.36 18.88 8.57
CA TRP D 204 -44.66 18.64 9.86
C TRP D 204 -45.31 17.46 10.59
N ALA D 205 -44.50 16.60 11.17
CA ALA D 205 -44.88 15.60 12.19
C ALA D 205 -44.00 15.86 13.44
N LEU D 206 -44.61 16.19 14.59
CA LEU D 206 -43.91 16.57 15.85
C LEU D 206 -44.35 15.64 16.97
N SER D 207 -43.52 15.53 18.03
CA SER D 207 -43.85 14.87 19.33
C SER D 207 -44.38 13.46 19.10
N PHE D 208 -43.82 12.70 18.14
CA PHE D 208 -44.32 11.31 17.86
C PHE D 208 -43.34 10.24 18.40
N TYR D 209 -43.87 9.05 18.63
CA TYR D 209 -43.12 7.87 19.13
C TYR D 209 -43.89 6.59 18.78
N PRO D 210 -43.25 5.54 18.24
CA PRO D 210 -41.79 5.55 18.00
C PRO D 210 -41.35 6.37 16.77
N ALA D 211 -40.07 6.23 16.39
CA ALA D 211 -39.39 7.03 15.36
C ALA D 211 -39.94 6.68 13.96
N GLU D 212 -40.25 5.41 13.68
CA GLU D 212 -40.76 4.93 12.37
C GLU D 212 -41.93 5.80 11.94
N ILE D 213 -41.83 6.39 10.75
CA ILE D 213 -42.85 7.28 10.14
C ILE D 213 -42.65 7.32 8.63
N THR D 214 -43.72 7.50 7.87
CA THR D 214 -43.68 7.87 6.43
C THR D 214 -44.39 9.22 6.25
N LEU D 215 -43.68 10.21 5.71
CA LEU D 215 -44.25 11.42 5.06
C LEU D 215 -44.04 11.34 3.57
N THR D 216 -45.12 11.42 2.78
CA THR D 216 -45.07 11.54 1.31
C THR D 216 -45.88 12.77 0.89
N TRP D 217 -45.45 13.43 -0.18
CA TRP D 217 -46.26 14.42 -0.93
C TRP D 217 -46.92 13.76 -2.15
N GLN D 218 -48.16 14.16 -2.45
CA GLN D 218 -48.87 13.74 -3.68
C GLN D 218 -49.34 14.98 -4.42
N ARG D 219 -49.32 14.92 -5.75
CA ARG D 219 -49.95 15.90 -6.65
C ARG D 219 -51.04 15.20 -7.44
N ASP D 220 -52.33 15.51 -7.14
CA ASP D 220 -53.51 14.81 -7.68
C ASP D 220 -53.40 13.29 -7.40
N GLY D 221 -52.94 12.91 -6.17
CA GLY D 221 -52.85 11.49 -5.74
C GLY D 221 -51.68 10.69 -6.36
N GLU D 222 -50.78 11.38 -7.10
CA GLU D 222 -49.54 10.79 -7.69
C GLU D 222 -48.35 11.16 -6.80
N ASP D 223 -47.59 10.15 -6.33
CA ASP D 223 -46.37 10.31 -5.49
C ASP D 223 -45.43 11.34 -6.14
N GLN D 224 -44.94 12.28 -5.36
CA GLN D 224 -43.82 13.20 -5.73
C GLN D 224 -42.47 12.73 -5.12
N THR D 225 -42.18 11.44 -5.29
CA THR D 225 -40.88 10.83 -4.93
C THR D 225 -39.75 11.68 -5.54
N GLN D 226 -39.97 12.26 -6.72
CA GLN D 226 -38.97 13.11 -7.41
C GLN D 226 -38.72 14.46 -6.71
N ASP D 227 -39.72 15.17 -6.15
CA ASP D 227 -39.65 16.66 -5.97
C ASP D 227 -39.78 17.10 -4.50
N THR D 228 -39.77 16.16 -3.54
CA THR D 228 -39.98 16.39 -2.07
C THR D 228 -38.57 16.59 -1.43
N GLU D 229 -38.35 17.69 -0.69
CA GLU D 229 -37.25 17.77 0.30
C GLU D 229 -37.72 17.07 1.58
N LEU D 230 -36.96 16.11 2.07
CA LEU D 230 -37.29 15.22 3.20
C LEU D 230 -36.12 15.23 4.19
N VAL D 231 -36.27 15.77 5.40
CA VAL D 231 -35.20 15.67 6.45
C VAL D 231 -35.27 14.32 7.16
N GLU D 232 -34.14 13.83 7.65
CA GLU D 232 -34.08 12.57 8.45
C GLU D 232 -34.88 12.80 9.73
N THR D 233 -35.54 11.76 10.24
CA THR D 233 -36.23 11.75 11.54
C THR D 233 -35.20 12.03 12.62
N ARG D 234 -35.52 12.94 13.55
CA ARG D 234 -34.56 13.59 14.50
C ARG D 234 -35.13 13.57 15.90
N PRO D 235 -34.32 13.35 16.97
CA PRO D 235 -34.83 13.38 18.35
C PRO D 235 -35.17 14.84 18.75
N ALA D 236 -36.28 15.04 19.44
CA ALA D 236 -36.72 16.34 19.99
C ALA D 236 -35.95 16.62 21.28
N GLY D 237 -35.53 15.57 21.96
CA GLY D 237 -34.76 15.65 23.19
C GLY D 237 -35.59 15.29 24.41
N ASP D 238 -36.89 15.02 24.24
CA ASP D 238 -37.85 14.74 25.36
C ASP D 238 -38.36 13.29 25.24
N GLY D 239 -37.70 12.44 24.49
CA GLY D 239 -38.15 11.06 24.19
C GLY D 239 -39.02 10.98 22.94
N THR D 240 -39.39 12.10 22.30
CA THR D 240 -40.20 12.09 21.05
C THR D 240 -39.33 12.45 19.83
N PHE D 241 -39.90 12.33 18.64
CA PHE D 241 -39.17 12.51 17.35
C PHE D 241 -39.91 13.54 16.50
N GLN D 242 -39.20 14.06 15.49
CA GLN D 242 -39.71 15.11 14.56
C GLN D 242 -39.35 14.73 13.12
N LYS D 243 -40.12 15.19 12.14
CA LYS D 243 -39.77 15.07 10.70
C LYS D 243 -40.57 16.12 9.91
N TRP D 244 -40.08 16.53 8.76
CA TRP D 244 -40.89 17.30 7.81
C TRP D 244 -40.54 16.88 6.40
N ALA D 245 -41.48 17.14 5.49
CA ALA D 245 -41.38 16.94 4.03
C ALA D 245 -41.93 18.22 3.35
N ALA D 246 -41.24 18.73 2.34
CA ALA D 246 -41.60 20.00 1.67
C ALA D 246 -41.63 19.79 0.16
N VAL D 247 -42.46 20.58 -0.52
CA VAL D 247 -42.56 20.62 -1.99
C VAL D 247 -42.74 22.07 -2.41
N VAL D 248 -42.09 22.47 -3.50
CA VAL D 248 -42.18 23.81 -4.12
C VAL D 248 -43.24 23.70 -5.20
N VAL D 249 -44.22 24.58 -5.17
CA VAL D 249 -45.43 24.48 -6.01
C VAL D 249 -45.68 25.83 -6.66
N PRO D 250 -46.34 25.87 -7.84
CA PRO D 250 -46.80 27.14 -8.38
C PRO D 250 -47.86 27.78 -7.46
N SER D 251 -47.79 29.11 -7.25
CA SER D 251 -48.85 29.91 -6.58
C SER D 251 -50.20 29.65 -7.26
N GLY D 252 -51.21 29.22 -6.48
CA GLY D 252 -52.58 28.92 -6.93
C GLY D 252 -52.82 27.43 -7.12
N GLN D 253 -51.78 26.59 -7.04
CA GLN D 253 -51.91 25.12 -7.24
C GLN D 253 -51.77 24.37 -5.90
N GLU D 254 -51.67 25.10 -4.78
CA GLU D 254 -51.43 24.52 -3.41
C GLU D 254 -52.39 23.35 -3.11
N GLN D 255 -53.65 23.49 -3.49
CA GLN D 255 -54.80 22.59 -3.15
C GLN D 255 -54.70 21.24 -3.88
N ARG D 256 -53.84 21.16 -4.93
CA ARG D 256 -53.59 19.95 -5.75
C ARG D 256 -52.63 19.00 -5.02
N TYR D 257 -51.95 19.53 -4.00
CA TYR D 257 -50.89 18.83 -3.26
C TYR D 257 -51.43 18.39 -1.90
N THR D 258 -51.24 17.12 -1.57
CA THR D 258 -51.60 16.50 -0.27
C THR D 258 -50.36 15.92 0.40
N CYS D 259 -50.27 16.07 1.71
CA CYS D 259 -49.27 15.41 2.57
C CYS D 259 -49.88 14.17 3.28
N HIS D 260 -49.23 13.00 3.16
CA HIS D 260 -49.72 11.68 3.65
C HIS D 260 -48.82 11.22 4.79
N VAL D 261 -49.41 10.83 5.92
CA VAL D 261 -48.65 10.54 7.17
C VAL D 261 -49.05 9.15 7.66
N GLN D 262 -48.12 8.22 7.76
CA GLN D 262 -48.37 6.89 8.35
C GLN D 262 -47.57 6.75 9.64
N HIS D 263 -48.19 6.31 10.70
CA HIS D 263 -47.52 6.09 12.01
C HIS D 263 -48.29 5.03 12.78
N GLU D 264 -47.58 4.23 13.58
CA GLU D 264 -48.13 3.18 14.49
C GLU D 264 -49.32 3.73 15.32
N GLY D 265 -49.28 5.00 15.70
CA GLY D 265 -50.22 5.65 16.64
C GLY D 265 -51.44 6.23 15.94
N LEU D 266 -51.45 6.26 14.61
CA LEU D 266 -52.59 6.76 13.80
C LEU D 266 -53.52 5.60 13.43
N PRO D 267 -54.77 5.60 13.94
CA PRO D 267 -55.76 4.60 13.56
C PRO D 267 -55.84 4.49 12.03
N LYS D 268 -55.67 5.63 11.33
CA LYS D 268 -55.70 5.71 9.85
C LYS D 268 -54.60 6.66 9.38
N PRO D 269 -53.98 6.41 8.22
CA PRO D 269 -53.13 7.41 7.58
C PRO D 269 -53.88 8.73 7.27
N LEU D 270 -53.22 9.84 7.58
CA LEU D 270 -53.75 11.23 7.45
C LEU D 270 -53.48 11.72 6.03
N THR D 271 -54.43 12.44 5.46
CA THR D 271 -54.24 13.30 4.27
C THR D 271 -54.38 14.74 4.70
N LEU D 272 -53.37 15.55 4.45
CA LEU D 272 -53.37 16.97 4.86
C LEU D 272 -53.29 17.84 3.63
N ARG D 273 -53.91 19.00 3.74
CA ARG D 273 -54.00 20.02 2.69
C ARG D 273 -53.80 21.37 3.35
N TRP D 274 -53.08 22.28 2.71
CA TRP D 274 -52.96 23.70 3.12
C TRP D 274 -54.38 24.31 3.17
N GLU D 275 -54.82 24.75 4.34
CA GLU D 275 -56.23 25.16 4.62
C GLU D 275 -56.18 26.50 5.36
N PRO D 276 -55.64 27.56 4.71
CA PRO D 276 -55.43 28.86 5.38
C PRO D 276 -56.74 29.57 5.78
N MET E 1 -10.43 1.03 7.11
CA MET E 1 -10.66 2.42 7.62
C MET E 1 -11.85 3.07 6.85
N ILE E 2 -13.04 2.94 7.39
CA ILE E 2 -14.25 3.67 6.93
C ILE E 2 -14.14 5.13 7.36
N GLN E 3 -14.49 6.07 6.50
CA GLN E 3 -14.79 7.48 6.86
C GLN E 3 -16.19 7.83 6.32
N ARG E 4 -17.09 8.28 7.18
N ARG E 4 -17.09 8.30 7.19
CA ARG E 4 -18.43 8.78 6.83
CA ARG E 4 -18.43 8.80 6.82
C ARG E 4 -18.55 10.22 7.31
C ARG E 4 -18.54 10.23 7.30
N THR E 5 -19.01 11.13 6.43
CA THR E 5 -19.17 12.56 6.78
C THR E 5 -20.48 12.72 7.57
N PRO E 6 -20.51 13.56 8.63
CA PRO E 6 -21.74 13.76 9.40
C PRO E 6 -22.89 14.41 8.63
N LYS E 7 -24.10 13.92 8.86
CA LYS E 7 -25.36 14.69 8.63
C LYS E 7 -25.56 15.57 9.85
N ILE E 8 -25.97 16.81 9.63
CA ILE E 8 -26.15 17.85 10.66
C ILE E 8 -27.54 18.42 10.51
N GLN E 9 -28.29 18.51 11.61
CA GLN E 9 -29.58 19.21 11.69
C GLN E 9 -29.56 20.09 12.93
N VAL E 10 -29.91 21.36 12.78
CA VAL E 10 -30.13 22.31 13.91
C VAL E 10 -31.62 22.73 13.94
N TYR E 11 -32.26 22.63 15.10
CA TYR E 11 -33.72 22.75 15.29
C TYR E 11 -34.01 22.93 16.78
N SER E 12 -35.23 23.36 17.08
CA SER E 12 -35.73 23.53 18.46
C SER E 12 -36.57 22.31 18.87
N ARG E 13 -36.64 22.05 20.17
CA ARG E 13 -37.47 20.93 20.70
C ARG E 13 -38.95 21.21 20.42
N HIS E 14 -39.41 22.45 20.63
CA HIS E 14 -40.81 22.89 20.45
C HIS E 14 -40.84 23.98 19.40
N PRO E 15 -41.97 24.17 18.71
CA PRO E 15 -42.11 25.29 17.79
C PRO E 15 -41.68 26.60 18.44
N ALA E 16 -40.86 27.36 17.79
CA ALA E 16 -40.26 28.58 18.35
C ALA E 16 -41.35 29.62 18.55
N GLU E 17 -41.45 30.16 19.75
CA GLU E 17 -42.25 31.36 20.07
C GLU E 17 -41.31 32.36 20.73
N ASN E 18 -41.21 33.56 20.19
CA ASN E 18 -40.32 34.62 20.71
C ASN E 18 -40.65 34.84 22.19
N GLY E 19 -39.64 34.85 23.06
CA GLY E 19 -39.80 35.17 24.49
C GLY E 19 -40.16 33.94 25.31
N LYS E 20 -40.37 32.80 24.66
CA LYS E 20 -40.75 31.53 25.32
C LYS E 20 -39.52 30.62 25.37
N SER E 21 -39.20 30.14 26.55
CA SER E 21 -38.11 29.17 26.82
C SER E 21 -38.29 27.91 25.97
N ASN E 22 -37.18 27.35 25.52
CA ASN E 22 -37.15 26.25 24.52
C ASN E 22 -35.77 25.57 24.58
N PHE E 23 -35.54 24.60 23.72
CA PHE E 23 -34.22 23.95 23.60
C PHE E 23 -33.75 24.05 22.17
N LEU E 24 -32.50 24.42 21.99
CA LEU E 24 -31.85 24.40 20.67
C LEU E 24 -31.01 23.12 20.55
N ASN E 25 -31.22 22.40 19.48
CA ASN E 25 -30.65 21.05 19.24
C ASN E 25 -29.77 21.12 18.01
N CYS E 26 -28.62 20.46 18.08
CA CYS E 26 -27.79 20.11 16.92
C CYS E 26 -27.57 18.61 16.92
N TYR E 27 -28.23 17.93 16.03
CA TYR E 27 -28.15 16.48 15.84
C TYR E 27 -27.15 16.17 14.74
N VAL E 28 -26.14 15.37 15.11
CA VAL E 28 -25.05 14.95 14.20
C VAL E 28 -25.11 13.44 14.12
N SER E 29 -25.19 12.89 12.92
CA SER E 29 -25.38 11.45 12.74
C SER E 29 -24.63 10.95 11.51
N GLY E 30 -24.44 9.65 11.40
CA GLY E 30 -23.96 8.98 10.19
C GLY E 30 -22.47 9.21 9.99
N PHE E 31 -21.72 9.53 11.06
CA PHE E 31 -20.29 9.88 10.92
C PHE E 31 -19.38 8.77 11.45
N HIS E 32 -18.17 8.76 10.92
CA HIS E 32 -17.07 7.85 11.34
C HIS E 32 -15.75 8.43 10.85
N PRO E 33 -14.69 8.49 11.67
CA PRO E 33 -14.72 8.02 13.06
C PRO E 33 -15.39 8.99 14.03
N SER E 34 -15.22 8.75 15.32
CA SER E 34 -16.05 9.33 16.43
C SER E 34 -15.56 10.73 16.80
N ASP E 35 -14.32 11.05 16.59
CA ASP E 35 -13.81 12.40 16.93
C ASP E 35 -14.63 13.39 16.14
N ILE E 36 -15.34 14.29 16.82
CA ILE E 36 -16.14 15.33 16.15
C ILE E 36 -16.23 16.56 17.06
N GLU E 37 -16.18 17.74 16.48
CA GLU E 37 -16.32 19.04 17.18
C GLU E 37 -17.71 19.58 16.85
N VAL E 38 -18.51 19.92 17.86
CA VAL E 38 -19.87 20.49 17.70
C VAL E 38 -20.00 21.66 18.65
N ASP E 39 -20.32 22.86 18.16
CA ASP E 39 -20.65 24.03 19.01
C ASP E 39 -21.98 24.63 18.52
N LEU E 40 -22.77 25.14 19.45
CA LEU E 40 -23.95 25.95 19.14
C LEU E 40 -23.54 27.42 19.20
N LEU E 41 -23.97 28.21 18.23
CA LEU E 41 -23.54 29.64 18.10
C LEU E 41 -24.75 30.56 18.31
N LYS E 42 -24.55 31.66 19.02
CA LYS E 42 -25.51 32.75 19.18
C LYS E 42 -24.87 34.04 18.67
N ASN E 43 -25.41 34.57 17.57
CA ASN E 43 -24.85 35.75 16.83
C ASN E 43 -23.39 35.45 16.52
N GLY E 44 -23.11 34.23 16.03
CA GLY E 44 -21.79 33.76 15.56
C GLY E 44 -20.84 33.44 16.72
N GLU E 45 -21.29 33.53 17.96
CA GLU E 45 -20.47 33.35 19.20
C GLU E 45 -20.86 32.06 19.91
N ARG E 46 -19.90 31.32 20.42
CA ARG E 46 -20.04 30.01 21.08
C ARG E 46 -20.95 30.10 22.31
N ILE E 47 -21.85 29.14 22.45
CA ILE E 47 -22.64 28.90 23.70
C ILE E 47 -21.89 27.88 24.54
N GLU E 48 -21.67 28.20 25.80
CA GLU E 48 -20.88 27.39 26.74
C GLU E 48 -21.77 26.30 27.29
N LYS E 49 -22.97 26.66 27.77
CA LYS E 49 -23.81 25.77 28.60
C LYS E 49 -24.56 24.84 27.65
N VAL E 50 -23.84 23.92 27.04
CA VAL E 50 -24.32 22.95 26.00
C VAL E 50 -24.10 21.57 26.54
N GLU E 51 -25.10 20.71 26.42
CA GLU E 51 -25.02 19.32 26.90
C GLU E 51 -25.11 18.41 25.70
N HIS E 52 -24.66 17.18 25.84
CA HIS E 52 -24.71 16.22 24.72
C HIS E 52 -25.09 14.87 25.27
N SER E 53 -25.79 14.09 24.44
CA SER E 53 -26.05 12.66 24.66
C SER E 53 -24.72 11.86 24.68
N ASP E 54 -24.74 10.66 25.23
CA ASP E 54 -23.56 9.77 25.30
C ASP E 54 -23.41 9.11 23.94
N LEU E 55 -22.21 9.14 23.36
CA LEU E 55 -21.89 8.57 22.03
C LEU E 55 -22.56 7.20 21.88
N SER E 56 -23.33 7.06 20.80
CA SER E 56 -23.90 5.76 20.40
C SER E 56 -23.81 5.61 18.88
N PHE E 57 -24.29 4.51 18.35
CA PHE E 57 -24.16 4.24 16.89
C PHE E 57 -25.34 3.45 16.40
N SER E 58 -25.53 3.50 15.09
CA SER E 58 -26.63 2.87 14.33
C SER E 58 -26.22 1.47 13.86
N LYS E 59 -27.08 0.82 13.08
CA LYS E 59 -26.86 -0.56 12.55
C LYS E 59 -25.58 -0.58 11.71
N ASP E 60 -25.31 0.49 10.95
CA ASP E 60 -24.16 0.56 10.00
C ASP E 60 -22.89 0.98 10.75
N TRP E 61 -22.96 1.09 12.09
CA TRP E 61 -21.83 1.41 13.00
C TRP E 61 -21.53 2.90 12.99
N SER E 62 -22.21 3.71 12.18
CA SER E 62 -21.96 5.17 12.15
C SER E 62 -22.49 5.79 13.46
N PHE E 63 -21.85 6.86 13.92
CA PHE E 63 -22.09 7.47 15.25
C PHE E 63 -23.15 8.55 15.16
N TYR E 64 -23.79 8.84 16.29
CA TYR E 64 -24.74 9.97 16.41
C TYR E 64 -24.62 10.55 17.81
N LEU E 65 -24.82 11.86 17.88
CA LEU E 65 -24.82 12.64 19.13
C LEU E 65 -25.90 13.69 18.98
N LEU E 66 -26.58 14.03 20.07
CA LEU E 66 -27.43 15.23 20.14
C LEU E 66 -26.77 16.22 21.12
N TYR E 67 -26.56 17.44 20.68
CA TYR E 67 -26.07 18.58 21.46
C TYR E 67 -27.26 19.51 21.69
N TYR E 68 -27.45 20.01 22.89
CA TYR E 68 -28.65 20.81 23.20
C TYR E 68 -28.34 21.83 24.29
N THR E 69 -29.05 22.94 24.23
CA THR E 69 -28.89 24.06 25.18
C THR E 69 -30.24 24.73 25.35
N GLU E 70 -30.55 25.17 26.56
CA GLU E 70 -31.74 25.99 26.86
C GLU E 70 -31.52 27.35 26.24
N PHE E 71 -32.52 27.86 25.53
CA PHE E 71 -32.50 29.21 24.94
C PHE E 71 -33.94 29.71 24.82
N THR E 72 -34.08 31.03 24.71
CA THR E 72 -35.35 31.74 24.45
C THR E 72 -35.20 32.47 23.13
N PRO E 73 -35.76 31.95 22.01
CA PRO E 73 -35.63 32.60 20.73
C PRO E 73 -36.22 34.01 20.81
N THR E 74 -35.59 34.96 20.13
CA THR E 74 -36.12 36.33 19.93
C THR E 74 -36.24 36.58 18.44
N GLU E 75 -36.69 37.78 18.08
CA GLU E 75 -36.91 38.21 16.68
C GLU E 75 -35.55 38.49 16.03
N LYS E 76 -34.56 38.92 16.82
CA LYS E 76 -33.26 39.46 16.32
C LYS E 76 -32.16 38.38 16.31
N ASP E 77 -32.10 37.52 17.33
CA ASP E 77 -30.94 36.60 17.58
C ASP E 77 -30.88 35.51 16.50
N GLU E 78 -29.68 35.29 15.94
CA GLU E 78 -29.37 34.21 14.94
C GLU E 78 -28.63 33.06 15.66
N TYR E 79 -29.10 31.84 15.48
CA TYR E 79 -28.49 30.63 16.07
C TYR E 79 -27.93 29.77 14.95
N ALA E 80 -26.92 28.97 15.26
CA ALA E 80 -26.24 28.10 14.28
C ALA E 80 -25.52 26.94 14.98
N CYS E 81 -25.16 25.93 14.22
CA CYS E 81 -24.38 24.77 14.68
C CYS E 81 -23.11 24.72 13.84
N ARG E 82 -21.94 24.73 14.47
CA ARG E 82 -20.63 24.57 13.79
C ARG E 82 -20.12 23.14 14.02
N VAL E 83 -19.82 22.40 12.96
CA VAL E 83 -19.33 21.00 13.08
C VAL E 83 -17.97 20.88 12.38
N ASN E 84 -17.06 20.15 13.01
CA ASN E 84 -15.73 19.82 12.44
C ASN E 84 -15.46 18.34 12.61
N HIS E 85 -14.76 17.74 11.63
CA HIS E 85 -14.60 16.27 11.46
C HIS E 85 -13.55 16.04 10.37
N VAL E 86 -12.82 14.93 10.42
CA VAL E 86 -11.66 14.69 9.51
C VAL E 86 -12.15 14.71 8.06
N THR E 87 -13.43 14.41 7.80
CA THR E 87 -13.99 14.30 6.44
C THR E 87 -14.19 15.69 5.82
N LEU E 88 -14.12 16.77 6.59
CA LEU E 88 -14.52 18.13 6.14
C LEU E 88 -13.27 18.98 5.88
N SER E 89 -13.10 19.45 4.65
CA SER E 89 -11.95 20.31 4.26
C SER E 89 -12.01 21.61 5.09
N GLN E 90 -13.17 21.92 5.67
CA GLN E 90 -13.30 23.02 6.65
C GLN E 90 -14.61 22.86 7.40
N PRO E 91 -14.77 23.57 8.51
CA PRO E 91 -15.96 23.41 9.36
C PRO E 91 -17.26 23.73 8.60
N LYS E 92 -18.33 23.02 8.92
CA LYS E 92 -19.68 23.29 8.34
C LYS E 92 -20.53 24.05 9.37
N ILE E 93 -20.98 25.25 9.01
CA ILE E 93 -21.92 26.05 9.83
C ILE E 93 -23.32 25.90 9.24
N VAL E 94 -24.27 25.40 10.03
CA VAL E 94 -25.71 25.33 9.65
C VAL E 94 -26.51 26.31 10.53
N LYS E 95 -27.11 27.34 9.92
CA LYS E 95 -28.00 28.32 10.61
C LYS E 95 -29.31 27.65 10.99
N TRP E 96 -29.82 27.97 12.17
CA TRP E 96 -31.18 27.60 12.63
C TRP E 96 -32.19 28.39 11.82
N ASP E 97 -33.11 27.70 11.16
CA ASP E 97 -34.37 28.27 10.63
C ASP E 97 -35.53 27.75 11.50
N ARG E 98 -36.33 28.66 12.08
CA ARG E 98 -37.59 28.43 12.87
C ARG E 98 -38.42 27.28 12.28
N ASP E 99 -38.59 27.28 10.96
CA ASP E 99 -39.53 26.38 10.25
C ASP E 99 -38.73 25.28 9.51
N MET E 100 -37.63 24.80 10.06
CA MET E 100 -36.82 23.69 9.46
C MET E 100 -36.22 22.83 10.58
N ASN F 1 -28.75 -4.19 32.98
CA ASN F 1 -27.70 -5.10 33.61
C ASN F 1 -26.72 -5.56 32.53
N LEU F 2 -25.49 -5.09 32.60
CA LEU F 2 -24.37 -5.61 31.76
C LEU F 2 -24.26 -7.13 31.93
N SER F 3 -23.87 -7.83 30.87
CA SER F 3 -23.48 -9.26 30.91
C SER F 3 -22.21 -9.45 31.74
N ALA F 4 -22.12 -10.55 32.45
CA ALA F 4 -20.93 -10.95 33.25
C ALA F 4 -20.23 -12.09 32.52
N LEU F 5 -20.78 -12.46 31.35
CA LEU F 5 -20.43 -13.68 30.57
C LEU F 5 -19.97 -13.28 29.18
N GLY F 6 -19.10 -14.06 28.56
CA GLY F 6 -18.99 -14.11 27.08
C GLY F 6 -18.40 -12.84 26.53
N ILE F 7 -17.73 -12.08 27.39
CA ILE F 7 -16.99 -10.83 27.05
C ILE F 7 -15.50 -11.12 27.15
N PHE F 8 -14.93 -11.65 26.09
CA PHE F 8 -13.58 -12.27 26.03
C PHE F 8 -12.79 -11.46 25.00
N SER F 9 -11.47 -11.43 25.12
CA SER F 9 -10.58 -10.64 24.21
C SER F 9 -10.54 -11.27 22.81
N THR F 10 -10.40 -10.40 21.85
CA THR F 10 -10.28 -10.66 20.40
C THR F 10 -9.02 -11.48 20.10
N GLY G 1 34.31 7.55 -13.08
CA GLY G 1 35.58 7.49 -12.35
C GLY G 1 36.76 7.84 -13.25
N SER G 2 37.97 7.89 -12.67
CA SER G 2 39.23 8.26 -13.35
C SER G 2 39.59 7.21 -14.42
N HIS G 3 40.37 7.60 -15.42
CA HIS G 3 40.93 6.70 -16.46
C HIS G 3 42.39 7.07 -16.74
N SER G 4 43.13 6.15 -17.33
CA SER G 4 44.56 6.34 -17.70
C SER G 4 44.86 5.61 -19.02
N MET G 5 45.78 6.16 -19.79
CA MET G 5 46.51 5.45 -20.85
C MET G 5 47.99 5.47 -20.50
N ARG G 6 48.63 4.31 -20.45
CA ARG G 6 50.07 4.19 -20.05
C ARG G 6 50.80 3.33 -21.07
N TYR G 7 51.98 3.77 -21.46
CA TYR G 7 52.91 2.96 -22.30
C TYR G 7 54.13 2.59 -21.48
N PHE G 8 54.55 1.34 -21.62
CA PHE G 8 55.65 0.70 -20.85
C PHE G 8 56.67 0.16 -21.85
N PHE G 9 57.92 0.59 -21.72
CA PHE G 9 59.02 0.20 -22.62
C PHE G 9 60.15 -0.41 -21.79
N THR G 10 60.59 -1.60 -22.18
CA THR G 10 61.74 -2.32 -21.58
C THR G 10 62.75 -2.63 -22.67
N SER G 11 64.02 -2.25 -22.46
CA SER G 11 65.13 -2.67 -23.35
C SER G 11 66.24 -3.31 -22.53
N VAL G 12 66.71 -4.46 -22.97
CA VAL G 12 67.72 -5.30 -22.27
C VAL G 12 68.87 -5.56 -23.25
N SER G 13 70.07 -5.20 -22.87
CA SER G 13 71.27 -5.45 -23.72
C SER G 13 71.64 -6.93 -23.65
N ARG G 14 72.14 -7.49 -24.73
CA ARG G 14 72.60 -8.90 -24.80
C ARG G 14 74.07 -8.88 -25.22
N PRO G 15 75.00 -8.77 -24.26
CA PRO G 15 76.44 -8.77 -24.55
C PRO G 15 76.88 -9.99 -25.37
N GLY G 16 77.59 -9.76 -26.46
CA GLY G 16 78.10 -10.83 -27.34
C GLY G 16 76.98 -11.61 -28.03
N ARG G 17 75.74 -11.12 -28.00
CA ARG G 17 74.56 -11.82 -28.55
C ARG G 17 73.68 -10.84 -29.36
N GLY G 18 74.20 -9.68 -29.76
CA GLY G 18 73.62 -8.84 -30.83
C GLY G 18 72.69 -7.74 -30.32
N GLU G 19 71.61 -7.47 -31.03
CA GLU G 19 70.67 -6.37 -30.78
C GLU G 19 69.95 -6.58 -29.45
N PRO G 20 69.65 -5.49 -28.74
CA PRO G 20 68.95 -5.58 -27.46
C PRO G 20 67.47 -5.95 -27.60
N ARG G 21 66.95 -6.72 -26.65
CA ARG G 21 65.51 -7.03 -26.53
C ARG G 21 64.78 -5.72 -26.33
N PHE G 22 63.69 -5.50 -27.05
CA PHE G 22 62.86 -4.30 -26.84
C PHE G 22 61.39 -4.73 -26.83
N ILE G 23 60.67 -4.36 -25.77
CA ILE G 23 59.24 -4.70 -25.59
C ILE G 23 58.51 -3.44 -25.19
N ALA G 24 57.45 -3.09 -25.93
CA ALA G 24 56.58 -1.93 -25.69
C ALA G 24 55.17 -2.44 -25.49
N VAL G 25 54.50 -1.96 -24.46
CA VAL G 25 53.14 -2.41 -24.15
C VAL G 25 52.30 -1.20 -23.81
N GLY G 26 51.10 -1.13 -24.36
CA GLY G 26 50.15 -0.03 -24.14
C GLY G 26 48.95 -0.53 -23.39
N TYR G 27 48.50 0.24 -22.40
CA TYR G 27 47.33 -0.08 -21.55
C TYR G 27 46.39 1.13 -21.52
N VAL G 28 45.11 0.90 -21.66
CA VAL G 28 44.07 1.82 -21.15
C VAL G 28 43.57 1.22 -19.84
N ASP G 29 43.71 1.95 -18.72
CA ASP G 29 43.44 1.43 -17.36
C ASP G 29 44.21 0.12 -17.21
N ASP G 30 43.55 -0.99 -16.91
CA ASP G 30 44.22 -2.30 -16.64
C ASP G 30 44.08 -3.23 -17.85
N THR G 31 43.77 -2.69 -19.03
CA THR G 31 43.57 -3.48 -20.27
C THR G 31 44.73 -3.22 -21.24
N GLN G 32 45.50 -4.27 -21.55
CA GLN G 32 46.50 -4.24 -22.64
C GLN G 32 45.76 -4.09 -23.97
N PHE G 33 46.16 -3.15 -24.83
CA PHE G 33 45.54 -2.98 -26.17
C PHE G 33 46.58 -3.08 -27.29
N VAL G 34 47.86 -2.80 -27.02
CA VAL G 34 48.93 -2.89 -28.05
C VAL G 34 50.20 -3.50 -27.45
N ARG G 35 50.98 -4.11 -28.32
CA ARG G 35 52.28 -4.74 -28.00
C ARG G 35 53.23 -4.55 -29.18
N PHE G 36 54.51 -4.41 -28.89
CA PHE G 36 55.62 -4.63 -29.83
C PHE G 36 56.70 -5.46 -29.14
N ASP G 37 57.21 -6.49 -29.81
CA ASP G 37 58.29 -7.37 -29.29
C ASP G 37 59.29 -7.63 -30.40
N SER G 38 60.54 -7.20 -30.21
CA SER G 38 61.65 -7.31 -31.18
C SER G 38 61.92 -8.78 -31.50
N ASP G 39 61.50 -9.71 -30.64
CA ASP G 39 61.75 -11.17 -30.79
C ASP G 39 60.59 -11.87 -31.52
N ALA G 40 59.58 -11.13 -31.99
CA ALA G 40 58.35 -11.69 -32.59
C ALA G 40 58.43 -11.66 -34.13
N ALA G 41 57.61 -12.45 -34.78
CA ALA G 41 57.57 -12.59 -36.26
C ALA G 41 57.40 -11.21 -36.92
N SER G 42 56.38 -10.44 -36.52
CA SER G 42 55.77 -9.38 -37.37
C SER G 42 56.70 -8.17 -37.51
N GLN G 43 57.48 -7.84 -36.49
CA GLN G 43 58.28 -6.58 -36.44
C GLN G 43 57.35 -5.38 -36.66
N ARG G 44 56.12 -5.48 -36.16
CA ARG G 44 55.05 -4.46 -36.28
C ARG G 44 54.43 -4.26 -34.91
N MET G 45 53.81 -3.11 -34.69
CA MET G 45 52.90 -2.91 -33.53
C MET G 45 51.65 -3.76 -33.77
N GLU G 46 51.24 -4.54 -32.77
CA GLU G 46 50.16 -5.55 -32.88
C GLU G 46 49.02 -5.18 -31.94
N PRO G 47 47.75 -5.44 -32.34
CA PRO G 47 46.60 -5.24 -31.46
C PRO G 47 46.48 -6.36 -30.42
N ARG G 48 45.96 -6.05 -29.24
CA ARG G 48 45.78 -7.04 -28.13
C ARG G 48 44.42 -6.84 -27.45
N ALA G 49 43.51 -6.07 -28.04
CA ALA G 49 42.12 -5.90 -27.57
C ALA G 49 41.19 -5.82 -28.78
N PRO G 50 39.91 -6.29 -28.66
CA PRO G 50 38.96 -6.21 -29.76
C PRO G 50 38.87 -4.81 -30.41
N TRP G 51 38.78 -3.77 -29.59
CA TRP G 51 38.30 -2.41 -30.00
C TRP G 51 39.41 -1.58 -30.68
N ILE G 52 40.65 -2.07 -30.71
CA ILE G 52 41.75 -1.37 -31.41
C ILE G 52 41.92 -1.96 -32.82
N GLU G 53 41.48 -3.19 -33.04
CA GLU G 53 41.58 -3.89 -34.36
C GLU G 53 40.91 -3.07 -35.47
N GLN G 54 39.93 -2.22 -35.13
CA GLN G 54 39.11 -1.44 -36.11
C GLN G 54 39.87 -0.21 -36.65
N GLU G 55 41.11 0.05 -36.21
CA GLU G 55 41.89 1.22 -36.68
C GLU G 55 42.50 0.87 -38.03
N GLY G 56 42.63 1.85 -38.93
CA GLY G 56 43.02 1.63 -40.33
C GLY G 56 44.51 1.34 -40.45
N PRO G 57 45.00 0.95 -41.65
CA PRO G 57 46.43 0.68 -41.84
C PRO G 57 47.34 1.88 -41.55
N GLU G 58 46.80 3.11 -41.60
CA GLU G 58 47.54 4.38 -41.29
C GLU G 58 47.96 4.36 -39.81
N TYR G 59 47.05 3.96 -38.93
CA TYR G 59 47.29 3.85 -37.47
C TYR G 59 48.47 2.92 -37.23
N TRP G 60 48.41 1.70 -37.77
CA TRP G 60 49.37 0.60 -37.51
C TRP G 60 50.72 0.93 -38.13
N ASP G 61 50.75 1.53 -39.33
CA ASP G 61 52.00 2.03 -39.98
C ASP G 61 52.61 3.10 -39.09
N GLY G 62 51.81 4.06 -38.62
CA GLY G 62 52.25 5.16 -37.73
C GLY G 62 52.79 4.65 -36.41
N GLU G 63 52.06 3.77 -35.74
CA GLU G 63 52.46 3.21 -34.43
C GLU G 63 53.72 2.38 -34.62
N THR G 64 53.86 1.67 -35.74
CA THR G 64 55.05 0.82 -36.03
C THR G 64 56.29 1.70 -36.25
N ARG G 65 56.16 2.78 -37.00
CA ARG G 65 57.27 3.74 -37.25
C ARG G 65 57.75 4.30 -35.90
N LYS G 66 56.80 4.65 -35.03
CA LYS G 66 57.06 5.37 -33.75
C LYS G 66 57.68 4.41 -32.73
N VAL G 67 57.17 3.18 -32.62
CA VAL G 67 57.70 2.21 -31.62
C VAL G 67 59.13 1.81 -32.04
N LYS G 68 59.40 1.75 -33.33
CA LYS G 68 60.76 1.48 -33.85
C LYS G 68 61.70 2.66 -33.52
N ALA G 69 61.19 3.90 -33.60
CA ALA G 69 61.94 5.12 -33.23
C ALA G 69 62.30 5.05 -31.73
N HIS G 70 61.34 4.65 -30.89
CA HIS G 70 61.56 4.43 -29.44
C HIS G 70 62.66 3.40 -29.26
N SER G 71 62.53 2.26 -29.94
CA SER G 71 63.51 1.14 -29.94
C SER G 71 64.92 1.67 -30.25
N GLN G 72 65.04 2.55 -31.25
CA GLN G 72 66.34 3.09 -31.70
C GLN G 72 66.93 3.98 -30.61
N THR G 73 66.12 4.80 -29.96
CA THR G 73 66.56 5.69 -28.87
C THR G 73 67.10 4.84 -27.72
N HIS G 74 66.37 3.80 -27.33
CA HIS G 74 66.76 2.90 -26.20
C HIS G 74 68.05 2.15 -26.55
N ARG G 75 68.26 1.81 -27.82
CA ARG G 75 69.48 1.12 -28.30
C ARG G 75 70.68 2.05 -28.09
N VAL G 76 70.54 3.33 -28.42
CA VAL G 76 71.58 4.36 -28.18
C VAL G 76 71.76 4.55 -26.66
N ASP G 77 70.66 4.66 -25.92
CA ASP G 77 70.68 4.88 -24.44
C ASP G 77 71.53 3.82 -23.77
N LEU G 78 71.36 2.56 -24.15
CA LEU G 78 72.09 1.45 -23.49
C LEU G 78 73.61 1.69 -23.62
N GLY G 79 74.09 2.08 -24.80
CA GLY G 79 75.51 2.38 -25.03
C GLY G 79 75.94 3.59 -24.24
N THR G 80 75.14 4.64 -24.21
CA THR G 80 75.44 5.92 -23.49
C THR G 80 75.54 5.65 -22.00
N LEU G 81 74.58 4.95 -21.43
CA LEU G 81 74.52 4.69 -19.97
C LEU G 81 75.65 3.74 -19.56
N ARG G 82 75.99 2.74 -20.37
CA ARG G 82 77.21 1.88 -20.17
C ARG G 82 78.45 2.79 -19.99
N GLY G 83 78.58 3.81 -20.84
CA GLY G 83 79.65 4.82 -20.79
C GLY G 83 79.58 5.65 -19.53
N TYR G 84 78.41 6.25 -19.25
CA TYR G 84 78.21 7.18 -18.12
C TYR G 84 78.66 6.49 -16.84
N TYR G 85 78.35 5.21 -16.67
CA TYR G 85 78.66 4.45 -15.43
C TYR G 85 79.93 3.61 -15.57
N ASN G 86 80.66 3.73 -16.68
CA ASN G 86 81.87 2.96 -17.07
C ASN G 86 81.72 1.47 -16.72
N GLN G 87 80.64 0.84 -17.15
CA GLN G 87 80.42 -0.61 -16.89
C GLN G 87 81.06 -1.42 -18.02
N SER G 88 81.43 -2.67 -17.77
CA SER G 88 82.01 -3.55 -18.82
C SER G 88 80.94 -3.90 -19.84
N GLU G 89 81.38 -4.33 -21.01
CA GLU G 89 80.51 -4.74 -22.14
C GLU G 89 80.07 -6.20 -21.94
N ALA G 90 80.48 -6.82 -20.84
CA ALA G 90 80.24 -8.24 -20.48
C ALA G 90 78.86 -8.39 -19.86
N GLY G 91 78.33 -7.36 -19.21
CA GLY G 91 77.12 -7.44 -18.39
C GLY G 91 75.88 -6.97 -19.13
N SER G 92 74.75 -7.62 -18.87
CA SER G 92 73.43 -7.18 -19.35
C SER G 92 72.90 -6.03 -18.50
N HIS G 93 72.39 -4.98 -19.13
CA HIS G 93 71.74 -3.84 -18.45
C HIS G 93 70.34 -3.63 -19.00
N THR G 94 69.52 -2.92 -18.23
CA THR G 94 68.08 -2.73 -18.46
C THR G 94 67.75 -1.25 -18.46
N VAL G 95 67.03 -0.80 -19.49
CA VAL G 95 66.40 0.54 -19.54
C VAL G 95 64.89 0.34 -19.55
N GLN G 96 64.18 1.06 -18.70
CA GLN G 96 62.70 1.06 -18.60
C GLN G 96 62.22 2.50 -18.71
N ARG G 97 61.15 2.69 -19.49
CA ARG G 97 60.45 3.98 -19.70
C ARG G 97 58.94 3.74 -19.62
N MET G 98 58.26 4.66 -18.95
CA MET G 98 56.79 4.64 -18.68
C MET G 98 56.29 6.08 -18.83
N TYR G 99 55.30 6.30 -19.68
CA TYR G 99 54.63 7.61 -19.79
C TYR G 99 53.15 7.42 -20.11
N GLY G 100 52.37 8.47 -19.83
CA GLY G 100 50.92 8.46 -19.98
C GLY G 100 50.25 9.56 -19.19
N CYS G 101 48.92 9.57 -19.25
CA CYS G 101 48.04 10.65 -18.76
C CYS G 101 46.87 10.02 -18.02
N ASP G 102 46.45 10.65 -16.92
CA ASP G 102 45.18 10.37 -16.21
C ASP G 102 44.13 11.40 -16.63
N VAL G 103 42.88 10.96 -16.80
CA VAL G 103 41.69 11.85 -16.89
C VAL G 103 40.76 11.50 -15.73
N GLY G 104 40.10 12.53 -15.16
CA GLY G 104 38.99 12.38 -14.19
C GLY G 104 37.71 11.94 -14.89
N SER G 105 36.62 11.80 -14.13
CA SER G 105 35.32 11.26 -14.61
C SER G 105 34.76 12.10 -15.77
N ASP G 106 35.20 13.36 -15.89
CA ASP G 106 34.79 14.31 -16.96
C ASP G 106 35.65 14.08 -18.22
N TRP G 107 36.65 13.18 -18.16
CA TRP G 107 37.59 12.83 -19.26
C TRP G 107 38.49 14.04 -19.63
N ARG G 108 38.65 15.00 -18.72
CA ARG G 108 39.62 16.14 -18.86
C ARG G 108 40.96 15.73 -18.23
N PHE G 109 42.04 16.42 -18.59
CA PHE G 109 43.42 16.17 -18.12
C PHE G 109 43.50 16.33 -16.59
N LEU G 110 44.22 15.43 -15.90
CA LEU G 110 44.40 15.40 -14.42
C LEU G 110 45.91 15.43 -14.08
N ARG G 111 46.69 14.44 -14.56
CA ARG G 111 48.17 14.48 -14.51
C ARG G 111 48.76 13.75 -15.72
N GLY G 112 49.98 14.15 -16.09
CA GLY G 112 50.89 13.42 -16.97
C GLY G 112 52.13 12.99 -16.22
N TYR G 113 52.83 11.99 -16.73
CA TYR G 113 54.05 11.44 -16.09
C TYR G 113 54.95 10.87 -17.20
N HIS G 114 56.24 10.97 -17.00
CA HIS G 114 57.28 10.34 -17.83
C HIS G 114 58.44 10.00 -16.92
N GLN G 115 58.69 8.71 -16.74
CA GLN G 115 59.66 8.15 -15.80
C GLN G 115 60.59 7.23 -16.58
N TYR G 116 61.86 7.20 -16.18
CA TYR G 116 62.96 6.47 -16.86
C TYR G 116 63.81 5.84 -15.78
N ALA G 117 64.11 4.57 -15.94
CA ALA G 117 64.93 3.81 -14.96
C ALA G 117 66.06 3.11 -15.71
N TYR G 118 67.20 3.00 -15.04
CA TYR G 118 68.39 2.23 -15.47
C TYR G 118 68.65 1.16 -14.42
N ASP G 119 68.67 -0.10 -14.85
CA ASP G 119 68.97 -1.26 -13.96
C ASP G 119 68.05 -1.22 -12.76
N GLY G 120 66.76 -0.97 -12.98
CA GLY G 120 65.71 -1.17 -11.96
C GLY G 120 65.56 0.00 -11.01
N LYS G 121 66.22 1.13 -11.30
CA LYS G 121 66.38 2.26 -10.35
C LYS G 121 66.01 3.54 -11.08
N ASP G 122 65.28 4.43 -10.43
CA ASP G 122 65.01 5.81 -10.90
C ASP G 122 66.29 6.39 -11.47
N TYR G 123 66.22 6.89 -12.68
CA TYR G 123 67.33 7.61 -13.37
C TYR G 123 66.93 9.08 -13.51
N ILE G 124 65.85 9.34 -14.25
CA ILE G 124 65.30 10.71 -14.44
C ILE G 124 63.78 10.63 -14.61
N ALA G 125 63.05 11.52 -13.93
CA ALA G 125 61.57 11.61 -13.91
C ALA G 125 61.11 13.05 -14.13
N LEU G 126 60.08 13.23 -14.96
CA LEU G 126 59.38 14.52 -15.15
C LEU G 126 58.49 14.74 -13.95
N LYS G 127 58.53 15.95 -13.39
CA LYS G 127 57.80 16.35 -12.17
C LYS G 127 56.31 16.61 -12.50
N GLU G 128 55.48 16.73 -11.45
CA GLU G 128 54.02 16.96 -11.53
C GLU G 128 53.74 18.12 -12.52
N ASP G 129 54.49 19.22 -12.42
CA ASP G 129 54.31 20.47 -13.21
C ASP G 129 54.62 20.26 -14.71
N LEU G 130 55.32 19.18 -15.08
CA LEU G 130 55.66 18.82 -16.50
C LEU G 130 56.58 19.88 -17.12
N ARG G 131 57.37 20.60 -16.32
CA ARG G 131 58.32 21.63 -16.81
C ARG G 131 59.76 21.37 -16.30
N SER G 132 59.94 20.49 -15.31
CA SER G 132 61.24 20.28 -14.62
C SER G 132 61.46 18.80 -14.32
N TRP G 133 62.72 18.45 -14.05
CA TRP G 133 63.22 17.06 -13.97
C TRP G 133 63.78 16.82 -12.58
N THR G 134 63.58 15.60 -12.06
CA THR G 134 64.34 15.00 -10.93
C THR G 134 65.35 14.01 -11.51
N ALA G 135 66.64 14.27 -11.29
CA ALA G 135 67.78 13.38 -11.64
C ALA G 135 68.26 12.67 -10.37
N ALA G 136 68.52 11.36 -10.48
CA ALA G 136 68.83 10.45 -9.35
C ALA G 136 70.28 10.65 -8.85
N ASP G 137 71.19 11.04 -9.73
CA ASP G 137 72.66 11.01 -9.48
C ASP G 137 73.35 11.94 -10.48
N MET G 138 74.67 12.03 -10.40
N MET G 138 74.67 12.03 -10.40
CA MET G 138 75.51 12.98 -11.18
CA MET G 138 75.49 12.99 -11.19
C MET G 138 75.47 12.59 -12.68
C MET G 138 75.48 12.59 -12.68
N ALA G 139 75.31 11.31 -13.01
CA ALA G 139 75.21 10.85 -14.42
C ALA G 139 73.87 11.30 -15.03
N ALA G 140 72.78 11.17 -14.29
CA ALA G 140 71.43 11.63 -14.70
C ALA G 140 71.42 13.16 -14.80
N GLN G 141 72.31 13.85 -14.08
CA GLN G 141 72.45 15.33 -14.22
C GLN G 141 72.89 15.64 -15.65
N THR G 142 73.80 14.84 -16.24
CA THR G 142 74.26 14.97 -17.65
C THR G 142 73.04 14.90 -18.58
N THR G 143 72.22 13.87 -18.43
CA THR G 143 70.98 13.70 -19.22
C THR G 143 70.08 14.92 -19.02
N LYS G 144 69.87 15.31 -17.77
CA LYS G 144 68.96 16.42 -17.40
C LYS G 144 69.37 17.69 -18.15
N HIS G 145 70.66 18.00 -18.24
CA HIS G 145 71.16 19.22 -18.93
C HIS G 145 70.90 19.08 -20.44
N LYS G 146 71.12 17.89 -20.99
CA LYS G 146 70.91 17.61 -22.44
C LYS G 146 69.43 17.82 -22.78
N TRP G 147 68.53 17.35 -21.91
CA TRP G 147 67.05 17.37 -22.07
C TRP G 147 66.49 18.78 -21.89
N GLU G 148 67.12 19.60 -21.05
CA GLU G 148 66.76 21.04 -20.83
C GLU G 148 67.18 21.85 -22.07
N ALA G 149 68.33 21.52 -22.66
CA ALA G 149 68.87 22.16 -23.89
C ALA G 149 67.93 21.89 -25.07
N ALA G 150 67.40 20.67 -25.16
CA ALA G 150 66.52 20.20 -26.24
C ALA G 150 65.05 20.46 -25.91
N HIS G 151 64.75 21.05 -24.75
CA HIS G 151 63.38 21.44 -24.31
C HIS G 151 62.46 20.21 -24.33
N VAL G 152 62.96 19.07 -23.83
CA VAL G 152 62.23 17.77 -23.87
C VAL G 152 60.97 17.86 -23.01
N ALA G 153 60.99 18.63 -21.92
CA ALA G 153 59.86 18.77 -20.97
C ALA G 153 58.67 19.39 -21.70
N GLU G 154 58.91 20.47 -22.44
CA GLU G 154 57.90 21.17 -23.26
C GLU G 154 57.27 20.17 -24.23
N GLN G 155 58.09 19.34 -24.89
CA GLN G 155 57.64 18.40 -25.93
C GLN G 155 56.66 17.40 -25.32
N LEU G 156 57.05 16.79 -24.19
CA LEU G 156 56.23 15.79 -23.46
C LEU G 156 54.96 16.45 -22.90
N ARG G 157 55.05 17.65 -22.30
CA ARG G 157 53.88 18.40 -21.78
C ARG G 157 52.80 18.44 -22.88
N ALA G 158 53.21 18.78 -24.11
CA ALA G 158 52.32 18.92 -25.29
C ALA G 158 51.65 17.57 -25.64
N TYR G 159 52.39 16.46 -25.62
CA TYR G 159 51.83 15.11 -25.89
C TYR G 159 50.84 14.74 -24.79
N LEU G 160 51.26 14.92 -23.53
CA LEU G 160 50.53 14.48 -22.31
C LEU G 160 49.24 15.28 -22.10
N GLU G 161 49.22 16.58 -22.42
CA GLU G 161 48.05 17.48 -22.26
C GLU G 161 47.17 17.46 -23.53
N GLY G 162 47.76 17.10 -24.68
CA GLY G 162 47.09 17.07 -26.00
C GLY G 162 46.82 15.65 -26.45
N THR G 163 47.66 15.13 -27.35
CA THR G 163 47.48 13.85 -28.07
C THR G 163 47.12 12.71 -27.10
N CYS G 164 47.76 12.64 -25.93
CA CYS G 164 47.57 11.54 -24.94
C CYS G 164 46.09 11.43 -24.56
N VAL G 165 45.48 12.52 -24.07
CA VAL G 165 44.08 12.52 -23.52
C VAL G 165 43.08 12.34 -24.67
N GLU G 166 43.37 12.95 -25.82
CA GLU G 166 42.46 12.97 -26.99
C GLU G 166 42.32 11.55 -27.56
N TRP G 167 43.39 10.75 -27.56
CA TRP G 167 43.34 9.34 -28.03
C TRP G 167 42.82 8.42 -26.92
N LEU G 168 42.98 8.82 -25.65
CA LEU G 168 42.40 8.08 -24.50
C LEU G 168 40.87 8.12 -24.62
N ARG G 169 40.30 9.32 -24.82
CA ARG G 169 38.84 9.53 -24.99
C ARG G 169 38.32 8.65 -26.14
N ARG G 170 38.95 8.74 -27.31
CA ARG G 170 38.61 7.92 -28.49
C ARG G 170 38.55 6.44 -28.08
N TYR G 171 39.63 5.92 -27.47
CA TYR G 171 39.76 4.50 -27.07
C TYR G 171 38.61 4.13 -26.13
N LEU G 172 38.26 5.03 -25.20
CA LEU G 172 37.17 4.81 -24.21
C LEU G 172 35.83 4.68 -24.95
N GLU G 173 35.57 5.57 -25.92
CA GLU G 173 34.34 5.56 -26.75
C GLU G 173 34.32 4.25 -27.57
N ASN G 174 35.34 3.99 -28.37
CA ASN G 174 35.40 2.80 -29.27
C ASN G 174 35.31 1.51 -28.46
N GLY G 175 35.89 1.50 -27.25
CA GLY G 175 35.92 0.32 -26.36
C GLY G 175 34.89 0.42 -25.25
N LYS G 176 33.79 1.16 -25.44
CA LYS G 176 32.78 1.44 -24.40
C LYS G 176 32.39 0.14 -23.68
N GLU G 177 32.16 -0.95 -24.42
CA GLU G 177 31.63 -2.22 -23.88
C GLU G 177 32.64 -2.87 -22.91
N THR G 178 33.95 -2.69 -23.15
CA THR G 178 35.07 -3.30 -22.38
C THR G 178 35.54 -2.32 -21.29
N LEU G 179 35.98 -1.12 -21.67
CA LEU G 179 36.79 -0.19 -20.84
C LEU G 179 35.91 0.56 -19.83
N GLN G 180 34.64 0.83 -20.15
CA GLN G 180 33.75 1.67 -19.29
C GLN G 180 32.87 0.77 -18.41
N ARG G 181 33.05 -0.55 -18.50
CA ARG G 181 32.39 -1.53 -17.60
C ARG G 181 33.18 -1.59 -16.28
N THR G 182 32.48 -1.95 -15.22
CA THR G 182 33.03 -2.39 -13.92
C THR G 182 32.46 -3.80 -13.68
N ASP G 183 33.29 -4.75 -13.30
CA ASP G 183 32.81 -6.07 -12.82
C ASP G 183 33.00 -6.13 -11.30
N ALA G 184 31.91 -6.18 -10.55
CA ALA G 184 31.92 -6.39 -9.09
C ALA G 184 32.65 -7.70 -8.81
N PRO G 185 33.47 -7.77 -7.75
CA PRO G 185 33.97 -9.05 -7.26
C PRO G 185 32.82 -10.00 -6.87
N LYS G 186 32.83 -11.21 -7.42
CA LYS G 186 32.16 -12.39 -6.81
C LYS G 186 33.04 -12.86 -5.64
N THR G 187 32.47 -12.99 -4.46
CA THR G 187 33.22 -13.28 -3.20
C THR G 187 32.74 -14.60 -2.58
N HIS G 188 33.61 -15.27 -1.85
CA HIS G 188 33.28 -16.47 -1.03
C HIS G 188 34.43 -16.67 -0.06
N MET G 189 34.25 -17.52 0.93
CA MET G 189 35.25 -17.80 1.97
C MET G 189 35.48 -19.30 2.00
N THR G 190 36.72 -19.71 2.28
CA THR G 190 37.09 -21.13 2.49
C THR G 190 37.81 -21.26 3.82
N HIS G 191 37.80 -22.46 4.35
CA HIS G 191 38.27 -22.82 5.71
C HIS G 191 39.10 -24.08 5.57
N HIS G 192 40.32 -24.06 6.12
CA HIS G 192 41.26 -25.20 6.16
C HIS G 192 41.80 -25.38 7.57
N ALA G 193 41.90 -26.62 8.03
CA ALA G 193 42.77 -27.01 9.16
C ALA G 193 44.20 -26.60 8.83
N VAL G 194 44.87 -25.93 9.77
CA VAL G 194 46.33 -25.62 9.69
C VAL G 194 47.06 -26.45 10.75
N SER G 195 46.39 -26.74 11.89
CA SER G 195 46.77 -27.71 12.95
C SER G 195 45.48 -28.19 13.64
N ASP G 196 45.56 -28.79 14.83
CA ASP G 196 44.36 -29.26 15.59
C ASP G 196 43.73 -28.08 16.34
N HIS G 197 44.42 -26.92 16.42
CA HIS G 197 43.98 -25.76 17.27
C HIS G 197 43.92 -24.46 16.45
N GLU G 198 44.28 -24.48 15.18
CA GLU G 198 44.26 -23.27 14.31
C GLU G 198 43.64 -23.62 12.96
N ALA G 199 43.23 -22.60 12.24
CA ALA G 199 42.52 -22.74 10.96
C ALA G 199 42.80 -21.52 10.09
N THR G 200 42.84 -21.72 8.79
CA THR G 200 42.93 -20.62 7.81
C THR G 200 41.53 -20.27 7.34
N LEU G 201 41.22 -18.99 7.38
CA LEU G 201 40.09 -18.40 6.64
C LEU G 201 40.65 -17.69 5.43
N ARG G 202 40.20 -18.08 4.23
CA ARG G 202 40.63 -17.46 2.96
C ARG G 202 39.40 -16.76 2.35
N CYS G 203 39.50 -15.44 2.26
CA CYS G 203 38.53 -14.54 1.65
C CYS G 203 38.94 -14.29 0.20
N TRP G 204 38.01 -14.61 -0.73
CA TRP G 204 38.26 -14.64 -2.17
C TRP G 204 37.52 -13.49 -2.85
N ALA G 205 38.18 -12.81 -3.77
CA ALA G 205 37.54 -11.87 -4.73
C ALA G 205 37.92 -12.29 -6.14
N LEU G 206 36.92 -12.68 -6.96
CA LEU G 206 37.13 -13.28 -8.31
C LEU G 206 36.45 -12.43 -9.38
N SER G 207 36.93 -12.53 -10.61
CA SER G 207 36.26 -12.01 -11.85
C SER G 207 35.93 -10.51 -11.69
N PHE G 208 36.83 -9.71 -11.09
CA PHE G 208 36.59 -8.25 -10.87
C PHE G 208 37.44 -7.40 -11.84
N TYR G 209 36.99 -6.17 -12.08
CA TYR G 209 37.64 -5.16 -12.96
C TYR G 209 37.10 -3.78 -12.60
N PRO G 210 37.97 -2.75 -12.44
CA PRO G 210 39.41 -2.88 -12.62
C PRO G 210 40.13 -3.61 -11.45
N ALA G 211 41.47 -3.60 -11.50
CA ALA G 211 42.38 -4.36 -10.59
C ALA G 211 42.30 -3.79 -9.16
N GLU G 212 42.21 -2.47 -9.00
CA GLU G 212 42.28 -1.84 -7.65
C GLU G 212 41.19 -2.46 -6.75
N ILE G 213 41.61 -2.95 -5.59
CA ILE G 213 40.73 -3.64 -4.61
C ILE G 213 41.38 -3.56 -3.23
N THR G 214 40.57 -3.52 -2.17
CA THR G 214 41.02 -3.66 -0.77
C THR G 214 40.31 -4.86 -0.14
N LEU G 215 41.07 -5.85 0.31
CA LEU G 215 40.58 -6.92 1.21
C LEU G 215 41.23 -6.72 2.57
N THR G 216 40.44 -6.54 3.63
CA THR G 216 40.92 -6.38 5.02
C THR G 216 40.17 -7.36 5.94
N TRP G 217 40.86 -7.87 6.96
CA TRP G 217 40.29 -8.72 8.02
C TRP G 217 40.04 -7.88 9.27
N GLN G 218 38.97 -8.17 10.01
CA GLN G 218 38.66 -7.59 11.33
C GLN G 218 38.41 -8.74 12.33
N ARG G 219 38.84 -8.55 13.57
CA ARG G 219 38.55 -9.45 14.70
C ARG G 219 37.78 -8.64 15.75
N ASP G 220 36.48 -8.93 15.91
CA ASP G 220 35.57 -8.22 16.85
C ASP G 220 35.55 -6.73 16.46
N GLY G 221 35.48 -6.43 15.15
CA GLY G 221 35.36 -5.08 14.59
C GLY G 221 36.68 -4.32 14.48
N GLU G 222 37.80 -4.87 15.00
CA GLU G 222 39.14 -4.22 15.07
C GLU G 222 40.02 -4.73 13.93
N ASP G 223 40.57 -3.83 13.11
CA ASP G 223 41.46 -4.14 11.95
C ASP G 223 42.57 -5.09 12.41
N GLN G 224 42.78 -6.18 11.68
CA GLN G 224 43.66 -7.31 12.08
C GLN G 224 44.73 -7.49 11.00
N THR G 225 45.97 -7.08 11.28
CA THR G 225 47.14 -7.24 10.38
C THR G 225 47.93 -8.48 10.80
N GLN G 226 47.92 -8.86 12.08
CA GLN G 226 48.72 -10.00 12.61
C GLN G 226 48.11 -11.34 12.13
N ASP G 227 48.97 -12.29 11.74
CA ASP G 227 48.63 -13.66 11.25
C ASP G 227 47.80 -13.59 9.94
N THR G 228 47.94 -12.48 9.19
CA THR G 228 47.31 -12.19 7.87
C THR G 228 48.30 -12.59 6.74
N GLU G 229 47.76 -13.02 5.59
CA GLU G 229 48.47 -13.14 4.31
C GLU G 229 47.59 -12.52 3.23
N LEU G 230 48.17 -11.60 2.45
CA LEU G 230 47.54 -10.95 1.28
C LEU G 230 48.40 -11.24 0.05
N VAL G 231 47.91 -11.98 -0.95
CA VAL G 231 48.62 -12.17 -2.25
C VAL G 231 48.40 -10.95 -3.14
N GLU G 232 49.35 -10.64 -4.01
CA GLU G 232 49.21 -9.60 -5.06
C GLU G 232 47.98 -9.88 -5.93
N THR G 233 47.29 -8.83 -6.35
CA THR G 233 46.19 -8.93 -7.34
C THR G 233 46.77 -9.50 -8.63
N ARG G 234 46.11 -10.52 -9.20
CA ARG G 234 46.66 -11.39 -10.28
C ARG G 234 45.66 -11.43 -11.43
N PRO G 235 46.14 -11.42 -12.69
CA PRO G 235 45.26 -11.57 -13.85
C PRO G 235 44.69 -13.00 -13.89
N ALA G 236 43.39 -13.13 -14.18
CA ALA G 236 42.72 -14.44 -14.42
C ALA G 236 43.04 -14.88 -15.85
N GLY G 237 43.29 -13.91 -16.72
CA GLY G 237 43.68 -14.12 -18.11
C GLY G 237 42.54 -13.83 -19.06
N ASP G 238 41.37 -13.43 -18.54
CA ASP G 238 40.14 -13.16 -19.35
C ASP G 238 39.78 -11.67 -19.29
N GLY G 239 40.73 -10.83 -18.89
CA GLY G 239 40.53 -9.38 -18.63
C GLY G 239 40.05 -9.10 -17.21
N THR G 240 39.83 -10.11 -16.37
CA THR G 240 39.44 -9.90 -14.95
C THR G 240 40.60 -10.22 -14.02
N PHE G 241 40.43 -9.87 -12.77
CA PHE G 241 41.49 -9.98 -11.74
C PHE G 241 40.95 -10.82 -10.58
N GLN G 242 41.89 -11.33 -9.78
CA GLN G 242 41.61 -12.18 -8.60
C GLN G 242 42.49 -11.71 -7.46
N LYS G 243 42.09 -11.98 -6.25
CA LYS G 243 42.89 -11.72 -5.04
C LYS G 243 42.31 -12.54 -3.89
N TRP G 244 43.13 -12.86 -2.91
CA TRP G 244 42.63 -13.43 -1.66
C TRP G 244 43.46 -12.85 -0.51
N ALA G 245 42.84 -12.90 0.65
CA ALA G 245 43.39 -12.52 1.96
C ALA G 245 43.03 -13.65 2.95
N ALA G 246 43.98 -14.07 3.75
CA ALA G 246 43.81 -15.17 4.70
C ALA G 246 44.24 -14.70 6.09
N VAL G 247 43.65 -15.34 7.09
CA VAL G 247 43.96 -15.13 8.50
C VAL G 247 44.00 -16.53 9.13
N VAL G 248 44.96 -16.73 10.00
CA VAL G 248 45.08 -17.95 10.85
C VAL G 248 44.38 -17.61 12.16
N VAL G 249 43.42 -18.44 12.56
CA VAL G 249 42.53 -18.17 13.72
C VAL G 249 42.54 -19.38 14.63
N PRO G 250 42.26 -19.20 15.95
CA PRO G 250 42.02 -20.33 16.84
C PRO G 250 40.76 -21.10 16.41
N SER G 251 40.81 -22.45 16.44
CA SER G 251 39.64 -23.36 16.30
C SER G 251 38.49 -22.89 17.22
N GLY G 252 37.31 -22.61 16.66
CA GLY G 252 36.10 -22.19 17.40
C GLY G 252 35.87 -20.68 17.37
N GLN G 253 36.83 -19.89 16.87
CA GLN G 253 36.77 -18.39 16.93
C GLN G 253 36.47 -17.79 15.54
N GLU G 254 36.19 -18.64 14.55
CA GLU G 254 36.05 -18.22 13.11
C GLU G 254 35.06 -17.07 12.97
N GLN G 255 33.95 -17.10 13.73
CA GLN G 255 32.78 -16.18 13.60
C GLN G 255 33.08 -14.83 14.28
N ARG G 256 34.25 -14.67 14.90
CA ARG G 256 34.75 -13.37 15.44
C ARG G 256 35.38 -12.55 14.32
N TYR G 257 35.68 -13.20 13.19
CA TYR G 257 36.49 -12.63 12.09
C TYR G 257 35.58 -12.31 10.91
N THR G 258 35.71 -11.08 10.40
CA THR G 258 35.02 -10.59 9.18
C THR G 258 36.03 -10.17 8.11
N CYS G 259 35.74 -10.50 6.86
CA CYS G 259 36.47 -10.01 5.66
C CYS G 259 35.68 -8.88 4.98
N HIS G 260 36.33 -7.74 4.74
CA HIS G 260 35.75 -6.53 4.12
C HIS G 260 36.35 -6.33 2.72
N VAL G 261 35.50 -6.13 1.73
CA VAL G 261 35.89 -6.02 0.30
C VAL G 261 35.42 -4.67 -0.23
N GLN G 262 36.32 -3.84 -0.69
CA GLN G 262 35.98 -2.55 -1.31
C GLN G 262 36.38 -2.62 -2.78
N HIS G 263 35.48 -2.27 -3.68
CA HIS G 263 35.76 -2.20 -5.13
C HIS G 263 34.89 -1.11 -5.73
N GLU G 264 35.37 -0.46 -6.79
CA GLU G 264 34.63 0.61 -7.54
C GLU G 264 33.24 0.10 -7.95
N GLY G 265 33.09 -1.21 -8.19
CA GLY G 265 31.84 -1.85 -8.70
C GLY G 265 30.82 -2.17 -7.60
N LEU G 266 31.21 -2.07 -6.33
CA LEU G 266 30.32 -2.38 -5.18
C LEU G 266 29.67 -1.09 -4.70
N PRO G 267 28.34 -0.93 -4.86
CA PRO G 267 27.64 0.23 -4.34
C PRO G 267 27.98 0.42 -2.84
N LYS G 268 28.15 -0.70 -2.13
CA LYS G 268 28.41 -0.75 -0.67
C LYS G 268 29.49 -1.80 -0.38
N PRO G 269 30.38 -1.53 0.60
CA PRO G 269 31.36 -2.51 1.02
C PRO G 269 30.72 -3.80 1.57
N LEU G 270 31.24 -4.95 1.15
CA LEU G 270 30.76 -6.30 1.57
C LEU G 270 31.46 -6.71 2.87
N THR G 271 30.73 -7.34 3.77
CA THR G 271 31.26 -8.03 4.95
C THR G 271 30.99 -9.52 4.80
N LEU G 272 32.01 -10.36 4.92
CA LEU G 272 31.86 -11.83 4.85
C LEU G 272 32.26 -12.43 6.20
N ARG G 273 31.61 -13.50 6.61
CA ARG G 273 31.86 -14.20 7.88
C ARG G 273 31.80 -15.71 7.59
N TRP G 274 32.65 -16.52 8.21
CA TRP G 274 32.57 -17.99 8.01
C TRP G 274 31.22 -18.50 8.52
N GLU G 275 30.46 -19.16 7.65
CA GLU G 275 29.29 -19.98 8.06
C GLU G 275 29.47 -21.41 7.55
N PRO G 276 29.70 -22.39 8.47
CA PRO G 276 29.80 -23.80 8.09
C PRO G 276 28.52 -24.39 7.45
N MET H 1 72.74 -1.73 -9.77
CA MET H 1 72.18 -3.05 -10.12
C MET H 1 71.18 -3.51 -9.04
N ILE H 2 69.90 -3.23 -9.22
CA ILE H 2 68.81 -3.81 -8.38
C ILE H 2 68.59 -5.26 -8.81
N GLN H 3 68.46 -6.18 -7.86
CA GLN H 3 67.95 -7.54 -8.07
C GLN H 3 66.76 -7.75 -7.13
N ARG H 4 65.60 -8.13 -7.67
CA ARG H 4 64.42 -8.53 -6.90
C ARG H 4 64.07 -9.97 -7.26
N THR H 5 63.83 -10.79 -6.25
CA THR H 5 63.48 -12.22 -6.45
C THR H 5 62.00 -12.33 -6.81
N PRO H 6 61.60 -13.18 -7.76
CA PRO H 6 60.21 -13.31 -8.16
C PRO H 6 59.28 -13.86 -7.07
N LYS H 7 58.10 -13.26 -6.95
CA LYS H 7 56.94 -13.88 -6.29
C LYS H 7 56.26 -14.76 -7.33
N ILE H 8 55.84 -15.96 -6.95
CA ILE H 8 55.25 -16.97 -7.87
C ILE H 8 53.90 -17.39 -7.32
N GLN H 9 52.88 -17.36 -8.15
CA GLN H 9 51.52 -17.83 -7.83
C GLN H 9 51.06 -18.78 -8.93
N VAL H 10 50.66 -20.00 -8.56
CA VAL H 10 50.06 -20.99 -9.49
C VAL H 10 48.59 -21.21 -9.10
N TYR H 11 47.69 -21.07 -10.07
CA TYR H 11 46.24 -21.07 -9.87
C TYR H 11 45.54 -21.30 -11.20
N SER H 12 44.26 -21.62 -11.13
CA SER H 12 43.36 -21.79 -12.29
C SER H 12 42.56 -20.51 -12.51
N ARG H 13 42.11 -20.29 -13.73
CA ARG H 13 41.27 -19.11 -14.10
C ARG H 13 39.91 -19.21 -13.38
N HIS H 14 39.31 -20.40 -13.34
CA HIS H 14 38.00 -20.68 -12.71
C HIS H 14 38.19 -21.71 -11.61
N PRO H 15 37.30 -21.77 -10.62
CA PRO H 15 37.35 -22.83 -9.62
C PRO H 15 37.48 -24.20 -10.30
N ALA H 16 38.42 -25.00 -9.86
CA ALA H 16 38.71 -26.29 -10.48
C ALA H 16 37.53 -27.23 -10.25
N GLU H 17 37.02 -27.84 -11.31
CA GLU H 17 36.10 -29.01 -11.25
C GLU H 17 36.76 -30.13 -12.06
N ASN H 18 36.93 -31.30 -11.48
CA ASN H 18 37.55 -32.46 -12.18
C ASN H 18 36.76 -32.73 -13.47
N GLY H 19 37.46 -32.86 -14.61
CA GLY H 19 36.87 -33.24 -15.91
C GLY H 19 36.31 -32.02 -16.64
N LYS H 20 36.41 -30.84 -16.05
CA LYS H 20 35.97 -29.57 -16.66
C LYS H 20 37.20 -28.81 -17.14
N SER H 21 37.17 -28.41 -18.40
CA SER H 21 38.15 -27.53 -19.07
C SER H 21 38.33 -26.23 -18.28
N ASN H 22 39.56 -25.73 -18.27
CA ASN H 22 39.99 -24.58 -17.43
C ASN H 22 41.33 -24.06 -17.94
N PHE H 23 41.90 -23.08 -17.26
CA PHE H 23 43.24 -22.56 -17.58
C PHE H 23 44.09 -22.64 -16.34
N LEU H 24 45.31 -23.15 -16.50
CA LEU H 24 46.33 -23.13 -15.44
C LEU H 24 47.25 -21.93 -15.65
N ASN H 25 47.43 -21.16 -14.60
CA ASN H 25 48.15 -19.88 -14.60
C ASN H 25 49.34 -20.01 -13.69
N CYS H 26 50.46 -19.44 -14.12
CA CYS H 26 51.63 -19.13 -13.28
C CYS H 26 51.92 -17.66 -13.39
N TYR H 27 51.62 -16.91 -12.35
CA TYR H 27 51.89 -15.46 -12.26
C TYR H 27 53.22 -15.24 -11.54
N VAL H 28 54.12 -14.53 -12.21
CA VAL H 28 55.47 -14.23 -11.69
C VAL H 28 55.58 -12.73 -11.65
N SER H 29 55.89 -12.18 -10.50
CA SER H 29 55.89 -10.72 -10.31
C SER H 29 57.01 -10.28 -9.40
N GLY H 30 57.28 -8.96 -9.35
CA GLY H 30 58.21 -8.34 -8.40
C GLY H 30 59.64 -8.70 -8.68
N PHE H 31 60.00 -9.08 -9.89
CA PHE H 31 61.38 -9.57 -10.21
C PHE H 31 62.16 -8.53 -11.03
N HIS H 32 63.49 -8.62 -10.91
CA HIS H 32 64.45 -7.80 -11.67
C HIS H 32 65.81 -8.45 -11.56
N PRO H 33 66.61 -8.60 -12.65
CA PRO H 33 66.23 -8.17 -14.00
C PRO H 33 65.23 -9.11 -14.70
N SER H 34 65.01 -8.90 -16.00
CA SER H 34 63.83 -9.39 -16.75
C SER H 34 64.02 -10.84 -17.21
N ASP H 35 65.24 -11.29 -17.41
CA ASP H 35 65.49 -12.66 -17.86
C ASP H 35 64.89 -13.55 -16.77
N ILE H 36 63.96 -14.40 -17.16
CA ILE H 36 63.34 -15.40 -16.24
C ILE H 36 62.93 -16.61 -17.06
N GLU H 37 63.07 -17.80 -16.46
CA GLU H 37 62.57 -19.07 -17.02
C GLU H 37 61.31 -19.45 -16.27
N VAL H 38 60.22 -19.75 -16.97
CA VAL H 38 58.94 -20.22 -16.40
C VAL H 38 58.46 -21.41 -17.22
N ASP H 39 58.26 -22.56 -16.60
CA ASP H 39 57.62 -23.73 -17.23
C ASP H 39 56.44 -24.19 -16.36
N LEU H 40 55.35 -24.61 -16.99
CA LEU H 40 54.25 -25.29 -16.31
C LEU H 40 54.50 -26.78 -16.42
N LEU H 41 54.32 -27.52 -15.33
CA LEU H 41 54.66 -28.96 -15.25
C LEU H 41 53.37 -29.76 -15.05
N LYS H 42 53.28 -30.91 -15.70
CA LYS H 42 52.22 -31.92 -15.51
C LYS H 42 52.91 -33.23 -15.19
N ASN H 43 52.71 -33.71 -13.96
CA ASN H 43 53.36 -34.92 -13.40
C ASN H 43 54.88 -34.76 -13.59
N GLY H 44 55.40 -33.58 -13.25
CA GLY H 44 56.82 -33.23 -13.26
C GLY H 44 57.41 -33.05 -14.68
N GLU H 45 56.56 -33.07 -15.71
CA GLU H 45 56.94 -32.97 -17.14
C GLU H 45 56.47 -31.61 -17.68
N ARG H 46 57.32 -30.95 -18.46
CA ARG H 46 57.09 -29.65 -19.13
C ARG H 46 55.86 -29.72 -20.05
N ILE H 47 55.00 -28.72 -19.97
CA ILE H 47 53.87 -28.52 -20.93
C ILE H 47 54.36 -27.55 -22.01
N GLU H 48 54.18 -27.93 -23.26
CA GLU H 48 54.71 -27.16 -24.42
C GLU H 48 53.76 -26.02 -24.75
N LYS H 49 52.46 -26.31 -24.83
CA LYS H 49 51.48 -25.36 -25.39
C LYS H 49 51.10 -24.40 -24.27
N VAL H 50 52.01 -23.50 -23.95
CA VAL H 50 51.92 -22.47 -22.88
C VAL H 50 52.05 -21.12 -23.54
N GLU H 51 51.24 -20.15 -23.13
CA GLU H 51 51.27 -18.78 -23.69
C GLU H 51 51.68 -17.84 -22.56
N HIS H 52 52.17 -16.65 -22.90
CA HIS H 52 52.54 -15.68 -21.86
C HIS H 52 52.14 -14.30 -22.29
N SER H 53 51.80 -13.48 -21.30
CA SER H 53 51.56 -12.02 -21.44
C SER H 53 52.87 -11.33 -21.88
N ASP H 54 52.75 -10.10 -22.37
CA ASP H 54 53.88 -9.25 -22.76
C ASP H 54 54.47 -8.65 -21.52
N LEU H 55 55.79 -8.78 -21.36
CA LEU H 55 56.54 -8.25 -20.19
C LEU H 55 56.08 -6.83 -19.92
N SER H 56 55.69 -6.55 -18.68
CA SER H 56 55.39 -5.19 -18.20
C SER H 56 55.96 -5.02 -16.79
N PHE H 57 55.77 -3.87 -16.17
CA PHE H 57 56.33 -3.62 -14.83
C PHE H 57 55.43 -2.74 -13.99
N SER H 58 55.64 -2.79 -12.69
CA SER H 58 54.89 -2.07 -11.63
C SER H 58 55.52 -0.72 -11.34
N LYS H 59 54.96 0.01 -10.38
CA LYS H 59 55.43 1.34 -9.92
C LYS H 59 56.91 1.27 -9.52
N ASP H 60 57.34 0.17 -8.88
CA ASP H 60 58.71 0.02 -8.32
C ASP H 60 59.66 -0.48 -9.42
N TRP H 61 59.19 -0.58 -10.66
CA TRP H 61 59.97 -0.99 -11.86
C TRP H 61 60.12 -2.51 -11.95
N SER H 62 59.66 -3.25 -10.94
CA SER H 62 59.78 -4.73 -10.95
C SER H 62 58.81 -5.31 -12.01
N PHE H 63 59.19 -6.42 -12.63
CA PHE H 63 58.53 -7.01 -13.81
C PHE H 63 57.47 -8.00 -13.37
N TYR H 64 56.50 -8.25 -14.25
CA TYR H 64 55.49 -9.30 -14.05
C TYR H 64 55.14 -9.92 -15.41
N LEU H 65 54.84 -11.22 -15.37
CA LEU H 65 54.42 -12.05 -16.52
C LEU H 65 53.36 -13.01 -16.04
N LEU H 66 52.39 -13.33 -16.89
CA LEU H 66 51.44 -14.44 -16.70
C LEU H 66 51.73 -15.50 -17.75
N TYR H 67 51.97 -16.72 -17.32
CA TYR H 67 52.09 -17.93 -18.18
C TYR H 67 50.81 -18.73 -18.00
N TYR H 68 50.22 -19.21 -19.08
CA TYR H 68 48.91 -19.91 -18.98
C TYR H 68 48.78 -20.97 -20.07
N THR H 69 48.04 -22.01 -19.75
CA THR H 69 47.83 -23.16 -20.65
C THR H 69 46.44 -23.73 -20.36
N GLU H 70 45.74 -24.20 -21.39
CA GLU H 70 44.47 -24.95 -21.24
C GLU H 70 44.78 -26.29 -20.61
N PHE H 71 44.01 -26.65 -19.60
CA PHE H 71 44.08 -27.98 -18.95
C PHE H 71 42.70 -28.33 -18.39
N THR H 72 42.50 -29.62 -18.15
CA THR H 72 41.33 -30.21 -17.46
C THR H 72 41.85 -30.86 -16.19
N PRO H 73 41.66 -30.25 -15.01
CA PRO H 73 42.11 -30.87 -13.78
C PRO H 73 41.41 -32.22 -13.61
N THR H 74 42.14 -33.20 -13.09
CA THR H 74 41.62 -34.50 -12.64
C THR H 74 41.98 -34.67 -11.17
N GLU H 75 41.63 -35.80 -10.57
CA GLU H 75 41.91 -36.07 -9.14
C GLU H 75 43.39 -36.45 -8.99
N LYS H 76 43.98 -37.04 -10.04
CA LYS H 76 45.28 -37.76 -10.00
C LYS H 76 46.45 -36.85 -10.45
N ASP H 77 46.24 -36.01 -11.46
CA ASP H 77 47.30 -35.20 -12.13
C ASP H 77 47.80 -34.10 -11.17
N GLU H 78 49.13 -33.97 -11.04
CA GLU H 78 49.83 -32.93 -10.24
C GLU H 78 50.38 -31.86 -11.19
N TYR H 79 50.07 -30.60 -10.94
CA TYR H 79 50.52 -29.46 -11.75
C TYR H 79 51.43 -28.60 -10.91
N ALA H 80 52.35 -27.91 -11.55
CA ALA H 80 53.37 -27.09 -10.88
C ALA H 80 53.92 -26.03 -11.83
N CYS H 81 54.57 -25.04 -11.28
CA CYS H 81 55.26 -23.97 -12.00
C CYS H 81 56.72 -24.00 -11.56
N ARG H 82 57.65 -24.15 -12.50
CA ARG H 82 59.12 -24.14 -12.25
C ARG H 82 59.67 -22.78 -12.70
N VAL H 83 60.30 -22.03 -11.81
CA VAL H 83 60.82 -20.68 -12.13
C VAL H 83 62.33 -20.66 -11.88
N ASN H 84 63.07 -20.08 -12.82
CA ASN H 84 64.52 -19.84 -12.67
C ASN H 84 64.81 -18.37 -12.94
N HIS H 85 65.75 -17.82 -12.17
CA HIS H 85 66.10 -16.38 -12.15
C HIS H 85 67.46 -16.24 -11.46
N VAL H 86 68.23 -15.21 -11.78
CA VAL H 86 69.62 -15.07 -11.25
C VAL H 86 69.60 -15.03 -9.72
N THR H 87 68.50 -14.59 -9.11
CA THR H 87 68.38 -14.39 -7.65
C THR H 87 68.22 -15.72 -6.92
N LEU H 88 67.97 -16.82 -7.64
CA LEU H 88 67.63 -18.14 -7.03
C LEU H 88 68.82 -19.07 -7.11
N SER H 89 69.30 -19.55 -5.98
CA SER H 89 70.42 -20.52 -5.91
C SER H 89 70.08 -21.79 -6.68
N GLN H 90 68.81 -22.02 -6.96
CA GLN H 90 68.36 -23.10 -7.87
C GLN H 90 66.88 -22.88 -8.17
N PRO H 91 66.33 -23.59 -9.16
CA PRO H 91 64.96 -23.33 -9.59
C PRO H 91 63.95 -23.56 -8.46
N LYS H 92 62.88 -22.76 -8.43
CA LYS H 92 61.78 -22.91 -7.46
C LYS H 92 60.62 -23.59 -8.17
N ILE H 93 60.18 -24.73 -7.67
CA ILE H 93 58.97 -25.45 -8.11
C ILE H 93 57.84 -25.15 -7.11
N VAL H 94 56.75 -24.56 -7.57
CA VAL H 94 55.52 -24.31 -6.77
C VAL H 94 54.40 -25.19 -7.32
N LYS H 95 53.92 -26.15 -6.52
CA LYS H 95 52.79 -27.04 -6.85
C LYS H 95 51.50 -26.23 -6.84
N TRP H 96 50.61 -26.53 -7.79
CA TRP H 96 49.25 -25.99 -7.84
C TRP H 96 48.45 -26.52 -6.65
N ASP H 97 47.90 -25.61 -5.86
CA ASP H 97 46.86 -25.94 -4.84
C ASP H 97 45.51 -25.39 -5.36
N ARG H 98 44.52 -26.28 -5.49
CA ARG H 98 43.11 -25.98 -5.91
C ARG H 98 42.56 -24.71 -5.23
N ASP H 99 42.84 -24.51 -3.94
CA ASP H 99 42.25 -23.38 -3.16
C ASP H 99 43.34 -22.33 -2.88
N MET H 100 44.22 -22.02 -3.84
CA MET H 100 45.20 -20.90 -3.66
C MET H 100 45.38 -20.09 -4.96
N ASN I 1 47.94 5.78 -28.77
CA ASN I 1 48.80 6.56 -29.73
C ASN I 1 50.09 6.98 -29.01
N LEU I 2 51.22 6.37 -29.40
CA LEU I 2 52.58 6.69 -28.91
C LEU I 2 52.89 8.16 -29.21
N SER I 3 53.67 8.81 -28.37
CA SER I 3 54.16 10.19 -28.62
C SER I 3 55.14 10.17 -29.78
N ALA I 4 55.05 11.20 -30.61
CA ALA I 4 55.90 11.51 -31.76
C ALA I 4 57.06 12.39 -31.29
N LEU I 5 56.99 12.87 -30.04
CA LEU I 5 57.97 13.87 -29.53
C LEU I 5 58.35 13.59 -28.07
N GLY I 6 59.43 14.24 -27.62
CA GLY I 6 59.93 14.18 -26.24
C GLY I 6 60.66 12.88 -25.96
N ILE I 7 60.89 12.07 -26.98
CA ILE I 7 61.59 10.78 -26.86
C ILE I 7 62.97 10.98 -27.46
N PHE I 8 63.95 11.23 -26.59
CA PHE I 8 65.27 11.81 -26.92
C PHE I 8 66.26 10.97 -26.16
N SER I 9 67.40 10.68 -26.74
CA SER I 9 68.39 9.78 -26.08
C SER I 9 68.99 10.50 -24.86
N THR I 10 69.39 9.73 -23.87
CA THR I 10 69.96 10.16 -22.57
C THR I 10 71.36 10.77 -22.79
N GLY J 1 19.54 4.65 -22.06
CA GLY J 1 18.28 3.99 -22.45
C GLY J 1 17.07 4.84 -22.09
N SER J 2 15.87 4.37 -22.48
CA SER J 2 14.56 5.06 -22.27
C SER J 2 14.24 5.14 -20.77
N HIS J 3 13.41 6.11 -20.40
CA HIS J 3 12.87 6.28 -19.03
C HIS J 3 11.39 6.63 -19.11
N SER J 4 10.67 6.48 -17.99
CA SER J 4 9.23 6.81 -17.85
C SER J 4 8.93 7.30 -16.44
N MET J 5 7.97 8.20 -16.32
CA MET J 5 7.27 8.49 -15.05
C MET J 5 5.80 8.18 -15.26
N ARG J 6 5.22 7.34 -14.39
CA ARG J 6 3.82 6.88 -14.52
C ARG J 6 3.11 7.05 -13.18
N TYR J 7 1.89 7.56 -13.21
CA TYR J 7 0.99 7.63 -12.03
C TYR J 7 -0.18 6.70 -12.26
N PHE J 8 -0.54 5.95 -11.23
CA PHE J 8 -1.60 4.92 -11.23
C PHE J 8 -2.61 5.25 -10.14
N PHE J 9 -3.88 5.38 -10.49
CA PHE J 9 -4.96 5.75 -9.55
C PHE J 9 -6.05 4.70 -9.60
N THR J 10 -6.45 4.19 -8.45
CA THR J 10 -7.56 3.21 -8.29
C THR J 10 -8.57 3.77 -7.30
N SER J 11 -9.85 3.82 -7.68
CA SER J 11 -10.94 4.16 -6.73
C SER J 11 -12.03 3.10 -6.78
N VAL J 12 -12.44 2.62 -5.60
CA VAL J 12 -13.40 1.50 -5.42
C VAL J 12 -14.53 2.01 -4.54
N SER J 13 -15.76 1.88 -5.00
CA SER J 13 -16.94 2.29 -4.21
C SER J 13 -17.22 1.22 -3.15
N ARG J 14 -17.72 1.63 -2.00
CA ARG J 14 -18.09 0.72 -0.89
C ARG J 14 -19.55 0.98 -0.56
N PRO J 15 -20.50 0.33 -1.28
CA PRO J 15 -21.93 0.60 -1.11
C PRO J 15 -22.39 0.46 0.34
N GLY J 16 -23.06 1.49 0.87
CA GLY J 16 -23.59 1.52 2.25
C GLY J 16 -22.50 1.40 3.31
N ARG J 17 -21.25 1.67 2.94
CA ARG J 17 -20.07 1.58 3.85
C ARG J 17 -19.18 2.82 3.68
N GLY J 18 -19.69 3.90 3.10
CA GLY J 18 -19.10 5.26 3.20
C GLY J 18 -18.23 5.62 2.02
N GLU J 19 -17.16 6.36 2.26
CA GLU J 19 -16.30 6.95 1.20
C GLU J 19 -15.59 5.85 0.44
N PRO J 20 -15.33 6.07 -0.87
CA PRO J 20 -14.61 5.09 -1.68
C PRO J 20 -13.12 5.00 -1.34
N ARG J 21 -12.57 3.77 -1.40
CA ARG J 21 -11.13 3.53 -1.28
C ARG J 21 -10.46 4.24 -2.44
N PHE J 22 -9.39 4.96 -2.18
CA PHE J 22 -8.62 5.65 -3.24
C PHE J 22 -7.13 5.43 -2.97
N ILE J 23 -6.43 4.93 -3.97
CA ILE J 23 -4.98 4.65 -3.89
C ILE J 23 -4.31 5.22 -5.12
N ALA J 24 -3.30 6.07 -4.91
CA ALA J 24 -2.49 6.72 -5.97
C ALA J 24 -1.05 6.30 -5.78
N VAL J 25 -0.38 5.91 -6.84
CA VAL J 25 1.02 5.46 -6.76
C VAL J 25 1.78 6.08 -7.92
N GLY J 26 2.99 6.57 -7.64
CA GLY J 26 3.87 7.18 -8.64
C GLY J 26 5.11 6.34 -8.81
N TYR J 27 5.54 6.14 -10.04
CA TYR J 27 6.73 5.36 -10.41
C TYR J 27 7.60 6.19 -11.36
N VAL J 28 8.90 6.20 -11.14
CA VAL J 28 9.90 6.47 -12.20
C VAL J 28 10.44 5.11 -12.64
N ASP J 29 10.29 4.76 -13.92
CA ASP J 29 10.63 3.41 -14.44
C ASP J 29 9.91 2.40 -13.56
N ASP J 30 10.64 1.47 -12.95
CA ASP J 30 10.05 0.36 -12.16
C ASP J 30 10.20 0.66 -10.65
N THR J 31 10.45 1.90 -10.27
CA THR J 31 10.68 2.30 -8.86
C THR J 31 9.50 3.16 -8.37
N GLN J 32 8.78 2.67 -7.37
CA GLN J 32 7.74 3.45 -6.63
C GLN J 32 8.46 4.56 -5.86
N PHE J 33 8.00 5.81 -5.95
CA PHE J 33 8.58 6.94 -5.19
C PHE J 33 7.52 7.67 -4.35
N VAL J 34 6.24 7.59 -4.70
CA VAL J 34 5.16 8.24 -3.91
C VAL J 34 3.92 7.34 -3.84
N ARG J 35 3.17 7.54 -2.76
CA ARG J 35 1.92 6.79 -2.46
C ARG J 35 0.94 7.74 -1.77
N PHE J 36 -0.36 7.55 -2.04
CA PHE J 36 -1.46 8.05 -1.19
C PHE J 36 -2.48 6.93 -1.02
N ASP J 37 -2.94 6.71 0.21
CA ASP J 37 -3.94 5.69 0.56
C ASP J 37 -4.96 6.30 1.54
N SER J 38 -6.21 6.37 1.11
CA SER J 38 -7.35 6.96 1.89
C SER J 38 -7.54 6.21 3.21
N ASP J 39 -7.05 4.98 3.34
CA ASP J 39 -7.23 4.11 4.53
C ASP J 39 -6.03 4.23 5.48
N ALA J 40 -5.08 5.13 5.22
CA ALA J 40 -3.82 5.26 5.99
C ALA J 40 -3.94 6.41 7.01
N ALA J 41 -3.11 6.38 8.04
CA ALA J 41 -3.09 7.37 9.14
C ALA J 41 -2.99 8.80 8.58
N SER J 42 -2.01 9.08 7.72
CA SER J 42 -1.48 10.45 7.46
C SER J 42 -2.48 11.30 6.69
N GLN J 43 -3.26 10.73 5.78
CA GLN J 43 -4.12 11.48 4.82
C GLN J 43 -3.26 12.49 4.05
N ARG J 44 -2.01 12.12 3.76
CA ARG J 44 -1.02 12.95 3.04
C ARG J 44 -0.36 12.10 1.95
N MET J 45 0.18 12.74 0.92
CA MET J 45 1.09 12.06 -0.04
C MET J 45 2.39 11.73 0.71
N GLU J 46 2.85 10.48 0.60
CA GLU J 46 3.99 9.93 1.37
C GLU J 46 5.13 9.56 0.42
N PRO J 47 6.40 9.75 0.85
CA PRO J 47 7.55 9.29 0.07
C PRO J 47 7.75 7.77 0.19
N ARG J 48 8.28 7.14 -0.86
CA ARG J 48 8.54 5.67 -0.88
C ARG J 48 9.92 5.39 -1.51
N ALA J 49 10.75 6.39 -1.71
CA ALA J 49 12.15 6.24 -2.18
C ALA J 49 13.04 7.24 -1.45
N PRO J 50 14.32 6.90 -1.18
CA PRO J 50 15.23 7.84 -0.50
C PRO J 50 15.28 9.23 -1.14
N TRP J 51 15.34 9.31 -2.47
CA TRP J 51 15.73 10.54 -3.23
C TRP J 51 14.57 11.55 -3.37
N ILE J 52 13.36 11.21 -2.95
CA ILE J 52 12.19 12.14 -2.97
C ILE J 52 12.03 12.80 -1.58
N GLU J 53 12.54 12.15 -0.52
CA GLU J 53 12.46 12.65 0.88
C GLU J 53 13.06 14.07 0.99
N GLN J 54 13.99 14.44 0.10
CA GLN J 54 14.73 15.73 0.15
C GLN J 54 13.89 16.91 -0.35
N GLU J 55 12.64 16.70 -0.79
CA GLU J 55 11.77 17.78 -1.32
C GLU J 55 11.15 18.51 -0.13
N GLY J 56 10.96 19.83 -0.26
CA GLY J 56 10.54 20.71 0.84
C GLY J 56 9.08 20.49 1.22
N PRO J 57 8.57 21.12 2.31
CA PRO J 57 7.17 20.96 2.70
C PRO J 57 6.19 21.48 1.63
N GLU J 58 6.66 22.36 0.74
CA GLU J 58 5.88 22.94 -0.39
C GLU J 58 5.49 21.81 -1.36
N TYR J 59 6.43 20.94 -1.69
CA TYR J 59 6.23 19.77 -2.58
C TYR J 59 5.11 18.90 -2.01
N TRP J 60 5.23 18.49 -0.74
CA TRP J 60 4.33 17.51 -0.07
C TRP J 60 2.94 18.14 0.14
N ASP J 61 2.85 19.41 0.48
CA ASP J 61 1.57 20.17 0.57
C ASP J 61 0.91 20.19 -0.82
N GLY J 62 1.69 20.52 -1.86
CA GLY J 62 1.23 20.58 -3.27
C GLY J 62 0.74 19.23 -3.75
N GLU J 63 1.53 18.17 -3.56
CA GLU J 63 1.18 16.81 -4.02
C GLU J 63 -0.03 16.33 -3.23
N THR J 64 -0.17 16.68 -1.95
CA THR J 64 -1.32 16.27 -1.10
C THR J 64 -2.61 16.95 -1.59
N ARG J 65 -2.56 18.24 -1.89
CA ARG J 65 -3.75 18.98 -2.38
C ARG J 65 -4.18 18.35 -3.71
N LYS J 66 -3.23 18.00 -4.58
CA LYS J 66 -3.50 17.52 -5.96
C LYS J 66 -4.04 16.09 -5.92
N VAL J 67 -3.47 15.21 -5.10
CA VAL J 67 -3.91 13.80 -5.05
C VAL J 67 -5.33 13.76 -4.45
N LYS J 68 -5.64 14.66 -3.51
CA LYS J 68 -7.00 14.77 -2.93
C LYS J 68 -7.98 15.28 -3.99
N ALA J 69 -7.54 16.20 -4.86
CA ALA J 69 -8.36 16.71 -6.00
C ALA J 69 -8.67 15.56 -6.95
N HIS J 70 -7.67 14.71 -7.27
CA HIS J 70 -7.84 13.49 -8.08
C HIS J 70 -8.89 12.59 -7.39
N SER J 71 -8.73 12.34 -6.09
CA SER J 71 -9.64 11.55 -5.23
C SER J 71 -11.09 12.06 -5.39
N GLN J 72 -11.27 13.37 -5.37
CA GLN J 72 -12.60 14.02 -5.42
C GLN J 72 -13.23 13.79 -6.81
N THR J 73 -12.43 13.90 -7.87
CA THR J 73 -12.90 13.68 -9.25
C THR J 73 -13.36 12.22 -9.38
N HIS J 74 -12.58 11.27 -8.90
CA HIS J 74 -12.90 9.81 -8.97
C HIS J 74 -14.16 9.51 -8.16
N ARG J 75 -14.38 10.20 -7.05
CA ARG J 75 -15.56 10.03 -6.19
C ARG J 75 -16.81 10.45 -6.99
N VAL J 76 -16.73 11.57 -7.71
CA VAL J 76 -17.82 12.04 -8.62
C VAL J 76 -17.99 11.02 -9.76
N ASP J 77 -16.89 10.60 -10.39
CA ASP J 77 -16.90 9.66 -11.55
C ASP J 77 -17.69 8.39 -11.16
N LEU J 78 -17.44 7.84 -9.98
CA LEU J 78 -18.11 6.59 -9.56
C LEU J 78 -19.64 6.77 -9.60
N GLY J 79 -20.14 7.89 -9.08
CA GLY J 79 -21.57 8.22 -9.09
C GLY J 79 -22.07 8.39 -10.51
N THR J 80 -21.34 9.10 -11.34
CA THR J 80 -21.71 9.41 -12.74
C THR J 80 -21.80 8.11 -13.53
N LEU J 81 -20.79 7.26 -13.44
CA LEU J 81 -20.70 6.02 -14.23
C LEU J 81 -21.77 5.03 -13.77
N ARG J 82 -22.05 4.94 -12.48
CA ARG J 82 -23.22 4.16 -11.93
C ARG J 82 -24.50 4.57 -12.68
N GLY J 83 -24.70 5.88 -12.86
CA GLY J 83 -25.82 6.46 -13.62
C GLY J 83 -25.77 6.09 -15.09
N TYR J 84 -24.66 6.36 -15.75
CA TYR J 84 -24.47 6.13 -17.21
C TYR J 84 -24.84 4.68 -17.55
N TYR J 85 -24.47 3.74 -16.70
CA TYR J 85 -24.69 2.29 -16.96
C TYR J 85 -25.89 1.75 -16.17
N ASN J 86 -26.65 2.63 -15.51
CA ASN J 86 -27.85 2.32 -14.69
C ASN J 86 -27.65 1.09 -13.80
N GLN J 87 -26.56 1.05 -13.05
CA GLN J 87 -26.23 -0.09 -12.15
C GLN J 87 -26.85 0.20 -10.78
N SER J 88 -27.12 -0.83 -9.97
CA SER J 88 -27.68 -0.65 -8.61
C SER J 88 -26.62 -0.03 -7.71
N GLU J 89 -27.07 0.57 -6.61
CA GLU J 89 -26.20 1.22 -5.59
C GLU J 89 -25.68 0.14 -4.63
N ALA J 90 -26.07 -1.12 -4.84
CA ALA J 90 -25.74 -2.29 -4.01
C ALA J 90 -24.34 -2.81 -4.32
N GLY J 91 -23.86 -2.63 -5.56
CA GLY J 91 -22.63 -3.29 -6.06
C GLY J 91 -21.43 -2.36 -6.04
N SER J 92 -20.25 -2.92 -5.76
CA SER J 92 -18.96 -2.20 -5.80
C SER J 92 -18.47 -2.06 -7.24
N HIS J 93 -18.03 -0.85 -7.63
CA HIS J 93 -17.44 -0.58 -8.96
C HIS J 93 -16.07 0.06 -8.80
N THR J 94 -15.28 0.04 -9.88
CA THR J 94 -13.85 0.38 -9.89
C THR J 94 -13.58 1.38 -11.00
N VAL J 95 -12.91 2.47 -10.66
CA VAL J 95 -12.35 3.42 -11.64
C VAL J 95 -10.83 3.36 -11.54
N GLN J 96 -10.16 3.24 -12.68
CA GLN J 96 -8.67 3.26 -12.77
C GLN J 96 -8.24 4.30 -13.79
N ARG J 97 -7.20 5.04 -13.44
CA ARG J 97 -6.55 6.04 -14.29
C ARG J 97 -5.02 5.86 -14.21
N MET J 98 -4.37 5.98 -15.35
CA MET J 98 -2.92 5.82 -15.56
C MET J 98 -2.48 6.92 -16.55
N TYR J 99 -1.51 7.74 -16.18
CA TYR J 99 -0.91 8.71 -17.11
C TYR J 99 0.57 8.90 -16.82
N GLY J 100 1.29 9.40 -17.81
CA GLY J 100 2.75 9.56 -17.75
C GLY J 100 3.37 9.72 -19.12
N CYS J 101 4.68 9.85 -19.13
CA CYS J 101 5.51 10.25 -20.29
C CYS J 101 6.72 9.33 -20.34
N ASP J 102 7.12 8.94 -21.55
CA ASP J 102 8.41 8.28 -21.85
C ASP J 102 9.40 9.32 -22.38
N VAL J 103 10.66 9.22 -21.95
CA VAL J 103 11.80 9.95 -22.57
C VAL J 103 12.79 8.91 -23.11
N GLY J 104 13.39 9.19 -24.27
CA GLY J 104 14.55 8.44 -24.82
C GLY J 104 15.83 8.73 -24.05
N SER J 105 16.94 8.14 -24.48
CA SER J 105 18.26 8.19 -23.79
C SER J 105 18.74 9.65 -23.67
N ASP J 106 18.22 10.56 -24.51
CA ASP J 106 18.55 12.00 -24.50
C ASP J 106 17.69 12.75 -23.47
N TRP J 107 16.74 12.05 -22.81
CA TRP J 107 15.80 12.58 -21.78
C TRP J 107 14.82 13.60 -22.40
N ARG J 108 14.63 13.57 -23.74
CA ARG J 108 13.61 14.38 -24.47
C ARG J 108 12.31 13.58 -24.58
N PHE J 109 11.19 14.27 -24.82
CA PHE J 109 9.82 13.67 -24.90
C PHE J 109 9.77 12.64 -26.06
N LEU J 110 9.11 11.50 -25.84
CA LEU J 110 8.98 10.36 -26.81
C LEU J 110 7.48 10.06 -27.03
N ARG J 111 6.74 9.71 -25.96
CA ARG J 111 5.26 9.62 -25.98
C ARG J 111 4.68 10.00 -24.62
N GLY J 112 3.44 10.47 -24.63
CA GLY J 112 2.56 10.60 -23.45
C GLY J 112 1.33 9.73 -23.59
N TYR J 113 0.69 9.40 -22.48
CA TYR J 113 -0.49 8.52 -22.46
C TYR J 113 -1.36 8.93 -21.26
N HIS J 114 -2.66 8.81 -21.43
CA HIS J 114 -3.67 8.97 -20.37
C HIS J 114 -4.81 8.01 -20.69
N GLN J 115 -4.98 7.01 -19.84
CA GLN J 115 -5.91 5.89 -20.05
C GLN J 115 -6.81 5.83 -18.80
N TYR J 116 -8.07 5.47 -19.03
CA TYR J 116 -9.13 5.46 -18.02
C TYR J 116 -9.94 4.19 -18.21
N ALA J 117 -10.19 3.47 -17.14
CA ALA J 117 -10.95 2.21 -17.19
C ALA J 117 -12.08 2.30 -16.15
N TYR J 118 -13.22 1.68 -16.48
CA TYR J 118 -14.35 1.42 -15.58
C TYR J 118 -14.52 -0.10 -15.48
N ASP J 119 -14.50 -0.61 -14.26
CA ASP J 119 -14.72 -2.04 -13.97
C ASP J 119 -13.79 -2.88 -14.82
N GLY J 120 -12.52 -2.51 -14.93
CA GLY J 120 -11.46 -3.37 -15.49
C GLY J 120 -11.39 -3.34 -17.01
N LYS J 121 -12.09 -2.40 -17.62
CA LYS J 121 -12.29 -2.34 -19.09
C LYS J 121 -11.94 -0.94 -19.56
N ASP J 122 -11.27 -0.84 -20.69
CA ASP J 122 -11.02 0.45 -21.39
C ASP J 122 -12.33 1.22 -21.43
N TYR J 123 -12.31 2.47 -20.97
CA TYR J 123 -13.48 3.38 -21.03
C TYR J 123 -13.17 4.48 -22.04
N ILE J 124 -12.15 5.27 -21.78
CA ILE J 124 -11.67 6.33 -22.70
C ILE J 124 -10.14 6.46 -22.56
N ALA J 125 -9.45 6.61 -23.69
CA ALA J 125 -7.98 6.68 -23.83
C ALA J 125 -7.60 7.85 -24.74
N LEU J 126 -6.61 8.62 -24.36
CA LEU J 126 -5.98 9.66 -25.21
C LEU J 126 -5.09 8.95 -26.23
N LYS J 127 -5.20 9.34 -27.49
CA LYS J 127 -4.46 8.73 -28.63
C LYS J 127 -3.01 9.23 -28.65
N GLU J 128 -2.15 8.58 -29.44
CA GLU J 128 -0.69 8.86 -29.56
C GLU J 128 -0.49 10.38 -29.78
N ASP J 129 -1.29 11.00 -30.65
CA ASP J 129 -1.18 12.44 -31.06
C ASP J 129 -1.51 13.39 -29.88
N LEU J 130 -2.17 12.92 -28.82
CA LEU J 130 -2.51 13.71 -27.60
C LEU J 130 -3.49 14.85 -27.95
N ARG J 131 -4.32 14.67 -28.98
CA ARG J 131 -5.34 15.69 -29.38
C ARG J 131 -6.74 15.07 -29.51
N SER J 132 -6.86 13.74 -29.50
CA SER J 132 -8.13 13.02 -29.79
C SER J 132 -8.29 11.79 -28.88
N TRP J 133 -9.53 11.31 -28.79
CA TRP J 133 -9.95 10.30 -27.80
C TRP J 133 -10.48 9.06 -28.50
N THR J 134 -10.20 7.89 -27.93
CA THR J 134 -10.87 6.60 -28.23
C THR J 134 -11.84 6.29 -27.09
N ALA J 135 -13.13 6.22 -27.38
CA ALA J 135 -14.23 5.87 -26.45
C ALA J 135 -14.68 4.45 -26.75
N ALA J 136 -14.84 3.63 -25.70
CA ALA J 136 -15.05 2.16 -25.80
C ALA J 136 -16.50 1.83 -26.14
N ASP J 137 -17.46 2.69 -25.79
CA ASP J 137 -18.90 2.41 -25.91
C ASP J 137 -19.68 3.72 -25.94
N MET J 138 -20.99 3.65 -26.03
CA MET J 138 -21.88 4.83 -26.20
C MET J 138 -21.85 5.72 -24.93
N ALA J 139 -21.64 5.14 -23.76
CA ALA J 139 -21.56 5.90 -22.48
C ALA J 139 -20.24 6.71 -22.43
N ALA J 140 -19.13 6.12 -22.88
CA ALA J 140 -17.83 6.82 -22.99
C ALA J 140 -17.92 7.91 -24.07
N GLN J 141 -18.82 7.78 -25.02
CA GLN J 141 -19.05 8.84 -26.04
C GLN J 141 -19.56 10.11 -25.34
N THR J 142 -20.43 9.98 -24.34
CA THR J 142 -20.92 11.09 -23.49
C THR J 142 -19.73 11.80 -22.85
N THR J 143 -18.84 11.06 -22.20
CA THR J 143 -17.60 11.60 -21.59
C THR J 143 -16.76 12.29 -22.67
N LYS J 144 -16.57 11.63 -23.80
CA LYS J 144 -15.70 12.13 -24.90
C LYS J 144 -16.18 13.51 -25.34
N HIS J 145 -17.49 13.72 -25.48
CA HIS J 145 -18.07 15.04 -25.88
C HIS J 145 -17.80 16.08 -24.78
N LYS J 146 -17.97 15.69 -23.52
CA LYS J 146 -17.77 16.58 -22.35
C LYS J 146 -16.31 17.06 -22.33
N TRP J 147 -15.37 16.14 -22.61
CA TRP J 147 -13.90 16.35 -22.54
C TRP J 147 -13.40 17.18 -23.73
N GLU J 148 -14.06 17.05 -24.89
CA GLU J 148 -13.78 17.87 -26.11
C GLU J 148 -14.25 19.31 -25.86
N ALA J 149 -15.41 19.47 -25.19
CA ALA J 149 -16.01 20.79 -24.84
C ALA J 149 -15.08 21.54 -23.85
N ALA J 150 -14.50 20.81 -22.91
CA ALA J 150 -13.62 21.36 -21.84
C ALA J 150 -12.15 21.39 -22.29
N HIS J 151 -11.86 20.93 -23.52
CA HIS J 151 -10.50 20.93 -24.12
C HIS J 151 -9.52 20.18 -23.22
N VAL J 152 -9.94 19.04 -22.68
CA VAL J 152 -9.14 18.25 -21.70
C VAL J 152 -7.87 17.73 -22.38
N ALA J 153 -7.92 17.42 -23.68
CA ALA J 153 -6.78 16.86 -24.46
C ALA J 153 -5.61 17.87 -24.47
N GLU J 154 -5.92 19.14 -24.77
CA GLU J 154 -4.96 20.26 -24.75
C GLU J 154 -4.29 20.32 -23.38
N GLN J 155 -5.06 20.23 -22.30
CA GLN J 155 -4.57 20.39 -20.92
C GLN J 155 -3.54 19.30 -20.61
N LEU J 156 -3.90 18.04 -20.90
CA LEU J 156 -3.02 16.85 -20.69
C LEU J 156 -1.78 16.93 -21.59
N ARG J 157 -1.93 17.26 -22.86
CA ARG J 157 -0.79 17.44 -23.80
C ARG J 157 0.28 18.33 -23.14
N ALA J 158 -0.16 19.45 -22.56
CA ALA J 158 0.71 20.47 -21.91
C ALA J 158 1.46 19.87 -20.70
N TYR J 159 0.78 19.08 -19.85
CA TYR J 159 1.41 18.41 -18.68
C TYR J 159 2.42 17.38 -19.20
N LEU J 160 2.01 16.55 -20.16
CA LEU J 160 2.76 15.36 -20.66
C LEU J 160 4.02 15.79 -21.43
N GLU J 161 3.98 16.91 -22.18
CA GLU J 161 5.11 17.42 -23.00
C GLU J 161 5.97 18.37 -22.14
N GLY J 162 5.39 18.99 -21.10
CA GLY J 162 6.04 19.99 -20.23
C GLY J 162 6.37 19.41 -18.85
N THR J 163 5.54 19.69 -17.83
CA THR J 163 5.78 19.38 -16.40
C THR J 163 6.19 17.90 -16.21
N CYS J 164 5.57 16.97 -16.93
CA CYS J 164 5.83 15.50 -16.78
C CYS J 164 7.32 15.20 -17.00
N VAL J 165 7.89 15.60 -18.15
CA VAL J 165 9.30 15.26 -18.54
C VAL J 165 10.28 16.05 -17.66
N GLU J 166 9.94 17.30 -17.34
CA GLU J 166 10.83 18.24 -16.61
C GLU J 166 11.03 17.73 -15.17
N TRP J 167 10.00 17.15 -14.55
CA TRP J 167 10.12 16.59 -13.18
C TRP J 167 10.69 15.17 -13.25
N LEU J 168 10.52 14.47 -14.39
CA LEU J 168 11.17 13.14 -14.61
C LEU J 168 12.70 13.34 -14.60
N ARG J 169 13.20 14.30 -15.38
CA ARG J 169 14.64 14.64 -15.46
C ARG J 169 15.18 14.93 -14.05
N ARG J 170 14.53 15.85 -13.32
CA ARG J 170 14.89 16.21 -11.91
C ARG J 170 15.02 14.92 -11.10
N TYR J 171 13.98 14.07 -11.09
CA TYR J 171 13.94 12.82 -10.29
C TYR J 171 15.13 11.92 -10.68
N LEU J 172 15.46 11.85 -11.98
CA LEU J 172 16.58 11.02 -12.49
C LEU J 172 17.91 11.57 -11.94
N GLU J 173 18.09 12.90 -11.95
CA GLU J 173 19.30 13.59 -11.42
C GLU J 173 19.38 13.33 -9.90
N ASN J 174 18.35 13.69 -9.14
CA ASN J 174 18.34 13.57 -7.65
C ASN J 174 18.51 12.10 -7.24
N GLY J 175 17.96 11.16 -8.02
CA GLY J 175 18.01 9.72 -7.74
C GLY J 175 19.05 9.01 -8.58
N LYS J 176 20.11 9.71 -9.01
CA LYS J 176 21.15 9.17 -9.93
C LYS J 176 21.60 7.79 -9.46
N GLU J 177 21.86 7.62 -8.15
CA GLU J 177 22.48 6.38 -7.60
C GLU J 177 21.51 5.17 -7.74
N THR J 178 20.19 5.42 -7.70
CA THR J 178 19.13 4.38 -7.75
C THR J 178 18.65 4.20 -9.20
N LEU J 179 18.14 5.25 -9.82
CA LEU J 179 17.30 5.20 -11.05
C LEU J 179 18.16 5.00 -12.31
N GLN J 180 19.41 5.49 -12.32
CA GLN J 180 20.30 5.47 -13.52
C GLN J 180 21.25 4.27 -13.45
N ARG J 181 21.12 3.42 -12.42
CA ARG J 181 21.82 2.12 -12.32
C ARG J 181 21.12 1.09 -13.22
N THR J 182 21.87 0.12 -13.71
CA THR J 182 21.37 -1.13 -14.32
C THR J 182 22.04 -2.28 -13.55
N ASP J 183 21.26 -3.24 -13.06
CA ASP J 183 21.82 -4.45 -12.39
C ASP J 183 21.62 -5.63 -13.34
N ALA J 184 22.72 -6.18 -13.84
CA ALA J 184 22.71 -7.40 -14.67
C ALA J 184 22.05 -8.52 -13.87
N PRO J 185 21.23 -9.37 -14.51
CA PRO J 185 20.80 -10.64 -13.90
C PRO J 185 22.00 -11.49 -13.49
N LYS J 186 22.03 -11.93 -12.23
CA LYS J 186 22.78 -13.14 -11.80
C LYS J 186 21.96 -14.36 -12.22
N THR J 187 22.56 -15.27 -12.95
CA THR J 187 21.87 -16.41 -13.59
C THR J 187 22.45 -17.74 -13.09
N HIS J 188 21.63 -18.77 -13.07
CA HIS J 188 22.01 -20.15 -12.74
C HIS J 188 20.91 -21.06 -13.26
N MET J 189 21.17 -22.36 -13.30
CA MET J 189 20.22 -23.39 -13.74
C MET J 189 20.09 -24.42 -12.62
N THR J 190 18.89 -24.96 -12.46
CA THR J 190 18.62 -26.10 -11.55
C THR J 190 17.93 -27.21 -12.33
N HIS J 191 18.02 -28.41 -11.79
CA HIS J 191 17.61 -29.67 -12.42
C HIS J 191 16.83 -30.47 -11.38
N HIS J 192 15.63 -30.94 -11.75
CA HIS J 192 14.81 -31.84 -10.91
C HIS J 192 14.36 -33.05 -11.71
N ALA J 193 14.41 -34.23 -11.08
CA ALA J 193 13.67 -35.43 -11.54
C ALA J 193 12.19 -35.05 -11.56
N VAL J 194 11.48 -35.34 -12.66
CA VAL J 194 10.00 -35.15 -12.77
C VAL J 194 9.36 -36.55 -12.89
N SER J 195 10.06 -37.49 -13.52
CA SER J 195 9.75 -38.95 -13.58
C SER J 195 11.07 -39.70 -13.78
N ASP J 196 11.02 -40.98 -14.18
CA ASP J 196 12.26 -41.77 -14.43
C ASP J 196 12.81 -41.46 -15.83
N HIS J 197 12.06 -40.74 -16.67
CA HIS J 197 12.41 -40.50 -18.10
C HIS J 197 12.38 -39.01 -18.47
N GLU J 198 12.00 -38.13 -17.55
CA GLU J 198 11.91 -36.67 -17.80
C GLU J 198 12.53 -35.90 -16.64
N ALA J 199 12.83 -34.63 -16.89
CA ALA J 199 13.52 -33.76 -15.93
C ALA J 199 13.13 -32.32 -16.23
N THR J 200 13.11 -31.50 -15.19
CA THR J 200 12.91 -30.03 -15.33
C THR J 200 14.28 -29.37 -15.35
N LEU J 201 14.52 -28.53 -16.34
CA LEU J 201 15.58 -27.51 -16.30
C LEU J 201 14.94 -26.17 -16.00
N ARG J 202 15.38 -25.52 -14.92
CA ARG J 202 14.89 -24.18 -14.51
C ARG J 202 16.05 -23.19 -14.64
N CYS J 203 15.87 -22.24 -15.55
CA CYS J 203 16.75 -21.10 -15.81
C CYS J 203 16.31 -19.89 -14.98
N TRP J 204 17.22 -19.36 -14.16
CA TRP J 204 16.94 -18.34 -13.14
C TRP J 204 17.61 -17.03 -13.53
N ALA J 205 16.90 -15.91 -13.37
CA ALA J 205 17.48 -14.54 -13.44
C ALA J 205 17.08 -13.80 -12.16
N LEU J 206 18.07 -13.39 -11.35
CA LEU J 206 17.85 -12.82 -9.99
C LEU J 206 18.48 -11.42 -9.91
N SER J 207 17.99 -10.59 -8.99
CA SER J 207 18.62 -9.31 -8.56
C SER J 207 18.87 -8.40 -9.77
N PHE J 208 17.95 -8.35 -10.74
CA PHE J 208 18.13 -7.51 -11.96
C PHE J 208 17.22 -6.27 -11.93
N TYR J 209 17.63 -5.23 -12.66
CA TYR J 209 16.92 -3.94 -12.78
C TYR J 209 17.39 -3.23 -14.06
N PRO J 210 16.47 -2.70 -14.89
CA PRO J 210 15.04 -2.73 -14.64
C PRO J 210 14.37 -4.10 -14.87
N ALA J 211 13.03 -4.13 -14.80
CA ALA J 211 12.18 -5.35 -14.86
C ALA J 211 12.25 -6.03 -16.23
N GLU J 212 12.29 -5.24 -17.32
CA GLU J 212 12.34 -5.73 -18.72
C GLU J 212 13.38 -6.85 -18.84
N ILE J 213 12.99 -8.04 -19.29
CA ILE J 213 13.90 -9.20 -19.47
C ILE J 213 13.26 -10.20 -20.44
N THR J 214 14.08 -10.93 -21.19
CA THR J 214 13.68 -12.07 -22.03
C THR J 214 14.47 -13.31 -21.63
N LEU J 215 13.79 -14.36 -21.20
CA LEU J 215 14.34 -15.74 -21.05
C LEU J 215 13.67 -16.60 -22.09
N THR J 216 14.45 -17.23 -22.96
CA THR J 216 13.99 -18.18 -24.00
C THR J 216 14.80 -19.47 -23.89
N TRP J 217 14.17 -20.61 -24.19
CA TRP J 217 14.82 -21.93 -24.32
C TRP J 217 15.06 -22.24 -25.81
N GLN J 218 16.16 -22.92 -26.11
CA GLN J 218 16.48 -23.46 -27.45
C GLN J 218 16.80 -24.96 -27.29
N ARG J 219 16.40 -25.75 -28.28
CA ARG J 219 16.75 -27.18 -28.40
C ARG J 219 17.49 -27.35 -29.72
N ASP J 220 18.82 -27.58 -29.65
CA ASP J 220 19.71 -27.72 -30.82
C ASP J 220 19.65 -26.42 -31.62
N GLY J 221 19.65 -25.26 -30.94
CA GLY J 221 19.68 -23.92 -31.56
C GLY J 221 18.31 -23.43 -32.04
N GLU J 222 17.25 -24.25 -31.95
CA GLU J 222 15.88 -23.94 -32.45
C GLU J 222 15.01 -23.49 -31.28
N ASP J 223 14.38 -22.31 -31.39
CA ASP J 223 13.48 -21.72 -30.35
C ASP J 223 12.45 -22.77 -29.93
N GLN J 224 12.29 -22.98 -28.63
CA GLN J 224 11.48 -24.06 -28.03
C GLN J 224 10.43 -23.42 -27.14
N THR J 225 9.17 -23.36 -27.59
CA THR J 225 8.02 -22.82 -26.82
C THR J 225 7.32 -24.00 -26.11
N GLN J 226 7.28 -25.17 -26.75
CA GLN J 226 6.52 -26.36 -26.26
C GLN J 226 7.25 -26.99 -25.08
N ASP J 227 6.48 -27.44 -24.08
CA ASP J 227 6.94 -28.09 -22.81
C ASP J 227 7.70 -27.09 -21.94
N THR J 228 7.58 -25.76 -22.20
CA THR J 228 8.17 -24.68 -21.35
C THR J 228 7.10 -24.09 -20.40
N GLU J 229 7.57 -23.53 -19.30
CA GLU J 229 6.81 -22.72 -18.33
C GLU J 229 7.60 -21.45 -18.04
N LEU J 230 6.97 -20.29 -18.16
CA LEU J 230 7.56 -18.96 -17.94
C LEU J 230 6.72 -18.22 -16.88
N VAL J 231 7.25 -17.95 -15.69
CA VAL J 231 6.51 -17.17 -14.64
C VAL J 231 6.67 -15.67 -14.95
N GLU J 232 5.70 -14.87 -14.56
CA GLU J 232 5.78 -13.40 -14.79
C GLU J 232 6.90 -12.86 -13.88
N THR J 233 7.53 -11.81 -14.35
CA THR J 233 8.62 -11.08 -13.63
C THR J 233 8.03 -10.58 -12.32
N ARG J 234 8.71 -10.82 -11.19
CA ARG J 234 8.22 -10.61 -9.81
C ARG J 234 9.19 -9.72 -9.05
N PRO J 235 8.67 -8.81 -8.21
CA PRO J 235 9.55 -7.99 -7.36
C PRO J 235 10.18 -8.85 -6.26
N ALA J 236 11.48 -8.68 -6.00
CA ALA J 236 12.20 -9.36 -4.91
C ALA J 236 11.88 -8.63 -3.59
N GLY J 237 11.60 -7.33 -3.72
CA GLY J 237 11.18 -6.45 -2.61
C GLY J 237 12.32 -5.57 -2.14
N ASP J 238 13.48 -5.64 -2.80
CA ASP J 238 14.70 -4.82 -2.49
C ASP J 238 14.97 -3.83 -3.63
N GLY J 239 13.97 -3.62 -4.52
CA GLY J 239 14.09 -2.81 -5.74
C GLY J 239 14.63 -3.59 -6.92
N THR J 240 14.89 -4.89 -6.78
CA THR J 240 15.29 -5.76 -7.92
C THR J 240 14.14 -6.69 -8.29
N PHE J 241 14.31 -7.40 -9.39
CA PHE J 241 13.29 -8.29 -9.97
C PHE J 241 13.89 -9.68 -10.15
N GLN J 242 13.01 -10.67 -10.31
CA GLN J 242 13.34 -12.10 -10.49
C GLN J 242 12.46 -12.67 -11.59
N LYS J 243 12.92 -13.73 -12.24
CA LYS J 243 12.12 -14.50 -13.23
C LYS J 243 12.77 -15.86 -13.43
N TRP J 244 11.99 -16.84 -13.83
CA TRP J 244 12.52 -18.12 -14.28
C TRP J 244 11.70 -18.63 -15.44
N ALA J 245 12.34 -19.51 -16.22
CA ALA J 245 11.82 -20.25 -17.36
C ALA J 245 12.24 -21.71 -17.20
N ALA J 246 11.33 -22.64 -17.39
CA ALA J 246 11.61 -24.08 -17.21
C ALA J 246 11.17 -24.83 -18.47
N VAL J 247 11.83 -25.95 -18.71
CA VAL J 247 11.54 -26.86 -19.82
C VAL J 247 11.61 -28.27 -19.25
N VAL J 248 10.65 -29.10 -19.63
CA VAL J 248 10.63 -30.56 -19.32
C VAL J 248 11.35 -31.27 -20.47
N VAL J 249 12.37 -32.07 -20.16
CA VAL J 249 13.26 -32.66 -21.19
C VAL J 249 13.38 -34.16 -20.92
N PRO J 250 13.64 -34.96 -21.98
CA PRO J 250 14.00 -36.36 -21.80
C PRO J 250 15.31 -36.49 -20.99
N SER J 251 15.34 -37.45 -20.04
CA SER J 251 16.57 -37.89 -19.33
C SER J 251 17.70 -38.19 -20.34
N GLY J 252 18.84 -37.52 -20.19
CA GLY J 252 20.04 -37.71 -21.02
C GLY J 252 20.21 -36.61 -22.05
N GLN J 253 19.18 -35.81 -22.32
CA GLN J 253 19.15 -34.85 -23.47
C GLN J 253 19.32 -33.40 -22.98
N GLU J 254 19.59 -33.22 -21.68
CA GLU J 254 19.76 -31.90 -21.01
C GLU J 254 20.68 -30.98 -21.81
N GLN J 255 21.77 -31.53 -22.36
CA GLN J 255 22.90 -30.79 -23.02
C GLN J 255 22.49 -30.25 -24.39
N ARG J 256 21.33 -30.68 -24.91
CA ARG J 256 20.75 -30.20 -26.19
C ARG J 256 20.04 -28.85 -25.97
N TYR J 257 19.77 -28.51 -24.72
CA TYR J 257 18.93 -27.34 -24.34
C TYR J 257 19.81 -26.22 -23.81
N THR J 258 19.60 -25.01 -24.33
CA THR J 258 20.24 -23.75 -23.87
C THR J 258 19.17 -22.75 -23.42
N CYS J 259 19.47 -22.03 -22.35
CA CYS J 259 18.69 -20.88 -21.87
C CYS J 259 19.39 -19.57 -22.26
N HIS J 260 18.65 -18.65 -22.90
CA HIS J 260 19.16 -17.37 -23.46
C HIS J 260 18.53 -16.21 -22.70
N VAL J 261 19.34 -15.28 -22.23
CA VAL J 261 18.93 -14.19 -21.29
C VAL J 261 19.31 -12.86 -21.91
N GLN J 262 18.36 -11.99 -22.18
CA GLN J 262 18.62 -10.63 -22.69
C GLN J 262 18.20 -9.62 -21.63
N HIS J 263 19.09 -8.68 -21.30
CA HIS J 263 18.77 -7.60 -20.35
C HIS J 263 19.60 -6.38 -20.74
N GLU J 264 19.07 -5.18 -20.48
CA GLU J 264 19.71 -3.86 -20.67
C GLU J 264 21.15 -3.86 -20.10
N GLY J 265 21.38 -4.60 -19.00
CA GLY J 265 22.63 -4.58 -18.21
C GLY J 265 23.68 -5.57 -18.73
N LEU J 266 23.29 -6.45 -19.67
CA LEU J 266 24.19 -7.47 -20.25
C LEU J 266 24.82 -6.93 -21.52
N PRO J 267 26.14 -6.70 -21.54
CA PRO J 267 26.82 -6.25 -22.75
C PRO J 267 26.49 -7.18 -23.92
N LYS J 268 26.34 -8.48 -23.62
CA LYS J 268 26.06 -9.55 -24.60
C LYS J 268 25.03 -10.50 -24.01
N PRO J 269 24.13 -11.07 -24.84
CA PRO J 269 23.20 -12.11 -24.39
C PRO J 269 23.94 -13.36 -23.86
N LEU J 270 23.47 -13.87 -22.72
CA LEU J 270 24.06 -15.04 -22.02
C LEU J 270 23.42 -16.31 -22.54
N THR J 271 24.23 -17.35 -22.71
CA THR J 271 23.77 -18.72 -23.00
C THR J 271 24.13 -19.58 -21.80
N LEU J 272 23.17 -20.29 -21.24
CA LEU J 272 23.41 -21.24 -20.11
C LEU J 272 23.05 -22.64 -20.57
N ARG J 273 23.77 -23.64 -20.07
CA ARG J 273 23.57 -25.06 -20.40
C ARG J 273 23.71 -25.86 -19.13
N TRP J 274 22.90 -26.91 -18.93
CA TRP J 274 23.08 -27.80 -17.75
C TRP J 274 24.46 -28.44 -17.82
N GLU J 275 25.25 -28.28 -16.75
CA GLU J 275 26.50 -29.04 -16.50
C GLU J 275 26.36 -29.85 -15.20
N PRO J 276 26.29 -31.21 -15.30
CA PRO J 276 26.04 -32.07 -14.15
C PRO J 276 27.11 -32.01 -13.03
N MET K 1 -18.49 -5.78 -16.36
CA MET K 1 -17.85 -6.36 -15.14
C MET K 1 -16.85 -7.47 -15.56
N ILE K 2 -15.58 -7.11 -15.72
CA ILE K 2 -14.45 -8.07 -15.87
C ILE K 2 -14.18 -8.70 -14.50
N GLN K 3 -14.00 -10.02 -14.45
CA GLN K 3 -13.39 -10.73 -13.30
C GLN K 3 -12.19 -11.52 -13.81
N ARG K 4 -11.02 -11.28 -13.24
CA ARG K 4 -9.79 -12.04 -13.51
C ARG K 4 -9.33 -12.70 -12.21
N THR K 5 -9.01 -13.99 -12.27
CA THR K 5 -8.58 -14.78 -11.11
C THR K 5 -7.09 -14.50 -10.89
N PRO K 6 -6.64 -14.32 -9.63
CA PRO K 6 -5.24 -14.04 -9.35
C PRO K 6 -4.27 -15.16 -9.71
N LYS K 7 -3.13 -14.79 -10.28
CA LYS K 7 -1.91 -15.63 -10.35
C LYS K 7 -1.18 -15.42 -9.01
N ILE K 8 -0.71 -16.49 -8.40
CA ILE K 8 -0.08 -16.46 -7.06
C ILE K 8 1.30 -17.08 -7.16
N GLN K 9 2.33 -16.39 -6.64
CA GLN K 9 3.69 -16.92 -6.53
C GLN K 9 4.21 -16.70 -5.12
N VAL K 10 4.71 -17.75 -4.50
CA VAL K 10 5.37 -17.70 -3.17
C VAL K 10 6.85 -18.04 -3.34
N TYR K 11 7.73 -17.16 -2.83
CA TYR K 11 9.19 -17.23 -3.05
C TYR K 11 9.89 -16.37 -2.00
N SER K 12 11.18 -16.56 -1.87
CA SER K 12 12.09 -15.78 -0.98
C SER K 12 12.79 -14.69 -1.78
N ARG K 13 13.23 -13.63 -1.11
CA ARG K 13 13.97 -12.51 -1.74
C ARG K 13 15.34 -13.01 -2.20
N HIS K 14 16.01 -13.79 -1.37
CA HIS K 14 17.38 -14.36 -1.60
C HIS K 14 17.26 -15.87 -1.62
N PRO K 15 18.19 -16.57 -2.29
CA PRO K 15 18.24 -18.02 -2.21
C PRO K 15 18.14 -18.49 -0.76
N ALA K 16 17.23 -19.40 -0.49
CA ALA K 16 16.96 -19.90 0.86
C ALA K 16 18.19 -20.68 1.33
N GLU K 17 18.70 -20.32 2.50
CA GLU K 17 19.65 -21.14 3.28
C GLU K 17 19.01 -21.33 4.66
N ASN K 18 18.90 -22.56 5.12
CA ASN K 18 18.39 -22.87 6.48
C ASN K 18 19.21 -22.09 7.49
N GLY K 19 18.54 -21.43 8.43
CA GLY K 19 19.16 -20.70 9.55
C GLY K 19 19.56 -19.30 9.16
N LYS K 20 19.37 -18.92 7.90
CA LYS K 20 19.70 -17.56 7.39
C LYS K 20 18.42 -16.76 7.23
N SER K 21 18.39 -15.60 7.85
CA SER K 21 17.34 -14.58 7.74
C SER K 21 17.13 -14.20 6.26
N ASN K 22 15.90 -13.93 5.91
CA ASN K 22 15.43 -13.77 4.50
C ASN K 22 14.07 -13.08 4.51
N PHE K 23 13.47 -12.94 3.35
CA PHE K 23 12.10 -12.42 3.20
C PHE K 23 11.27 -13.41 2.43
N LEU K 24 10.07 -13.68 2.94
CA LEU K 24 9.08 -14.53 2.25
C LEU K 24 8.10 -13.61 1.55
N ASN K 25 7.90 -13.86 0.27
CA ASN K 25 7.09 -13.04 -0.63
C ASN K 25 5.93 -13.88 -1.10
N CYS K 26 4.77 -13.27 -1.14
CA CYS K 26 3.61 -13.74 -1.90
C CYS K 26 3.22 -12.66 -2.91
N TYR K 27 3.50 -12.91 -4.18
CA TYR K 27 3.13 -12.03 -5.30
C TYR K 27 1.80 -12.48 -5.90
N VAL K 28 0.85 -11.57 -5.94
CA VAL K 28 -0.50 -11.82 -6.47
C VAL K 28 -0.72 -10.83 -7.60
N SER K 29 -1.04 -11.31 -8.78
CA SER K 29 -1.11 -10.46 -9.98
C SER K 29 -2.26 -10.91 -10.89
N GLY K 30 -2.61 -10.07 -11.87
CA GLY K 30 -3.56 -10.40 -12.94
C GLY K 30 -4.99 -10.53 -12.43
N PHE K 31 -5.33 -9.90 -11.30
CA PHE K 31 -6.67 -10.09 -10.70
C PHE K 31 -7.54 -8.84 -10.88
N HIS K 32 -8.85 -9.05 -10.86
CA HIS K 32 -9.88 -8.00 -10.90
C HIS K 32 -11.18 -8.59 -10.40
N PRO K 33 -11.94 -7.90 -9.53
CA PRO K 33 -11.57 -6.61 -8.95
C PRO K 33 -10.50 -6.67 -7.85
N SER K 34 -10.29 -5.54 -7.16
CA SER K 34 -9.10 -5.29 -6.31
C SER K 34 -9.27 -5.88 -4.92
N ASP K 35 -10.47 -6.05 -4.42
CA ASP K 35 -10.68 -6.77 -3.15
C ASP K 35 -9.99 -8.12 -3.25
N ILE K 36 -9.01 -8.34 -2.39
CA ILE K 36 -8.30 -9.64 -2.32
C ILE K 36 -7.80 -9.83 -0.89
N GLU K 37 -7.86 -11.07 -0.41
CA GLU K 37 -7.31 -11.47 0.90
C GLU K 37 -6.03 -12.26 0.65
N VAL K 38 -4.95 -11.87 1.28
CA VAL K 38 -3.64 -12.55 1.21
C VAL K 38 -3.10 -12.70 2.63
N ASP K 39 -2.81 -13.92 3.07
CA ASP K 39 -2.10 -14.19 4.33
C ASP K 39 -0.90 -15.08 4.05
N LEU K 40 0.20 -14.86 4.76
CA LEU K 40 1.35 -15.78 4.76
C LEU K 40 1.16 -16.72 5.95
N LEU K 41 1.41 -18.00 5.74
CA LEU K 41 1.16 -19.07 6.74
C LEU K 41 2.50 -19.69 7.13
N LYS K 42 2.65 -19.98 8.41
CA LYS K 42 3.76 -20.76 8.98
C LYS K 42 3.14 -21.93 9.73
N ASN K 43 3.35 -23.14 9.23
CA ASN K 43 2.79 -24.41 9.77
C ASN K 43 1.26 -24.22 9.87
N GLY K 44 0.66 -23.70 8.80
CA GLY K 44 -0.80 -23.56 8.63
C GLY K 44 -1.37 -22.39 9.42
N GLU K 45 -0.52 -21.59 10.08
CA GLU K 45 -0.93 -20.50 11.00
C GLU K 45 -0.55 -19.15 10.38
N ARG K 46 -1.47 -18.19 10.45
CA ARG K 46 -1.34 -16.80 9.94
C ARG K 46 -0.15 -16.10 10.59
N ILE K 47 0.67 -15.42 9.79
CA ILE K 47 1.76 -14.54 10.25
C ILE K 47 1.18 -13.13 10.31
N GLU K 48 1.39 -12.46 11.43
CA GLU K 48 0.80 -11.12 11.69
C GLU K 48 1.70 -10.08 11.05
N LYS K 49 2.99 -10.18 11.24
CA LYS K 49 3.93 -9.09 10.90
C LYS K 49 4.28 -9.22 9.42
N VAL K 50 3.31 -8.90 8.57
CA VAL K 50 3.38 -8.98 7.09
C VAL K 50 3.15 -7.58 6.55
N GLU K 51 3.90 -7.16 5.55
CA GLU K 51 3.71 -5.85 4.90
C GLU K 51 3.28 -6.08 3.45
N HIS K 52 2.74 -5.06 2.82
CA HIS K 52 2.32 -5.15 1.42
C HIS K 52 2.64 -3.87 0.68
N SER K 53 2.96 -4.02 -0.60
CA SER K 53 3.11 -2.92 -1.57
C SER K 53 1.77 -2.16 -1.72
N ASP K 54 1.84 -0.94 -2.24
CA ASP K 54 0.67 -0.14 -2.65
C ASP K 54 0.07 -0.73 -3.92
N LEU K 55 -1.24 -1.01 -3.90
CA LEU K 55 -2.00 -1.51 -5.05
C LEU K 55 -1.59 -0.75 -6.30
N SER K 56 -1.21 -1.49 -7.34
CA SER K 56 -0.99 -0.93 -8.69
C SER K 56 -1.57 -1.89 -9.73
N PHE K 57 -1.45 -1.56 -11.01
CA PHE K 57 -2.04 -2.41 -12.08
C PHE K 57 -1.18 -2.37 -13.32
N SER K 58 -1.36 -3.38 -14.15
CA SER K 58 -0.60 -3.63 -15.39
C SER K 58 -1.31 -2.97 -16.59
N LYS K 59 -0.79 -3.17 -17.80
CA LYS K 59 -1.34 -2.57 -19.03
C LYS K 59 -2.79 -3.04 -19.23
N ASP K 60 -3.12 -4.28 -18.85
CA ASP K 60 -4.47 -4.87 -19.09
C ASP K 60 -5.44 -4.45 -17.96
N TRP K 61 -4.99 -3.58 -17.06
CA TRP K 61 -5.79 -2.99 -15.94
C TRP K 61 -5.88 -3.95 -14.76
N SER K 62 -5.39 -5.18 -14.88
CA SER K 62 -5.41 -6.16 -13.77
C SER K 62 -4.44 -5.72 -12.70
N PHE K 63 -4.76 -6.03 -11.43
CA PHE K 63 -4.04 -5.51 -10.23
C PHE K 63 -2.90 -6.45 -9.86
N TYR K 64 -1.94 -5.93 -9.08
CA TYR K 64 -0.86 -6.74 -8.48
C TYR K 64 -0.50 -6.16 -7.10
N LEU K 65 -0.16 -7.06 -6.18
CA LEU K 65 0.31 -6.73 -4.82
C LEU K 65 1.41 -7.71 -4.45
N LEU K 66 2.37 -7.22 -3.67
CA LEU K 66 3.42 -8.03 -3.02
C LEU K 66 3.17 -7.98 -1.52
N TYR K 67 3.03 -9.16 -0.91
CA TYR K 67 2.98 -9.35 0.55
C TYR K 67 4.30 -9.95 0.97
N TYR K 68 4.93 -9.43 2.01
CA TYR K 68 6.27 -9.90 2.43
C TYR K 68 6.44 -9.83 3.94
N THR K 69 7.23 -10.74 4.46
CA THR K 69 7.50 -10.86 5.91
C THR K 69 8.91 -11.39 6.10
N GLU K 70 9.61 -10.93 7.13
CA GLU K 70 10.91 -11.48 7.55
C GLU K 70 10.69 -12.88 8.08
N PHE K 71 11.50 -13.82 7.63
CA PHE K 71 11.52 -15.21 8.13
C PHE K 71 12.92 -15.80 7.97
N THR K 72 13.17 -16.86 8.74
CA THR K 72 14.36 -17.72 8.69
C THR K 72 13.92 -19.12 8.31
N PRO K 73 14.11 -19.55 7.05
CA PRO K 73 13.74 -20.90 6.67
C PRO K 73 14.52 -21.90 7.50
N THR K 74 13.88 -23.01 7.87
CA THR K 74 14.50 -24.21 8.48
C THR K 74 14.14 -25.40 7.59
N GLU K 75 14.56 -26.62 7.96
CA GLU K 75 14.29 -27.83 7.14
C GLU K 75 12.84 -28.28 7.36
N LYS K 76 12.29 -27.98 8.54
CA LYS K 76 11.02 -28.57 9.07
C LYS K 76 9.81 -27.67 8.78
N ASP K 77 9.98 -26.34 8.89
CA ASP K 77 8.87 -25.35 8.82
C ASP K 77 8.29 -25.30 7.39
N GLU K 78 6.96 -25.35 7.27
CA GLU K 78 6.19 -25.21 6.00
C GLU K 78 5.61 -23.80 5.90
N TYR K 79 5.88 -23.12 4.82
CA TYR K 79 5.38 -21.75 4.55
C TYR K 79 4.44 -21.83 3.37
N ALA K 80 3.43 -20.96 3.37
CA ALA K 80 2.37 -20.97 2.36
C ALA K 80 1.73 -19.59 2.25
N CYS K 81 1.06 -19.37 1.16
CA CYS K 81 0.31 -18.13 0.88
C CYS K 81 -1.14 -18.55 0.67
N ARG K 82 -2.05 -18.00 1.47
CA ARG K 82 -3.51 -18.24 1.38
C ARG K 82 -4.15 -17.03 0.69
N VAL K 83 -4.84 -17.24 -0.43
CA VAL K 83 -5.45 -16.12 -1.20
C VAL K 83 -6.94 -16.37 -1.32
N ASN K 84 -7.72 -15.32 -1.11
CA ASN K 84 -9.19 -15.34 -1.29
C ASN K 84 -9.58 -14.17 -2.20
N HIS K 85 -10.58 -14.40 -3.05
CA HIS K 85 -10.99 -13.48 -4.13
C HIS K 85 -12.35 -13.94 -4.66
N VAL K 86 -13.17 -13.04 -5.16
CA VAL K 86 -14.58 -13.38 -5.57
C VAL K 86 -14.54 -14.50 -6.60
N THR K 87 -13.46 -14.62 -7.39
CA THR K 87 -13.35 -15.59 -8.50
C THR K 87 -13.17 -17.02 -7.97
N LEU K 88 -12.85 -17.20 -6.69
CA LEU K 88 -12.41 -18.50 -6.13
C LEU K 88 -13.51 -19.12 -5.30
N SER K 89 -13.98 -20.30 -5.67
CA SER K 89 -15.07 -21.00 -4.94
C SER K 89 -14.58 -21.32 -3.53
N GLN K 90 -13.27 -21.26 -3.28
CA GLN K 90 -12.73 -21.29 -1.90
C GLN K 90 -11.29 -20.83 -1.92
N PRO K 91 -10.69 -20.52 -0.76
CA PRO K 91 -9.35 -19.97 -0.72
C PRO K 91 -8.31 -20.93 -1.34
N LYS K 92 -7.31 -20.38 -2.01
CA LYS K 92 -6.20 -21.14 -2.62
C LYS K 92 -4.99 -21.02 -1.69
N ILE K 93 -4.49 -22.16 -1.21
CA ILE K 93 -3.23 -22.25 -0.43
C ILE K 93 -2.12 -22.72 -1.37
N VAL K 94 -1.09 -21.91 -1.54
CA VAL K 94 0.12 -22.27 -2.36
C VAL K 94 1.31 -22.38 -1.40
N LYS K 95 1.87 -23.59 -1.28
CA LYS K 95 3.05 -23.89 -0.44
C LYS K 95 4.29 -23.27 -1.09
N TRP K 96 5.18 -22.72 -0.27
CA TRP K 96 6.52 -22.27 -0.69
C TRP K 96 7.36 -23.45 -1.11
N ASP K 97 7.87 -23.43 -2.33
CA ASP K 97 8.96 -24.35 -2.78
C ASP K 97 10.26 -23.54 -2.92
N ARG K 98 11.31 -23.95 -2.20
CA ARG K 98 12.69 -23.37 -2.22
C ARG K 98 13.16 -23.08 -3.64
N ASP K 99 12.90 -23.98 -4.58
CA ASP K 99 13.42 -23.88 -5.97
C ASP K 99 12.30 -23.48 -6.92
N MET K 100 11.40 -22.60 -6.53
CA MET K 100 10.36 -22.02 -7.43
C MET K 100 10.09 -20.56 -7.05
N ASN L 1 5.58 14.30 -9.65
CA ASN L 1 4.76 15.56 -9.65
C ASN L 1 3.51 15.33 -10.54
N LEU L 2 2.36 15.18 -9.88
CA LEU L 2 1.02 15.02 -10.50
C LEU L 2 0.68 16.24 -11.36
N SER L 3 -0.30 16.09 -12.24
CA SER L 3 -0.94 17.21 -12.96
C SER L 3 -1.96 17.90 -12.06
N ALA L 4 -2.12 19.22 -12.19
CA ALA L 4 -3.34 19.99 -11.79
C ALA L 4 -4.17 20.30 -13.03
N LEU L 5 -3.73 19.75 -14.18
CA LEU L 5 -4.30 19.94 -15.55
C LEU L 5 -5.00 18.66 -16.00
N GLY L 6 -6.03 18.79 -16.83
CA GLY L 6 -6.55 17.69 -17.65
C GLY L 6 -7.21 16.60 -16.82
N ILE L 7 -7.42 16.79 -15.52
CA ILE L 7 -8.08 15.79 -14.64
C ILE L 7 -9.51 16.26 -14.39
N PHE L 8 -10.41 15.89 -15.31
CA PHE L 8 -11.85 16.24 -15.26
C PHE L 8 -12.63 14.98 -14.91
N SER L 9 -13.74 15.16 -14.20
CA SER L 9 -14.70 14.07 -13.94
C SER L 9 -15.38 13.72 -15.26
N THR L 10 -16.14 12.65 -15.27
CA THR L 10 -16.45 11.83 -16.46
C THR L 10 -17.84 12.20 -16.98
N GLY M 1 27.61 26.54 22.71
CA GLY M 1 26.30 25.95 22.34
C GLY M 1 25.14 26.76 22.89
N SER M 2 23.92 26.31 22.57
CA SER M 2 22.64 27.04 22.85
C SER M 2 22.34 26.99 24.35
N HIS M 3 21.53 27.94 24.83
CA HIS M 3 21.04 27.99 26.23
C HIS M 3 19.56 28.40 26.25
N SER M 4 18.87 28.10 27.34
CA SER M 4 17.42 28.39 27.53
C SER M 4 17.15 28.75 28.99
N MET M 5 16.18 29.63 29.19
CA MET M 5 15.50 29.81 30.48
C MET M 5 14.02 29.48 30.28
N ARG M 6 13.47 28.56 31.06
CA ARG M 6 12.07 28.07 30.90
C ARG M 6 11.37 28.10 32.25
N TYR M 7 10.14 28.59 32.28
CA TYR M 7 9.26 28.54 33.46
C TYR M 7 8.11 27.60 33.15
N PHE M 8 7.76 26.76 34.12
CA PHE M 8 6.74 25.70 34.02
C PHE M 8 5.73 25.93 35.13
N PHE M 9 4.45 26.06 34.80
CA PHE M 9 3.38 26.34 35.77
C PHE M 9 2.31 25.25 35.64
N THR M 10 1.92 24.67 36.78
CA THR M 10 0.84 23.67 36.89
C THR M 10 -0.18 24.17 37.89
N SER M 11 -1.46 24.20 37.51
CA SER M 11 -2.59 24.48 38.44
C SER M 11 -3.61 23.35 38.37
N VAL M 12 -4.01 22.83 39.53
CA VAL M 12 -4.93 21.68 39.66
C VAL M 12 -6.09 22.13 40.56
N SER M 13 -7.32 21.99 40.09
CA SER M 13 -8.50 22.34 40.89
C SER M 13 -8.74 21.19 41.90
N ARG M 14 -9.26 21.53 43.08
CA ARG M 14 -9.62 20.55 44.12
C ARG M 14 -11.08 20.74 44.46
N PRO M 15 -12.00 20.07 43.73
CA PRO M 15 -13.43 20.21 43.97
C PRO M 15 -13.82 19.88 45.42
N GLY M 16 -14.58 20.76 46.04
CA GLY M 16 -15.05 20.61 47.44
C GLY M 16 -13.92 20.65 48.43
N ARG M 17 -12.70 21.06 48.03
CA ARG M 17 -11.49 21.00 48.89
C ARG M 17 -10.70 22.33 48.80
N GLY M 18 -11.30 23.41 48.29
CA GLY M 18 -10.80 24.78 48.39
C GLY M 18 -9.93 25.22 47.21
N GLU M 19 -8.91 26.01 47.50
CA GLU M 19 -8.04 26.69 46.52
C GLU M 19 -7.25 25.67 45.71
N PRO M 20 -6.95 25.97 44.44
CA PRO M 20 -6.21 25.07 43.58
C PRO M 20 -4.73 24.96 43.94
N ARG M 21 -4.15 23.76 43.78
CA ARG M 21 -2.70 23.53 43.85
C ARG M 21 -2.05 24.35 42.75
N PHE M 22 -0.99 25.08 43.05
CA PHE M 22 -0.22 25.86 42.05
C PHE M 22 1.26 25.64 42.29
N ILE M 23 1.96 25.21 41.26
CA ILE M 23 3.42 24.91 41.32
C ILE M 23 4.08 25.58 40.12
N ALA M 24 5.08 26.40 40.37
CA ALA M 24 5.89 27.11 39.37
C ALA M 24 7.34 26.66 39.54
N VAL M 25 7.98 26.25 38.47
CA VAL M 25 9.42 25.90 38.53
C VAL M 25 10.15 26.59 37.37
N GLY M 26 11.32 27.15 37.68
CA GLY M 26 12.18 27.86 36.72
C GLY M 26 13.44 27.05 36.47
N TYR M 27 13.87 26.96 35.23
CA TYR M 27 15.09 26.23 34.80
C TYR M 27 15.92 27.14 33.90
N VAL M 28 17.23 27.18 34.12
CA VAL M 28 18.22 27.52 33.07
C VAL M 28 18.77 26.20 32.53
N ASP M 29 18.59 25.94 31.24
CA ASP M 29 18.95 24.65 30.59
C ASP M 29 18.31 23.53 31.40
N ASP M 30 19.08 22.59 31.93
CA ASP M 30 18.56 21.41 32.67
C ASP M 30 18.65 21.60 34.19
N THR M 31 18.87 22.83 34.67
CA THR M 31 19.09 23.12 36.10
C THR M 31 17.91 23.93 36.65
N GLN M 32 17.21 23.36 37.61
CA GLN M 32 16.18 24.09 38.41
C GLN M 32 16.87 25.17 39.23
N PHE M 33 16.38 26.42 39.22
CA PHE M 33 16.95 27.52 40.03
C PHE M 33 15.89 28.17 40.94
N VAL M 34 14.61 28.08 40.59
CA VAL M 34 13.52 28.64 41.43
C VAL M 34 12.32 27.69 41.49
N ARG M 35 11.56 27.82 42.56
CA ARG M 35 10.31 27.08 42.81
C ARG M 35 9.31 27.99 43.54
N PHE M 36 8.03 27.82 43.28
CA PHE M 36 6.93 28.22 44.16
C PHE M 36 5.92 27.07 44.28
N ASP M 37 5.48 26.77 45.49
CA ASP M 37 4.48 25.70 45.78
C ASP M 37 3.45 26.22 46.80
N SER M 38 2.19 26.31 46.39
CA SER M 38 1.06 26.82 47.22
C SER M 38 0.89 25.96 48.48
N ASP M 39 1.40 24.74 48.50
CA ASP M 39 1.28 23.78 49.64
C ASP M 39 2.47 23.88 50.60
N ALA M 40 3.41 24.81 50.37
CA ALA M 40 4.67 24.94 51.13
C ALA M 40 4.55 26.03 52.21
N ALA M 41 5.38 25.96 53.23
CA ALA M 41 5.38 26.87 54.39
C ALA M 41 5.43 28.34 53.92
N SER M 42 6.40 28.69 53.07
CA SER M 42 6.90 30.08 52.89
C SER M 42 5.86 30.95 52.18
N GLN M 43 5.09 30.40 51.23
CA GLN M 43 4.20 31.19 50.32
C GLN M 43 5.03 32.25 49.62
N ARG M 44 6.28 31.94 49.30
CA ARG M 44 7.26 32.85 48.65
C ARG M 44 7.94 32.09 47.50
N MET M 45 8.46 32.80 46.52
CA MET M 45 9.37 32.20 45.51
C MET M 45 10.69 31.86 46.23
N GLU M 46 11.18 30.64 46.05
CA GLU M 46 12.34 30.08 46.79
C GLU M 46 13.48 29.79 45.81
N PRO M 47 14.75 29.98 46.23
CA PRO M 47 15.91 29.58 45.43
C PRO M 47 16.12 28.06 45.46
N ARG M 48 16.66 27.48 44.38
CA ARG M 48 16.95 26.02 44.28
C ARG M 48 18.30 25.79 43.60
N ALA M 49 19.13 26.82 43.47
CA ALA M 49 20.53 26.72 42.97
C ALA M 49 21.42 27.69 43.74
N PRO M 50 22.72 27.37 43.94
CA PRO M 50 23.64 28.27 44.63
C PRO M 50 23.61 29.72 44.11
N TRP M 51 23.63 29.89 42.79
CA TRP M 51 24.00 31.17 42.11
C TRP M 51 22.81 32.16 42.05
N ILE M 52 21.61 31.76 42.46
CA ILE M 52 20.43 32.67 42.52
C ILE M 52 20.27 33.22 43.95
N GLU M 53 20.82 32.53 44.96
CA GLU M 53 20.73 32.93 46.40
C GLU M 53 21.29 34.35 46.60
N GLN M 54 22.20 34.80 45.74
CA GLN M 54 22.94 36.09 45.87
C GLN M 54 22.07 37.29 45.44
N GLU M 55 20.82 37.07 44.99
CA GLU M 55 19.93 38.17 44.56
C GLU M 55 19.30 38.83 45.79
N GLY M 56 19.08 40.15 45.74
CA GLY M 56 18.67 40.97 46.90
C GLY M 56 17.22 40.72 47.26
N PRO M 57 16.73 41.27 48.41
CA PRO M 57 15.34 41.10 48.82
C PRO M 57 14.32 41.67 47.81
N GLU M 58 14.77 42.61 46.96
CA GLU M 58 13.95 43.25 45.88
C GLU M 58 13.56 42.20 44.85
N TYR M 59 14.52 41.36 44.44
CA TYR M 59 14.32 40.25 43.49
C TYR M 59 13.23 39.32 44.01
N TRP M 60 13.38 38.83 45.24
CA TRP M 60 12.50 37.78 45.84
C TRP M 60 11.10 38.34 46.12
N ASP M 61 11.01 39.61 46.57
CA ASP M 61 9.72 40.32 46.73
C ASP M 61 9.03 40.41 45.35
N GLY M 62 9.78 40.85 44.32
CA GLY M 62 9.31 40.97 42.93
C GLY M 62 8.82 39.63 42.38
N GLU M 63 9.64 38.59 42.47
CA GLU M 63 9.31 37.27 41.90
C GLU M 63 8.12 36.68 42.67
N THR M 64 8.01 36.94 43.97
CA THR M 64 6.88 36.45 44.81
C THR M 64 5.56 37.14 44.40
N ARG M 65 5.57 38.45 44.18
CA ARG M 65 4.37 39.21 43.76
C ARG M 65 3.92 38.67 42.39
N LYS M 66 4.87 38.40 41.48
CA LYS M 66 4.60 37.99 40.08
C LYS M 66 4.07 36.55 40.04
N VAL M 67 4.66 35.64 40.79
CA VAL M 67 4.24 34.21 40.74
C VAL M 67 2.86 34.09 41.39
N LYS M 68 2.55 34.93 42.38
CA LYS M 68 1.19 34.99 43.00
C LYS M 68 0.19 35.54 41.98
N ALA M 69 0.59 36.50 41.14
CA ALA M 69 -0.24 37.07 40.06
C ALA M 69 -0.54 35.98 39.04
N HIS M 70 0.47 35.18 38.66
CA HIS M 70 0.30 33.98 37.79
C HIS M 70 -0.72 33.03 38.42
N SER M 71 -0.54 32.72 39.71
CA SER M 71 -1.42 31.84 40.51
C SER M 71 -2.88 32.33 40.41
N GLN M 72 -3.08 33.65 40.53
CA GLN M 72 -4.42 34.28 40.50
C GLN M 72 -5.04 34.11 39.10
N THR M 73 -4.26 34.30 38.05
CA THR M 73 -4.73 34.15 36.66
C THR M 73 -5.18 32.69 36.44
N HIS M 74 -4.38 31.72 36.87
CA HIS M 74 -4.68 30.28 36.69
C HIS M 74 -5.93 29.89 37.50
N ARG M 75 -6.15 30.51 38.66
CA ARG M 75 -7.32 30.26 39.52
C ARG M 75 -8.58 30.69 38.75
N VAL M 76 -8.54 31.85 38.10
CA VAL M 76 -9.65 32.35 37.23
C VAL M 76 -9.79 31.41 36.03
N ASP M 77 -8.69 31.05 35.38
CA ASP M 77 -8.68 30.18 34.16
C ASP M 77 -9.43 28.88 34.45
N LEU M 78 -9.19 28.27 35.59
CA LEU M 78 -9.81 26.95 35.91
C LEU M 78 -11.34 27.10 35.91
N GLY M 79 -11.88 28.18 36.49
CA GLY M 79 -13.31 28.48 36.49
C GLY M 79 -13.82 28.73 35.07
N THR M 80 -13.08 29.49 34.28
CA THR M 80 -13.44 29.88 32.90
C THR M 80 -13.49 28.63 32.03
N LEU M 81 -12.47 27.79 32.09
CA LEU M 81 -12.34 26.62 31.21
C LEU M 81 -13.38 25.57 31.60
N ARG M 82 -13.69 25.40 32.89
CA ARG M 82 -14.84 24.56 33.38
C ARG M 82 -16.11 24.99 32.64
N GLY M 83 -16.34 26.28 32.51
CA GLY M 83 -17.48 26.87 31.77
C GLY M 83 -17.39 26.60 30.29
N TYR M 84 -16.26 26.92 29.67
CA TYR M 84 -16.04 26.77 28.21
C TYR M 84 -16.37 25.35 27.78
N TYR M 85 -16.03 24.35 28.59
CA TYR M 85 -16.23 22.92 28.24
C TYR M 85 -17.45 22.34 28.95
N ASN M 86 -18.21 23.16 29.66
CA ASN M 86 -19.41 22.79 30.46
C ASN M 86 -19.19 21.53 31.30
N GLN M 87 -18.11 21.47 32.05
CA GLN M 87 -17.78 20.28 32.89
C GLN M 87 -18.37 20.49 34.28
N SER M 88 -18.66 19.42 35.03
CA SER M 88 -19.23 19.56 36.40
C SER M 88 -18.15 20.09 37.33
N GLU M 89 -18.58 20.61 38.48
CA GLU M 89 -17.71 21.14 39.54
C GLU M 89 -17.17 19.98 40.39
N ALA M 90 -17.54 18.74 40.08
CA ALA M 90 -17.20 17.52 40.83
C ALA M 90 -15.79 17.04 40.48
N GLY M 91 -15.31 17.32 39.26
CA GLY M 91 -14.07 16.74 38.72
C GLY M 91 -12.89 17.68 38.83
N SER M 92 -11.70 17.14 39.06
CA SER M 92 -10.41 17.88 39.07
C SER M 92 -9.94 18.12 37.64
N HIS M 93 -9.52 19.35 37.33
CA HIS M 93 -8.97 19.72 36.00
C HIS M 93 -7.60 20.37 36.18
N THR M 94 -6.83 20.40 35.09
CA THR M 94 -5.40 20.76 35.08
C THR M 94 -5.14 21.86 34.06
N VAL M 95 -4.48 22.93 34.47
CA VAL M 95 -3.96 23.97 33.56
C VAL M 95 -2.45 23.95 33.65
N GLN M 96 -1.78 23.90 32.51
CA GLN M 96 -0.29 23.93 32.42
C GLN M 96 0.12 25.07 31.48
N ARG M 97 1.15 25.80 31.89
CA ARG M 97 1.75 26.91 31.13
C ARG M 97 3.26 26.79 31.17
N MET M 98 3.89 27.01 30.03
CA MET M 98 5.35 26.91 29.81
C MET M 98 5.74 28.11 28.91
N TYR M 99 6.70 28.94 29.34
CA TYR M 99 7.26 29.99 28.49
C TYR M 99 8.74 30.19 28.81
N GLY M 100 9.42 30.85 27.88
CA GLY M 100 10.87 31.06 27.94
C GLY M 100 11.46 31.36 26.59
N CYS M 101 12.79 31.50 26.60
CA CYS M 101 13.61 32.04 25.49
C CYS M 101 14.86 31.17 25.34
N ASP M 102 15.26 30.91 24.10
CA ASP M 102 16.55 30.28 23.74
C ASP M 102 17.52 31.39 23.29
N VAL M 103 18.80 31.25 23.64
CA VAL M 103 19.92 32.02 23.04
C VAL M 103 20.88 31.01 22.40
N GLY M 104 21.47 31.38 21.26
CA GLY M 104 22.58 30.65 20.62
C GLY M 104 23.89 30.87 21.38
N SER M 105 24.98 30.30 20.88
CA SER M 105 26.32 30.29 21.51
C SER M 105 26.83 31.73 21.72
N ASP M 106 26.31 32.70 20.95
CA ASP M 106 26.66 34.15 21.05
C ASP M 106 25.80 34.83 22.15
N TRP M 107 24.87 34.11 22.77
CA TRP M 107 23.94 34.57 23.84
C TRP M 107 22.97 35.64 23.30
N ARG M 108 22.75 35.69 21.98
CA ARG M 108 21.70 36.54 21.33
C ARG M 108 20.38 35.76 21.25
N PHE M 109 19.26 36.48 21.13
CA PHE M 109 17.88 35.91 21.05
C PHE M 109 17.77 34.99 19.83
N LEU M 110 17.12 33.82 19.99
CA LEU M 110 16.99 32.77 18.94
C LEU M 110 15.49 32.50 18.72
N ARG M 111 14.78 32.08 19.76
CA ARG M 111 13.29 31.96 19.76
C ARG M 111 12.76 32.22 21.18
N GLY M 112 11.50 32.68 21.24
CA GLY M 112 10.63 32.63 22.41
C GLY M 112 9.45 31.70 22.15
N TYR M 113 8.79 31.27 23.22
CA TYR M 113 7.64 30.35 23.16
C TYR M 113 6.77 30.61 24.38
N HIS M 114 5.46 30.44 24.21
CA HIS M 114 4.48 30.47 25.30
C HIS M 114 3.37 29.50 24.93
N GLN M 115 3.24 28.45 25.70
CA GLN M 115 2.37 27.28 25.43
C GLN M 115 1.48 27.07 26.64
N TYR M 116 0.23 26.68 26.39
CA TYR M 116 -0.85 26.56 27.41
C TYR M 116 -1.63 25.30 27.11
N ALA M 117 -1.86 24.48 28.12
CA ALA M 117 -2.58 23.19 27.98
C ALA M 117 -3.70 23.16 29.01
N TYR M 118 -4.82 22.51 28.63
CA TYR M 118 -5.94 22.15 29.52
C TYR M 118 -6.10 20.64 29.53
N ASP M 119 -6.09 20.04 30.71
CA ASP M 119 -6.31 18.59 30.89
C ASP M 119 -5.37 17.80 29.98
N GLY M 120 -4.09 18.15 29.95
CA GLY M 120 -3.02 17.36 29.31
C GLY M 120 -2.93 17.55 27.81
N LYS M 121 -3.63 18.54 27.25
CA LYS M 121 -3.82 18.70 25.78
C LYS M 121 -3.50 20.14 25.41
N ASP M 122 -2.84 20.35 24.28
CA ASP M 122 -2.64 21.68 23.67
C ASP M 122 -3.95 22.44 23.71
N TYR M 123 -3.94 23.65 24.23
CA TYR M 123 -5.11 24.57 24.22
C TYR M 123 -4.80 25.74 23.28
N ILE M 124 -3.80 26.54 23.60
CA ILE M 124 -3.37 27.69 22.77
C ILE M 124 -1.85 27.89 22.92
N ALA M 125 -1.16 28.14 21.80
CA ALA M 125 0.30 28.33 21.71
C ALA M 125 0.62 29.59 20.87
N LEU M 126 1.60 30.37 21.31
CA LEU M 126 2.19 31.49 20.55
C LEU M 126 3.10 30.91 19.47
N LYS M 127 2.98 31.41 18.25
CA LYS M 127 3.73 30.93 17.05
C LYS M 127 5.16 31.51 17.06
N GLU M 128 6.05 30.95 16.22
CA GLU M 128 7.46 31.36 16.02
C GLU M 128 7.58 32.90 16.03
N ASP M 129 6.74 33.59 15.24
CA ASP M 129 6.79 35.05 14.98
C ASP M 129 6.45 35.86 16.24
N LEU M 130 5.83 35.26 17.26
CA LEU M 130 5.48 35.92 18.55
C LEU M 130 4.45 37.04 18.34
N ARG M 131 3.62 36.96 17.27
CA ARG M 131 2.56 37.96 16.97
C ARG M 131 1.20 37.27 16.78
N SER M 132 1.14 35.94 16.64
CA SER M 132 -0.09 35.18 16.33
C SER M 132 -0.19 33.87 17.13
N TRP M 133 -1.39 33.31 17.19
CA TRP M 133 -1.76 32.18 18.08
C TRP M 133 -2.26 31.00 17.25
N THR M 134 -1.95 29.78 17.68
CA THR M 134 -2.57 28.51 17.27
C THR M 134 -3.52 28.05 18.39
N ALA M 135 -4.81 27.93 18.08
CA ALA M 135 -5.88 27.42 18.97
C ALA M 135 -6.26 26.01 18.57
N ALA M 136 -6.41 25.11 19.54
CA ALA M 136 -6.58 23.65 19.34
C ALA M 136 -8.05 23.33 18.99
N ASP M 137 -9.00 24.17 19.42
CA ASP M 137 -10.45 23.85 19.29
C ASP M 137 -11.25 25.14 19.39
N MET M 138 -12.57 25.05 19.34
CA MET M 138 -13.48 26.20 19.25
C MET M 138 -13.45 27.00 20.57
N ALA M 139 -13.20 26.37 21.70
CA ALA M 139 -13.11 27.04 23.02
C ALA M 139 -11.85 27.90 23.08
N ALA M 140 -10.72 27.36 22.61
CA ALA M 140 -9.45 28.10 22.54
C ALA M 140 -9.57 29.27 21.52
N GLN M 141 -10.46 29.16 20.56
CA GLN M 141 -10.72 30.26 19.58
C GLN M 141 -11.26 31.48 20.37
N THR M 142 -12.14 31.26 21.36
CA THR M 142 -12.69 32.31 22.26
C THR M 142 -11.52 33.01 22.97
N THR M 143 -10.62 32.24 23.59
CA THR M 143 -9.41 32.76 24.26
C THR M 143 -8.58 33.57 23.24
N LYS M 144 -8.35 32.99 22.06
CA LYS M 144 -7.48 33.59 21.02
C LYS M 144 -7.97 34.99 20.70
N HIS M 145 -9.29 35.17 20.55
CA HIS M 145 -9.89 36.48 20.20
C HIS M 145 -9.70 37.45 21.38
N LYS M 146 -9.89 36.97 22.61
CA LYS M 146 -9.76 37.78 23.84
C LYS M 146 -8.31 38.30 23.93
N TRP M 147 -7.33 37.43 23.62
CA TRP M 147 -5.88 37.71 23.74
C TRP M 147 -5.40 38.66 22.62
N GLU M 148 -6.01 38.58 21.43
CA GLU M 148 -5.72 39.48 20.28
C GLU M 148 -6.27 40.87 20.58
N ALA M 149 -7.45 40.96 21.24
CA ALA M 149 -8.12 42.23 21.61
C ALA M 149 -7.26 42.96 22.67
N ALA M 150 -6.67 42.22 23.60
CA ALA M 150 -5.86 42.74 24.73
C ALA M 150 -4.38 42.85 24.31
N HIS M 151 -4.03 42.46 23.07
CA HIS M 151 -2.66 42.54 22.51
C HIS M 151 -1.69 41.77 23.42
N VAL M 152 -2.09 40.59 23.89
CA VAL M 152 -1.28 39.74 24.80
C VAL M 152 -0.01 39.29 24.09
N ALA M 153 -0.05 39.08 22.76
CA ALA M 153 1.11 38.60 21.96
C ALA M 153 2.25 39.65 22.04
N GLU M 154 1.91 40.91 21.84
CA GLU M 154 2.84 42.07 21.96
C GLU M 154 3.48 42.07 23.35
N GLN M 155 2.68 41.87 24.40
CA GLN M 155 3.16 41.92 25.82
C GLN M 155 4.24 40.84 26.03
N LEU M 156 3.93 39.60 25.63
CA LEU M 156 4.85 38.43 25.78
C LEU M 156 6.08 38.61 24.88
N ARG M 157 5.91 39.07 23.62
CA ARG M 157 7.05 39.34 22.68
C ARG M 157 8.08 40.19 23.42
N ALA M 158 7.63 41.26 24.10
CA ALA M 158 8.47 42.24 24.84
C ALA M 158 9.25 41.55 25.97
N TYR M 159 8.61 40.67 26.75
CA TYR M 159 9.28 39.91 27.84
C TYR M 159 10.30 38.95 27.23
N LEU M 160 9.90 38.19 26.20
CA LEU M 160 10.68 37.09 25.58
C LEU M 160 11.91 37.61 24.82
N GLU M 161 11.81 38.78 24.17
CA GLU M 161 12.91 39.39 23.38
C GLU M 161 13.75 40.32 24.27
N GLY M 162 13.18 40.81 25.38
CA GLY M 162 13.83 41.74 26.32
C GLY M 162 14.22 41.02 27.62
N THR M 163 13.43 41.21 28.68
CA THR M 163 13.71 40.79 30.07
C THR M 163 14.17 39.31 30.12
N CYS M 164 13.54 38.42 29.34
CA CYS M 164 13.82 36.96 29.36
C CYS M 164 15.31 36.71 29.08
N VAL M 165 15.84 37.18 27.95
CA VAL M 165 17.22 36.90 27.47
C VAL M 165 18.23 37.64 28.36
N GLU M 166 17.89 38.86 28.80
CA GLU M 166 18.78 39.75 29.56
C GLU M 166 19.05 39.12 30.94
N TRP M 167 18.06 38.48 31.56
CA TRP M 167 18.22 37.81 32.86
C TRP M 167 18.80 36.41 32.65
N LEU M 168 18.62 35.80 31.48
CA LEU M 168 19.26 34.51 31.13
C LEU M 168 20.79 34.71 31.12
N ARG M 169 21.26 35.74 30.40
CA ARG M 169 22.71 36.09 30.30
C ARG M 169 23.29 36.29 31.71
N ARG M 170 22.65 37.13 32.52
CA ARG M 170 23.04 37.38 33.93
C ARG M 170 23.19 36.05 34.66
N TYR M 171 22.16 35.20 34.64
CA TYR M 171 22.15 33.86 35.33
C TYR M 171 23.32 33.01 34.85
N LEU M 172 23.63 33.05 33.54
CA LEU M 172 24.74 32.26 32.93
C LEU M 172 26.08 32.76 33.50
N GLU M 173 26.25 34.07 33.57
CA GLU M 173 27.47 34.71 34.12
C GLU M 173 27.60 34.39 35.61
N ASN M 174 26.58 34.70 36.41
CA ASN M 174 26.59 34.48 37.88
C ASN M 174 26.77 32.99 38.21
N GLY M 175 26.22 32.10 37.37
CA GLY M 175 26.28 30.64 37.57
C GLY M 175 27.32 29.98 36.67
N LYS M 176 28.35 30.71 36.25
CA LYS M 176 29.37 30.21 35.28
C LYS M 176 29.85 28.81 35.69
N GLU M 177 30.13 28.58 36.97
CA GLU M 177 30.75 27.31 37.46
C GLU M 177 29.78 26.11 37.26
N THR M 178 28.46 26.34 37.32
CA THR M 178 27.41 25.29 37.23
C THR M 178 26.90 25.19 35.79
N LEU M 179 26.38 26.27 35.23
CA LEU M 179 25.53 26.28 34.00
C LEU M 179 26.40 26.15 32.74
N GLN M 180 27.66 26.64 32.76
CA GLN M 180 28.54 26.68 31.56
C GLN M 180 29.49 25.48 31.58
N ARG M 181 29.34 24.58 32.55
CA ARG M 181 30.06 23.28 32.62
C ARG M 181 29.39 22.29 31.67
N THR M 182 30.17 21.31 31.21
CA THR M 182 29.72 20.02 30.64
C THR M 182 30.36 18.93 31.50
N ASP M 183 29.61 17.92 31.92
CA ASP M 183 30.17 16.67 32.52
C ASP M 183 30.03 15.55 31.50
N ALA M 184 31.13 15.05 30.97
CA ALA M 184 31.15 13.88 30.06
C ALA M 184 30.50 12.71 30.79
N PRO M 185 29.69 11.87 30.12
CA PRO M 185 29.30 10.57 30.66
C PRO M 185 30.53 9.73 31.03
N LYS M 186 30.58 9.24 32.26
CA LYS M 186 31.29 7.98 32.63
C LYS M 186 30.49 6.82 32.07
N THR M 187 31.10 5.94 31.30
CA THR M 187 30.42 4.80 30.65
C THR M 187 31.01 3.47 31.12
N HIS M 188 30.20 2.42 31.09
CA HIS M 188 30.62 1.03 31.36
C HIS M 188 29.54 0.13 30.83
N MET M 189 29.84 -1.15 30.69
CA MET M 189 28.89 -2.17 30.18
C MET M 189 28.79 -3.28 31.23
N THR M 190 27.60 -3.84 31.39
CA THR M 190 27.34 -5.00 32.25
C THR M 190 26.66 -6.09 31.42
N HIS M 191 26.74 -7.31 31.94
CA HIS M 191 26.31 -8.57 31.29
C HIS M 191 25.56 -9.37 32.34
N HIS M 192 24.35 -9.84 32.00
CA HIS M 192 23.56 -10.81 32.80
C HIS M 192 23.16 -11.99 31.93
N ALA M 193 23.26 -13.21 32.44
CA ALA M 193 22.53 -14.38 31.91
C ALA M 193 21.04 -14.04 32.00
N VAL M 194 20.28 -14.26 30.93
CA VAL M 194 18.81 -14.07 30.87
C VAL M 194 18.14 -15.44 30.72
N SER M 195 18.83 -16.39 30.07
CA SER M 195 18.53 -17.85 30.03
C SER M 195 19.86 -18.61 29.79
N ASP M 196 19.81 -19.88 29.36
CA ASP M 196 21.02 -20.67 29.08
C ASP M 196 21.53 -20.34 27.65
N HIS M 197 20.75 -19.59 26.84
CA HIS M 197 21.07 -19.33 25.41
C HIS M 197 21.05 -17.82 25.09
N GLU M 198 20.70 -16.96 26.05
CA GLU M 198 20.61 -15.49 25.82
C GLU M 198 21.28 -14.75 26.98
N ALA M 199 21.55 -13.48 26.76
CA ALA M 199 22.26 -12.61 27.71
C ALA M 199 21.88 -11.16 27.45
N THR M 200 21.81 -10.37 28.50
CA THR M 200 21.59 -8.92 28.38
C THR M 200 22.93 -8.21 28.44
N LEU M 201 23.19 -7.35 27.50
CA LEU M 201 24.25 -6.33 27.56
C LEU M 201 23.59 -4.99 27.90
N ARG M 202 24.06 -4.36 28.96
CA ARG M 202 23.55 -3.07 29.44
C ARG M 202 24.70 -2.04 29.34
N CYS M 203 24.48 -1.05 28.49
CA CYS M 203 25.38 0.09 28.24
C CYS M 203 24.92 1.28 29.09
N TRP M 204 25.83 1.78 29.94
CA TRP M 204 25.52 2.76 30.99
C TRP M 204 26.17 4.10 30.67
N ALA M 205 25.44 5.20 30.85
CA ALA M 205 25.99 6.59 30.87
C ALA M 205 25.59 7.27 32.19
N LEU M 206 26.58 7.62 33.03
CA LEU M 206 26.38 8.13 34.41
C LEU M 206 26.98 9.55 34.54
N SER M 207 26.48 10.32 35.50
CA SER M 207 27.07 11.60 35.99
C SER M 207 27.29 12.57 34.82
N PHE M 208 26.37 12.64 33.83
CA PHE M 208 26.53 13.52 32.66
C PHE M 208 25.60 14.75 32.74
N TYR M 209 26.02 15.81 32.09
CA TYR M 209 25.29 17.10 31.99
C TYR M 209 25.78 17.85 30.75
N PRO M 210 24.87 18.40 29.92
CA PRO M 210 23.42 18.33 30.14
C PRO M 210 22.77 16.95 29.87
N ALA M 211 21.45 16.92 29.96
CA ALA M 211 20.57 15.72 29.88
C ALA M 211 20.63 15.09 28.48
N GLU M 212 20.65 15.89 27.42
CA GLU M 212 20.67 15.43 26.01
C GLU M 212 21.75 14.35 25.83
N ILE M 213 21.39 13.17 25.35
CA ILE M 213 22.34 12.03 25.13
C ILE M 213 21.75 11.05 24.12
N THR M 214 22.60 10.37 23.35
CA THR M 214 22.21 9.24 22.47
C THR M 214 23.02 8.00 22.85
N LEU M 215 22.35 6.91 23.21
CA LEU M 215 22.91 5.54 23.27
C LEU M 215 22.24 4.74 22.17
N THR M 216 23.02 4.15 21.26
CA THR M 216 22.54 3.20 20.22
C THR M 216 23.36 1.91 20.30
N TRP M 217 22.75 0.78 19.96
CA TRP M 217 23.42 -0.52 19.76
C TRP M 217 23.66 -0.77 18.27
N GLN M 218 24.76 -1.45 17.94
CA GLN M 218 25.07 -1.98 16.59
C GLN M 218 25.40 -3.47 16.71
N ARG M 219 25.02 -4.25 15.70
CA ARG M 219 25.39 -5.67 15.54
C ARG M 219 26.12 -5.78 14.21
N ASP M 220 27.44 -6.03 14.26
CA ASP M 220 28.30 -6.17 13.06
C ASP M 220 28.28 -4.85 12.29
N GLY M 221 28.29 -3.71 13.01
CA GLY M 221 28.31 -2.34 12.46
C GLY M 221 26.95 -1.83 12.00
N GLU M 222 25.89 -2.64 12.07
CA GLU M 222 24.51 -2.30 11.57
C GLU M 222 23.62 -1.90 12.76
N ASP M 223 23.02 -0.70 12.72
CA ASP M 223 22.09 -0.16 13.75
C ASP M 223 21.07 -1.24 14.14
N GLN M 224 20.91 -1.49 15.43
CA GLN M 224 20.12 -2.59 16.00
C GLN M 224 19.02 -1.99 16.88
N THR M 225 17.78 -2.02 16.42
CA THR M 225 16.56 -1.61 17.15
C THR M 225 15.96 -2.86 17.83
N GLN M 226 16.05 -4.03 17.21
CA GLN M 226 15.31 -5.25 17.64
C GLN M 226 15.97 -5.85 18.88
N ASP M 227 15.14 -6.29 19.85
CA ASP M 227 15.56 -6.90 21.15
C ASP M 227 16.33 -5.88 22.03
N THR M 228 16.19 -4.58 21.77
CA THR M 228 16.76 -3.49 22.62
C THR M 228 15.70 -2.92 23.59
N GLU M 229 16.18 -2.36 24.71
CA GLU M 229 15.40 -1.62 25.72
C GLU M 229 16.17 -0.35 26.04
N LEU M 230 15.51 0.79 26.02
CA LEU M 230 16.11 2.13 26.26
C LEU M 230 15.27 2.84 27.33
N VAL M 231 15.80 3.05 28.54
CA VAL M 231 15.04 3.77 29.61
C VAL M 231 15.17 5.28 29.37
N GLU M 232 14.18 6.05 29.82
CA GLU M 232 14.22 7.52 29.85
C GLU M 232 15.45 7.99 30.63
N THR M 233 16.05 9.09 30.19
CA THR M 233 17.10 9.81 30.92
C THR M 233 16.48 10.25 32.24
N ARG M 234 17.18 10.01 33.35
CA ARG M 234 16.68 10.16 34.73
C ARG M 234 17.65 11.02 35.52
N PRO M 235 17.15 11.87 36.46
CA PRO M 235 18.02 12.61 37.34
C PRO M 235 18.68 11.65 38.35
N ALA M 236 19.99 11.83 38.60
CA ALA M 236 20.75 11.14 39.65
C ALA M 236 20.43 11.78 40.99
N GLY M 237 20.09 13.05 40.95
CA GLY M 237 19.66 13.85 42.11
C GLY M 237 20.72 14.83 42.53
N ASP M 238 21.88 14.83 41.85
CA ASP M 238 23.07 15.68 42.23
C ASP M 238 23.34 16.73 41.14
N GLY M 239 22.35 16.98 40.28
CA GLY M 239 22.48 17.87 39.10
C GLY M 239 22.99 17.14 37.86
N THR M 240 23.23 15.82 37.95
CA THR M 240 23.67 15.01 36.78
C THR M 240 22.54 14.09 36.39
N PHE M 241 22.72 13.44 35.24
CA PHE M 241 21.71 12.55 34.62
C PHE M 241 22.35 11.19 34.40
N GLN M 242 21.48 10.20 34.19
CA GLN M 242 21.85 8.78 33.95
C GLN M 242 20.96 8.27 32.80
N LYS M 243 21.43 7.25 32.10
CA LYS M 243 20.63 6.50 31.10
C LYS M 243 21.29 5.16 30.87
N TRP M 244 20.51 4.18 30.43
CA TRP M 244 21.10 2.93 29.92
C TRP M 244 20.27 2.45 28.74
N ALA M 245 20.91 1.63 27.93
CA ALA M 245 20.37 0.90 26.77
C ALA M 245 20.84 -0.56 26.87
N ALA M 246 19.95 -1.49 26.65
CA ALA M 246 20.23 -2.93 26.76
C ALA M 246 19.80 -3.63 25.48
N VAL M 247 20.46 -4.74 25.22
CA VAL M 247 20.17 -5.63 24.09
C VAL M 247 20.28 -7.05 24.63
N VAL M 248 19.35 -7.90 24.24
CA VAL M 248 19.35 -9.36 24.50
C VAL M 248 20.04 -10.02 23.31
N VAL M 249 21.06 -10.83 23.56
CA VAL M 249 21.95 -11.39 22.52
C VAL M 249 22.05 -12.90 22.75
N PRO M 250 22.31 -13.68 21.67
CA PRO M 250 22.64 -15.09 21.81
C PRO M 250 23.96 -15.26 22.61
N SER M 251 24.00 -16.26 23.49
CA SER M 251 25.23 -16.72 24.20
C SER M 251 26.36 -16.95 23.19
N GLY M 252 27.49 -16.26 23.38
CA GLY M 252 28.69 -16.43 22.55
C GLY M 252 28.87 -15.31 21.55
N GLN M 253 27.84 -14.49 21.32
CA GLN M 253 27.82 -13.49 20.21
C GLN M 253 28.01 -12.05 20.76
N GLU M 254 28.34 -11.92 22.04
CA GLU M 254 28.44 -10.62 22.76
C GLU M 254 29.36 -9.65 21.99
N GLN M 255 30.46 -10.18 21.43
CA GLN M 255 31.56 -9.41 20.78
C GLN M 255 31.13 -8.86 19.39
N ARG M 256 29.95 -9.26 18.90
CA ARG M 256 29.35 -8.75 17.64
C ARG M 256 28.68 -7.41 17.88
N TYR M 257 28.42 -7.07 19.16
CA TYR M 257 27.59 -5.91 19.55
C TYR M 257 28.46 -4.80 20.09
N THR M 258 28.23 -3.56 19.63
CA THR M 258 28.86 -2.32 20.11
C THR M 258 27.81 -1.32 20.59
N CYS M 259 28.10 -0.62 21.69
CA CYS M 259 27.30 0.51 22.19
C CYS M 259 27.97 1.84 21.83
N HIS M 260 27.21 2.77 21.24
CA HIS M 260 27.70 4.11 20.79
C HIS M 260 27.09 5.22 21.66
N VAL M 261 27.91 6.12 22.18
CA VAL M 261 27.49 7.14 23.16
C VAL M 261 27.86 8.51 22.60
N GLN M 262 26.88 9.39 22.41
CA GLN M 262 27.13 10.77 21.94
C GLN M 262 26.71 11.74 23.04
N HIS M 263 27.60 12.64 23.43
CA HIS M 263 27.28 13.72 24.38
C HIS M 263 28.15 14.92 24.06
N GLU M 264 27.62 16.12 24.32
CA GLU M 264 28.28 17.44 24.14
C GLU M 264 29.69 17.43 24.76
N GLY M 265 29.87 16.69 25.88
CA GLY M 265 31.07 16.67 26.74
C GLY M 265 32.13 15.69 26.25
N LEU M 266 31.80 14.85 25.28
CA LEU M 266 32.75 13.87 24.68
C LEU M 266 33.41 14.49 23.47
N PRO M 267 34.74 14.72 23.52
CA PRO M 267 35.47 15.26 22.38
C PRO M 267 35.19 14.42 21.13
N LYS M 268 35.00 13.11 21.32
CA LYS M 268 34.71 12.12 20.24
C LYS M 268 33.65 11.15 20.75
N PRO M 269 32.74 10.68 19.87
CA PRO M 269 31.81 9.60 20.21
C PRO M 269 32.53 8.30 20.61
N LEU M 270 32.05 7.68 21.69
CA LEU M 270 32.60 6.44 22.30
C LEU M 270 31.97 5.23 21.65
N THR M 271 32.76 4.20 21.43
CA THR M 271 32.32 2.83 21.13
C THR M 271 32.69 1.95 22.30
N LEU M 272 31.75 1.19 22.85
CA LEU M 272 32.01 0.20 23.92
C LEU M 272 31.71 -1.19 23.38
N ARG M 273 32.46 -2.20 23.81
CA ARG M 273 32.25 -3.61 23.40
C ARG M 273 32.39 -4.49 24.64
N TRP M 274 31.59 -5.55 24.78
CA TRP M 274 31.76 -6.49 25.92
C TRP M 274 33.14 -7.14 25.83
N GLU M 275 33.94 -7.01 26.89
CA GLU M 275 35.17 -7.85 27.11
C GLU M 275 35.03 -8.60 28.44
N PRO M 276 34.85 -9.95 28.39
CA PRO M 276 34.64 -10.78 29.59
C PRO M 276 35.78 -10.75 30.61
N MET N 1 -9.95 14.76 28.30
CA MET N 1 -9.30 14.21 29.51
C MET N 1 -8.30 13.10 29.12
N ILE N 2 -7.03 13.47 28.97
CA ILE N 2 -5.89 12.52 28.82
C ILE N 2 -5.65 11.84 30.17
N GLN N 3 -5.47 10.52 30.18
CA GLN N 3 -4.86 9.77 31.29
C GLN N 3 -3.65 9.02 30.75
N ARG N 4 -2.47 9.28 31.31
CA ARG N 4 -1.24 8.55 31.01
C ARG N 4 -0.76 7.87 32.28
N THR N 5 -0.45 6.59 32.20
CA THR N 5 0.01 5.76 33.32
C THR N 5 1.50 6.05 33.55
N PRO N 6 1.94 6.21 34.80
CA PRO N 6 3.34 6.52 35.10
C PRO N 6 4.34 5.43 34.72
N LYS N 7 5.47 5.85 34.14
CA LYS N 7 6.69 5.03 34.01
C LYS N 7 7.43 5.17 35.32
N ILE N 8 7.93 4.05 35.86
CA ILE N 8 8.57 4.02 37.19
C ILE N 8 9.97 3.46 37.03
N GLN N 9 10.95 4.15 37.57
CA GLN N 9 12.35 3.65 37.66
C GLN N 9 12.83 3.80 39.09
N VAL N 10 13.32 2.72 39.67
CA VAL N 10 13.98 2.72 40.99
C VAL N 10 15.47 2.41 40.81
N TYR N 11 16.34 3.26 41.36
CA TYR N 11 17.79 3.26 41.17
C TYR N 11 18.46 4.07 42.27
N SER N 12 19.77 3.90 42.39
CA SER N 12 20.65 4.63 43.32
C SER N 12 21.33 5.79 42.59
N ARG N 13 21.73 6.82 43.33
CA ARG N 13 22.47 7.98 42.78
C ARG N 13 23.84 7.53 42.28
N HIS N 14 24.52 6.69 43.07
CA HIS N 14 25.89 6.16 42.79
C HIS N 14 25.78 4.64 42.69
N PRO N 15 26.73 3.99 42.00
CA PRO N 15 26.77 2.53 41.98
C PRO N 15 26.69 1.99 43.40
N ALA N 16 25.79 1.06 43.63
CA ALA N 16 25.57 0.49 44.96
C ALA N 16 26.82 -0.26 45.40
N GLU N 17 27.30 0.05 46.59
CA GLU N 17 28.27 -0.80 47.34
C GLU N 17 27.63 -1.11 48.69
N ASN N 18 27.55 -2.38 49.04
CA ASN N 18 27.06 -2.83 50.34
C ASN N 18 27.83 -2.09 51.45
N GLY N 19 27.12 -1.53 52.42
CA GLY N 19 27.70 -0.90 53.62
C GLY N 19 28.07 0.56 53.37
N LYS N 20 27.88 1.05 52.16
CA LYS N 20 28.24 2.43 51.76
C LYS N 20 26.95 3.25 51.63
N SER N 21 26.85 4.33 52.35
CA SER N 21 25.76 5.31 52.29
C SER N 21 25.59 5.86 50.85
N ASN N 22 24.37 6.09 50.42
CA ASN N 22 23.96 6.32 49.01
C ASN N 22 22.58 6.98 49.01
N PHE N 23 21.99 7.18 47.85
CA PHE N 23 20.62 7.69 47.73
C PHE N 23 19.80 6.74 46.89
N LEU N 24 18.62 6.41 47.38
CA LEU N 24 17.63 5.60 46.63
C LEU N 24 16.63 6.54 45.99
N ASN N 25 16.43 6.36 44.71
CA ASN N 25 15.62 7.23 43.84
C ASN N 25 14.48 6.40 43.29
N CYS N 26 13.29 6.99 43.29
CA CYS N 26 12.15 6.54 42.50
C CYS N 26 11.74 7.66 41.55
N TYR N 27 12.02 7.49 40.27
CA TYR N 27 11.64 8.43 39.20
C TYR N 27 10.33 7.98 38.57
N VAL N 28 9.36 8.87 38.59
CA VAL N 28 8.02 8.63 38.04
C VAL N 28 7.79 9.67 36.95
N SER N 29 7.49 9.23 35.75
CA SER N 29 7.39 10.13 34.59
C SER N 29 6.25 9.73 33.65
N GLY N 30 5.90 10.59 32.71
CA GLY N 30 4.96 10.31 31.62
C GLY N 30 3.53 10.13 32.11
N PHE N 31 3.17 10.71 33.26
CA PHE N 31 1.84 10.49 33.87
C PHE N 31 0.96 11.72 33.72
N HIS N 32 -0.35 11.46 33.74
CA HIS N 32 -1.39 12.50 33.75
C HIS N 32 -2.68 11.87 34.23
N PRO N 33 -3.46 12.50 35.13
CA PRO N 33 -3.12 13.77 35.75
C PRO N 33 -2.04 13.68 36.84
N SER N 34 -1.84 14.78 37.59
CA SER N 34 -0.67 15.01 38.45
C SER N 34 -0.83 14.33 39.81
N ASP N 35 -2.03 14.11 40.31
CA ASP N 35 -2.22 13.38 41.58
C ASP N 35 -1.48 12.04 41.45
N ILE N 36 -0.49 11.81 42.29
CA ILE N 36 0.23 10.52 42.35
C ILE N 36 0.74 10.26 43.75
N GLU N 37 0.68 9.04 44.19
CA GLU N 37 1.20 8.57 45.50
C GLU N 37 2.48 7.79 45.25
N VAL N 38 3.58 8.18 45.89
CA VAL N 38 4.87 7.48 45.81
C VAL N 38 5.38 7.26 47.23
N ASP N 39 5.66 6.01 47.60
CA ASP N 39 6.42 5.69 48.83
C ASP N 39 7.64 4.84 48.46
N LEU N 40 8.73 5.05 49.17
CA LEU N 40 9.89 4.14 49.16
C LEU N 40 9.72 3.14 50.28
N LEU N 41 9.96 1.87 49.99
CA LEU N 41 9.74 0.76 50.96
C LEU N 41 11.09 0.12 51.29
N LYS N 42 11.27 -0.23 52.55
CA LYS N 42 12.37 -1.05 53.06
C LYS N 42 11.78 -2.27 53.74
N ASN N 43 12.00 -3.45 53.15
CA ASN N 43 11.44 -4.75 53.60
C ASN N 43 9.92 -4.58 53.75
N GLY N 44 9.28 -4.00 52.75
CA GLY N 44 7.81 -3.86 52.64
C GLY N 44 7.26 -2.74 53.50
N GLU N 45 8.12 -1.98 54.19
CA GLU N 45 7.75 -0.95 55.20
C GLU N 45 8.11 0.42 54.63
N ARG N 46 7.20 1.36 54.74
CA ARG N 46 7.31 2.78 54.30
C ARG N 46 8.51 3.46 54.99
N ILE N 47 9.30 4.17 54.23
CA ILE N 47 10.37 5.06 54.71
C ILE N 47 9.78 6.46 54.87
N GLU N 48 9.98 7.08 56.01
CA GLU N 48 9.37 8.39 56.33
C GLU N 48 10.23 9.49 55.67
N LYS N 49 11.54 9.42 55.85
CA LYS N 49 12.44 10.55 55.56
C LYS N 49 12.76 10.51 54.07
N VAL N 50 11.77 10.86 53.24
CA VAL N 50 11.81 10.83 51.77
C VAL N 50 11.57 12.25 51.27
N GLU N 51 12.33 12.72 50.29
CA GLU N 51 12.14 14.05 49.70
C GLU N 51 11.70 13.89 48.23
N HIS N 52 11.18 14.94 47.63
CA HIS N 52 10.74 14.90 46.23
C HIS N 52 11.04 16.23 45.57
N SER N 53 11.30 16.16 44.27
CA SER N 53 11.48 17.30 43.36
C SER N 53 10.14 18.07 43.24
N ASP N 54 10.22 19.30 42.74
CA ASP N 54 9.06 20.12 42.36
C ASP N 54 8.46 19.57 41.07
N LEU N 55 7.16 19.31 41.07
CA LEU N 55 6.40 18.81 39.89
C LEU N 55 6.79 19.64 38.68
N SER N 56 7.20 18.98 37.61
CA SER N 56 7.42 19.58 36.28
C SER N 56 6.85 18.67 35.20
N PHE N 57 6.98 19.04 33.93
CA PHE N 57 6.41 18.25 32.82
C PHE N 57 7.29 18.35 31.59
N SER N 58 7.11 17.36 30.71
CA SER N 58 7.85 17.16 29.44
C SER N 58 7.15 17.88 28.28
N LYS N 59 7.67 17.73 27.07
CA LYS N 59 7.15 18.36 25.84
C LYS N 59 5.70 17.92 25.63
N ASP N 60 5.35 16.67 25.94
CA ASP N 60 4.00 16.10 25.67
C ASP N 60 3.03 16.47 26.81
N TRP N 61 3.48 17.30 27.77
CA TRP N 61 2.68 17.83 28.91
C TRP N 61 2.58 16.81 30.04
N SER N 62 3.09 15.59 29.87
CA SER N 62 3.06 14.57 30.93
C SER N 62 4.05 14.96 32.04
N PHE N 63 3.74 14.58 33.28
CA PHE N 63 4.42 15.04 34.51
C PHE N 63 5.58 14.10 34.89
N TYR N 64 6.52 14.61 35.69
CA TYR N 64 7.61 13.79 36.25
C TYR N 64 7.96 14.30 37.65
N LEU N 65 8.30 13.36 38.54
CA LEU N 65 8.79 13.63 39.91
C LEU N 65 9.92 12.67 40.25
N LEU N 66 10.87 13.12 41.06
CA LEU N 66 11.89 12.28 41.67
C LEU N 66 11.63 12.23 43.17
N TYR N 67 11.51 11.02 43.74
CA TYR N 67 11.46 10.77 45.18
C TYR N 67 12.77 10.16 45.58
N TYR N 68 13.38 10.62 46.68
CA TYR N 68 14.73 10.13 47.05
C TYR N 68 14.88 10.13 48.56
N THR N 69 15.69 9.22 49.04
CA THR N 69 15.98 9.04 50.48
C THR N 69 17.40 8.54 50.63
N GLU N 70 18.09 8.95 51.67
CA GLU N 70 19.39 8.37 52.10
C GLU N 70 19.16 6.92 52.51
N PHE N 71 19.97 6.03 52.01
CA PHE N 71 20.00 4.60 52.43
C PHE N 71 21.41 4.04 52.26
N THR N 72 21.65 2.92 52.96
CA THR N 72 22.86 2.09 52.87
C THR N 72 22.45 0.72 52.35
N PRO N 73 22.70 0.39 51.08
CA PRO N 73 22.38 -0.93 50.57
C PRO N 73 23.15 -2.00 51.33
N THR N 74 22.51 -3.12 51.62
CA THR N 74 23.13 -4.37 52.13
C THR N 74 22.79 -5.49 51.15
N GLU N 75 23.23 -6.72 51.41
CA GLU N 75 22.96 -7.86 50.52
C GLU N 75 21.53 -8.36 50.75
N LYS N 76 20.99 -8.17 51.96
CA LYS N 76 19.73 -8.81 52.43
C LYS N 76 18.49 -7.90 52.24
N ASP N 77 18.63 -6.60 52.46
CA ASP N 77 17.51 -5.63 52.53
C ASP N 77 16.93 -5.42 51.12
N GLU N 78 15.60 -5.45 51.01
CA GLU N 78 14.82 -5.25 49.75
C GLU N 78 14.23 -3.83 49.76
N TYR N 79 14.50 -3.08 48.73
CA TYR N 79 13.98 -1.72 48.55
C TYR N 79 13.03 -1.73 47.36
N ALA N 80 12.01 -0.89 47.43
CA ALA N 80 10.97 -0.86 46.40
C ALA N 80 10.31 0.52 46.37
N CYS N 81 9.63 0.79 45.28
CA CYS N 81 8.83 2.00 45.09
C CYS N 81 7.39 1.54 44.90
N ARG N 82 6.49 2.06 45.73
N ARG N 82 6.46 2.00 45.75
CA ARG N 82 5.03 1.82 45.64
CA ARG N 82 4.99 1.77 45.61
C ARG N 82 4.40 3.06 45.00
C ARG N 82 4.35 3.02 45.03
N VAL N 83 3.73 2.90 43.87
CA VAL N 83 3.11 4.03 43.14
C VAL N 83 1.61 3.79 43.03
N ASN N 84 0.83 4.81 43.32
CA ASN N 84 -0.65 4.79 43.12
C ASN N 84 -1.03 6.01 42.27
N HIS N 85 -1.99 5.79 41.38
CA HIS N 85 -2.41 6.76 40.34
C HIS N 85 -3.77 6.29 39.81
N VAL N 86 -4.59 7.22 39.34
CA VAL N 86 -5.98 6.89 38.95
C VAL N 86 -5.98 5.83 37.85
N THR N 87 -4.91 5.72 37.05
CA THR N 87 -4.81 4.77 35.91
C THR N 87 -4.65 3.34 36.38
N LEU N 88 -4.33 3.11 37.66
CA LEU N 88 -3.88 1.79 38.18
C LEU N 88 -4.98 1.15 39.01
N SER N 89 -5.40 -0.05 38.63
CA SER N 89 -6.41 -0.85 39.36
C SER N 89 -5.99 -1.02 40.82
N GLN N 90 -4.68 -0.93 41.08
CA GLN N 90 -4.13 -1.03 42.43
C GLN N 90 -2.69 -0.59 42.42
N PRO N 91 -2.08 -0.37 43.60
CA PRO N 91 -0.72 0.16 43.64
C PRO N 91 0.29 -0.78 42.95
N LYS N 92 1.27 -0.19 42.27
CA LYS N 92 2.33 -0.92 41.55
C LYS N 92 3.59 -0.84 42.41
N ILE N 93 4.12 -1.99 42.79
CA ILE N 93 5.38 -2.12 43.54
C ILE N 93 6.50 -2.47 42.54
N VAL N 94 7.51 -1.64 42.40
CA VAL N 94 8.73 -1.96 41.60
C VAL N 94 9.92 -2.09 42.57
N LYS N 95 10.50 -3.30 42.66
CA LYS N 95 11.73 -3.60 43.43
C LYS N 95 12.92 -2.85 42.82
N TRP N 96 13.80 -2.34 43.69
CA TRP N 96 15.15 -1.88 43.31
C TRP N 96 16.01 -3.04 42.82
N ASP N 97 16.51 -2.93 41.59
CA ASP N 97 17.59 -3.81 41.03
C ASP N 97 18.86 -2.94 40.91
N ARG N 98 19.95 -3.36 41.54
CA ARG N 98 21.21 -2.57 41.57
C ARG N 98 21.76 -2.31 40.16
N ASP N 99 21.51 -3.18 39.17
CA ASP N 99 22.00 -2.94 37.79
C ASP N 99 20.86 -2.49 36.87
N MET N 100 19.93 -1.64 37.36
CA MET N 100 18.90 -1.00 36.50
C MET N 100 18.65 0.46 36.90
N ASN O 1 13.73 35.27 36.02
CA ASN O 1 12.88 36.49 36.09
C ASN O 1 11.54 36.18 35.38
N LEU O 2 10.47 36.08 36.15
CA LEU O 2 9.07 35.91 35.66
C LEU O 2 8.67 37.15 34.86
N SER O 3 7.76 36.99 33.90
CA SER O 3 7.07 38.07 33.17
C SER O 3 6.08 38.78 34.11
N ALA O 4 6.07 40.10 34.08
CA ALA O 4 5.09 40.96 34.83
C ALA O 4 3.91 41.28 33.92
N LEU O 5 3.77 40.55 32.80
CA LEU O 5 2.88 40.94 31.67
C LEU O 5 2.61 39.75 30.76
N GLY O 6 1.58 39.85 29.92
CA GLY O 6 1.13 38.77 29.00
C GLY O 6 0.50 37.59 29.73
N ILE O 7 0.22 37.76 31.02
CA ILE O 7 -0.45 36.75 31.90
C ILE O 7 -1.89 37.23 32.12
N PHE O 8 -2.72 37.00 31.10
CA PHE O 8 -4.13 37.44 30.99
C PHE O 8 -4.96 36.16 31.10
N SER O 9 -6.03 36.20 31.90
CA SER O 9 -7.01 35.09 32.09
C SER O 9 -7.49 34.60 30.73
N THR O 10 -7.71 33.28 30.62
CA THR O 10 -8.39 32.62 29.48
C THR O 10 -9.81 33.16 29.35
#